data_6N0X
#
_entry.id   6N0X
#
_cell.length_a   79.600
_cell.length_b   135.630
_cell.length_c   105.700
_cell.angle_alpha   90.00
_cell.angle_beta   97.72
_cell.angle_gamma   90.00
#
_symmetry.space_group_name_H-M   'P 1 21 1'
#
loop_
_entity.id
_entity.type
_entity.pdbx_description
1 polymer 'Diphosphomevalonate decarboxylase'
2 non-polymer '(3R)-3-HYDROXY-3-METHYL-5-(PHOSPHONOOXY)PENTANOIC ACID'
3 water water
#
_entity_poly.entity_id   1
_entity_poly.type   'polypeptide(L)'
_entity_poly.pdbx_seq_one_letter_code
;GSHGMGQATAIAHPNIAFIKYWGNRDAVLRIPENGSISMNLAELTVKTTVIFEKHSREDTLILNGALADEPALKRVSHFL
DRVREFAGISWHAHVISENNFPTGAGIASSAAAFAALALAATSAIGLHLSERDLSRLARKGSGSACRSIPGGFVEWIPGE
TDEDSYAVSIAPPEHWALTDCIAILSTQHKPIGSTQGHALASTSPLQPARVADTPRRLEIVRRAILERDFLSLAEMIEHD
SNLMHAVMMTSTPPLFYWEPVSLVIMKSVREWRESGLPCAYTLDAGPNVHVICPSEYAEEVIFRLTSIPGVQTVLKASAG
DSAKLIEQSL
;
_entity_poly.pdbx_strand_id   A,B,C,D,E,F
#
# COMPACT_ATOMS: atom_id res chain seq x y z
N GLY A 4 -11.34 27.53 -47.77
CA GLY A 4 -12.39 26.82 -47.02
C GLY A 4 -12.26 25.33 -47.26
N MET A 5 -11.54 24.60 -46.46
CA MET A 5 -11.24 23.16 -46.67
C MET A 5 -12.17 22.26 -45.87
N GLY A 6 -13.15 22.79 -45.19
CA GLY A 6 -14.07 21.96 -44.41
C GLY A 6 -14.45 22.74 -43.17
N GLN A 7 -15.69 22.70 -42.84
CA GLN A 7 -16.18 23.45 -41.68
C GLN A 7 -17.27 22.65 -40.99
N ALA A 8 -17.37 22.84 -39.71
CA ALA A 8 -18.43 22.23 -38.95
C ALA A 8 -18.63 23.05 -37.69
N THR A 9 -19.82 22.91 -37.14
CA THR A 9 -20.20 23.59 -35.92
C THR A 9 -20.73 22.55 -34.97
N ALA A 10 -20.28 22.62 -33.73
CA ALA A 10 -20.77 21.73 -32.70
C ALA A 10 -21.11 22.50 -31.45
N ILE A 11 -21.94 21.88 -30.64
CA ILE A 11 -22.31 22.42 -29.35
C ILE A 11 -22.02 21.36 -28.31
N ALA A 12 -21.69 21.82 -27.13
CA ALA A 12 -21.49 20.91 -26.00
C ALA A 12 -21.79 21.68 -24.74
N HIS A 13 -22.08 20.94 -23.70
CA HIS A 13 -22.43 21.48 -22.43
C HIS A 13 -21.32 21.23 -21.45
N PRO A 14 -21.18 22.07 -20.44
CA PRO A 14 -20.31 21.76 -19.33
C PRO A 14 -21.00 20.69 -18.49
N ASN A 15 -20.27 20.20 -17.53
CA ASN A 15 -20.77 19.11 -16.72
C ASN A 15 -20.33 19.32 -15.29
N ILE A 16 -21.11 18.76 -14.40
CA ILE A 16 -20.85 18.80 -12.97
C ILE A 16 -20.53 17.39 -12.51
N ALA A 17 -19.36 17.24 -11.93
CA ALA A 17 -18.89 15.93 -11.51
C ALA A 17 -19.51 15.55 -10.18
N PHE A 18 -20.16 14.40 -10.17
CA PHE A 18 -20.60 13.80 -8.94
C PHE A 18 -19.46 13.05 -8.27
N ILE A 19 -18.63 12.36 -9.05
CA ILE A 19 -17.37 11.79 -8.61
C ILE A 19 -16.29 12.56 -9.34
N LYS A 20 -15.34 13.11 -8.60
CA LYS A 20 -14.45 14.12 -9.14
C LYS A 20 -13.23 13.51 -9.81
N TYR A 21 -12.80 14.19 -10.86
CA TYR A 21 -11.48 14.02 -11.43
C TYR A 21 -10.52 14.95 -10.72
N TRP A 22 -9.49 14.40 -10.13
CA TRP A 22 -8.50 15.26 -9.50
C TRP A 22 -7.19 14.47 -9.47
N GLY A 23 -6.22 14.97 -10.22
CA GLY A 23 -4.92 14.34 -10.28
C GLY A 23 -4.82 13.53 -11.55
N ASN A 24 -3.67 13.57 -12.20
CA ASN A 24 -3.46 12.86 -13.44
C ASN A 24 -2.44 11.76 -13.23
N ARG A 25 -2.71 10.62 -13.84
CA ARG A 25 -1.68 9.61 -14.08
C ARG A 25 -0.69 10.10 -15.14
N ASP A 26 -1.18 10.76 -16.17
CA ASP A 26 -0.35 11.32 -17.24
C ASP A 26 -0.87 12.71 -17.50
N ALA A 27 -0.09 13.71 -17.10
CA ALA A 27 -0.56 15.08 -17.22
C ALA A 27 -0.67 15.50 -18.67
N VAL A 28 0.26 15.08 -19.52
CA VAL A 28 0.25 15.54 -20.89
C VAL A 28 -0.96 14.99 -21.62
N LEU A 29 -1.28 13.72 -21.40
CA LEU A 29 -2.41 13.10 -22.05
C LEU A 29 -3.71 13.25 -21.26
N ARG A 30 -3.64 13.82 -20.07
CA ARG A 30 -4.80 14.00 -19.21
C ARG A 30 -5.48 12.65 -19.00
N ILE A 31 -4.66 11.65 -18.73
CA ILE A 31 -5.12 10.38 -18.21
C ILE A 31 -5.24 10.54 -16.69
N PRO A 32 -6.43 10.44 -16.13
CA PRO A 32 -6.65 10.79 -14.73
C PRO A 32 -6.22 9.65 -13.83
N GLU A 33 -5.94 9.99 -12.57
CA GLU A 33 -5.62 8.95 -11.61
C GLU A 33 -6.84 8.11 -11.30
N ASN A 34 -8.01 8.69 -11.42
CA ASN A 34 -9.22 8.00 -11.07
C ASN A 34 -10.35 8.34 -12.02
N GLY A 35 -11.35 7.52 -12.01
CA GLY A 35 -12.53 7.73 -12.82
C GLY A 35 -13.43 8.74 -12.21
N SER A 36 -14.40 9.18 -12.99
CA SER A 36 -15.27 10.23 -12.52
C SER A 36 -16.60 10.08 -13.21
N ILE A 37 -17.61 10.73 -12.64
CA ILE A 37 -18.95 10.66 -13.17
C ILE A 37 -19.50 12.06 -13.09
N SER A 38 -20.20 12.48 -14.14
CA SER A 38 -20.72 13.82 -14.16
C SER A 38 -22.07 13.85 -14.86
N MET A 39 -22.74 14.97 -14.72
CA MET A 39 -23.98 15.22 -15.44
C MET A 39 -23.75 16.46 -16.30
N ASN A 40 -24.09 16.37 -17.57
CA ASN A 40 -24.05 17.53 -18.43
C ASN A 40 -25.14 18.51 -18.03
N LEU A 41 -24.84 19.77 -18.22
CA LEU A 41 -25.73 20.87 -17.85
C LEU A 41 -26.38 21.45 -19.11
N ALA A 42 -27.68 21.19 -19.26
CA ALA A 42 -28.36 21.49 -20.52
C ALA A 42 -28.32 22.97 -20.85
N GLU A 43 -28.50 23.82 -19.86
CA GLU A 43 -28.75 25.25 -20.12
C GLU A 43 -27.49 26.05 -20.37
N LEU A 44 -26.32 25.45 -20.30
CA LEU A 44 -25.08 26.11 -20.62
C LEU A 44 -24.50 25.40 -21.83
N THR A 45 -24.06 26.17 -22.80
CA THR A 45 -23.58 25.64 -24.06
C THR A 45 -22.40 26.44 -24.56
N VAL A 46 -21.42 25.73 -25.08
CA VAL A 46 -20.41 26.29 -25.96
C VAL A 46 -20.75 25.83 -27.36
N LYS A 47 -20.77 26.77 -28.31
CA LYS A 47 -21.01 26.50 -29.71
C LYS A 47 -19.73 26.89 -30.40
N THR A 48 -19.16 25.98 -31.16
CA THR A 48 -17.89 26.23 -31.78
C THR A 48 -17.95 25.81 -33.23
N THR A 49 -17.50 26.73 -34.09
CA THR A 49 -17.36 26.47 -35.51
C THR A 49 -15.89 26.41 -35.81
N VAL A 50 -15.49 25.40 -36.58
CA VAL A 50 -14.12 25.24 -37.03
C VAL A 50 -14.16 25.31 -38.53
N ILE A 51 -13.37 26.21 -39.11
CA ILE A 51 -13.24 26.35 -40.55
C ILE A 51 -11.78 26.17 -40.88
N PHE A 52 -11.45 25.08 -41.55
CA PHE A 52 -10.08 24.88 -41.98
C PHE A 52 -9.85 25.70 -43.23
N GLU A 53 -8.74 26.40 -43.29
CA GLU A 53 -8.52 27.38 -44.35
C GLU A 53 -7.21 27.05 -45.03
N LYS A 54 -7.22 26.96 -46.32
CA LYS A 54 -5.98 26.72 -47.07
C LYS A 54 -4.98 27.85 -46.82
N HIS A 55 -5.43 29.07 -46.67
CA HIS A 55 -4.51 30.19 -46.58
C HIS A 55 -4.04 30.50 -45.17
N SER A 56 -4.59 29.85 -44.14
CA SER A 56 -4.14 30.13 -42.78
C SER A 56 -2.78 29.49 -42.52
N ARG A 57 -1.85 30.29 -42.01
CA ARG A 57 -0.56 29.81 -41.57
C ARG A 57 -0.58 29.34 -40.12
N GLU A 58 -1.55 29.81 -39.35
CA GLU A 58 -1.67 29.50 -37.94
C GLU A 58 -3.17 29.46 -37.66
N ASP A 59 -3.55 28.85 -36.55
CA ASP A 59 -4.95 28.89 -36.22
C ASP A 59 -5.32 30.25 -35.63
N THR A 60 -6.59 30.59 -35.74
CA THR A 60 -7.13 31.77 -35.08
C THR A 60 -8.31 31.35 -34.24
N LEU A 61 -8.40 31.87 -33.01
CA LEU A 61 -9.50 31.57 -32.12
C LEU A 61 -10.23 32.86 -31.79
N ILE A 62 -11.52 32.87 -32.06
CA ILE A 62 -12.40 33.98 -31.73
C ILE A 62 -13.34 33.46 -30.65
N LEU A 63 -13.45 34.20 -29.56
CA LEU A 63 -14.30 33.84 -28.42
C LEU A 63 -15.32 34.96 -28.26
N ASN A 64 -16.59 34.63 -28.45
CA ASN A 64 -17.66 35.62 -28.29
C ASN A 64 -17.36 36.88 -29.11
N GLY A 65 -16.87 36.68 -30.33
CA GLY A 65 -16.63 37.77 -31.27
C GLY A 65 -15.32 38.49 -31.10
N ALA A 66 -14.50 38.12 -30.13
CA ALA A 66 -13.22 38.75 -29.87
C ALA A 66 -12.09 37.74 -29.96
N LEU A 67 -10.94 38.21 -30.43
CA LEU A 67 -9.75 37.39 -30.49
C LEU A 67 -9.43 36.84 -29.10
N ALA A 68 -9.16 35.55 -29.04
CA ALA A 68 -8.80 34.95 -27.78
C ALA A 68 -7.45 35.46 -27.29
N ASP A 69 -7.28 35.42 -25.97
CA ASP A 69 -5.96 35.54 -25.36
C ASP A 69 -4.98 34.55 -25.97
N GLU A 70 -3.69 34.88 -25.91
CA GLU A 70 -2.68 33.96 -26.45
C GLU A 70 -2.70 32.60 -25.76
N PRO A 71 -2.80 32.49 -24.43
CA PRO A 71 -2.83 31.14 -23.84
C PRO A 71 -3.98 30.30 -24.36
N ALA A 72 -5.16 30.90 -24.55
CA ALA A 72 -6.29 30.13 -25.05
C ALA A 72 -6.05 29.68 -26.48
N LEU A 73 -5.49 30.56 -27.33
CA LEU A 73 -5.15 30.15 -28.68
C LEU A 73 -4.13 29.02 -28.68
N LYS A 74 -3.12 29.12 -27.83
CA LYS A 74 -2.10 28.09 -27.80
C LYS A 74 -2.72 26.74 -27.42
N ARG A 75 -3.63 26.74 -26.44
CA ARG A 75 -4.29 25.49 -26.07
C ARG A 75 -5.07 24.93 -27.25
N VAL A 76 -5.84 25.79 -27.91
CA VAL A 76 -6.65 25.33 -29.02
C VAL A 76 -5.76 24.86 -30.15
N SER A 77 -4.68 25.59 -30.43
CA SER A 77 -3.83 25.20 -31.55
C SER A 77 -3.11 23.88 -31.26
N HIS A 78 -2.65 23.69 -30.02
CA HIS A 78 -2.10 22.39 -29.62
C HIS A 78 -3.13 21.29 -29.80
N PHE A 79 -4.39 21.57 -29.43
CA PHE A 79 -5.44 20.58 -29.63
C PHE A 79 -5.65 20.32 -31.11
N LEU A 80 -5.71 21.37 -31.93
CA LEU A 80 -5.91 21.18 -33.36
C LEU A 80 -4.74 20.45 -33.99
N ASP A 81 -3.54 20.58 -33.42
CA ASP A 81 -2.41 19.79 -33.89
C ASP A 81 -2.70 18.31 -33.73
N ARG A 82 -3.39 17.93 -32.64
CA ARG A 82 -3.75 16.53 -32.48
C ARG A 82 -4.76 16.10 -33.53
N VAL A 83 -5.69 16.98 -33.88
CA VAL A 83 -6.65 16.65 -34.92
C VAL A 83 -5.94 16.52 -36.25
N ARG A 84 -5.07 17.49 -36.54
CA ARG A 84 -4.29 17.45 -37.77
C ARG A 84 -3.49 16.16 -37.87
N GLU A 85 -2.80 15.81 -36.79
CA GLU A 85 -2.04 14.56 -36.79
C GLU A 85 -2.96 13.36 -37.00
N PHE A 86 -4.03 13.27 -36.20
CA PHE A 86 -4.98 12.17 -36.32
C PHE A 86 -5.50 12.04 -37.73
N ALA A 87 -5.78 13.17 -38.39
CA ALA A 87 -6.36 13.16 -39.72
C ALA A 87 -5.31 13.11 -40.81
N GLY A 88 -4.05 13.36 -40.47
CA GLY A 88 -3.03 13.44 -41.49
C GLY A 88 -3.20 14.62 -42.41
N ILE A 89 -3.75 15.71 -41.90
CA ILE A 89 -4.06 16.90 -42.70
C ILE A 89 -3.39 18.10 -42.03
N SER A 90 -2.95 19.04 -42.88
CA SER A 90 -2.06 20.13 -42.51
C SER A 90 -2.79 21.41 -42.16
N TRP A 91 -4.06 21.54 -42.56
CA TRP A 91 -4.71 22.83 -42.59
C TRP A 91 -4.81 23.43 -41.20
N HIS A 92 -4.55 24.73 -41.12
CA HIS A 92 -4.88 25.49 -39.94
C HIS A 92 -6.29 26.02 -40.07
N ALA A 93 -6.83 26.47 -38.95
CA ALA A 93 -8.26 26.69 -38.89
C ALA A 93 -8.58 28.01 -38.22
N HIS A 94 -9.72 28.55 -38.61
CA HIS A 94 -10.41 29.57 -37.85
C HIS A 94 -11.39 28.88 -36.93
N VAL A 95 -11.30 29.21 -35.65
CA VAL A 95 -12.17 28.63 -34.64
C VAL A 95 -12.96 29.78 -34.05
N ILE A 96 -14.27 29.70 -34.19
CA ILE A 96 -15.17 30.74 -33.72
C ILE A 96 -16.05 30.11 -32.68
N SER A 97 -15.97 30.60 -31.47
CA SER A 97 -16.70 29.95 -30.40
C SER A 97 -17.54 30.99 -29.68
N GLU A 98 -18.71 30.57 -29.26
CA GLU A 98 -19.62 31.39 -28.48
C GLU A 98 -20.08 30.54 -27.31
N ASN A 99 -20.39 31.20 -26.21
CA ASN A 99 -21.04 30.46 -25.13
C ASN A 99 -21.98 31.40 -24.42
N ASN A 100 -22.92 30.81 -23.68
CA ASN A 100 -23.93 31.53 -22.93
C ASN A 100 -23.69 31.45 -21.43
N PHE A 101 -22.45 31.30 -21.01
CA PHE A 101 -22.17 31.21 -19.60
C PHE A 101 -22.32 32.61 -18.99
N PRO A 102 -22.94 32.74 -17.82
CA PRO A 102 -23.03 34.06 -17.20
C PRO A 102 -21.65 34.65 -16.96
N THR A 103 -21.48 35.90 -17.34
CA THR A 103 -20.19 36.56 -17.20
C THR A 103 -19.75 36.58 -15.74
N GLY A 104 -18.47 36.33 -15.51
CA GLY A 104 -17.88 36.42 -14.19
C GLY A 104 -18.40 35.43 -13.17
N ALA A 105 -19.26 34.51 -13.58
CA ALA A 105 -19.81 33.54 -12.64
C ALA A 105 -18.81 32.48 -12.20
N GLY A 106 -17.66 32.38 -12.88
CA GLY A 106 -16.71 31.35 -12.52
C GLY A 106 -17.13 29.94 -12.90
N ILE A 107 -18.00 29.80 -13.89
CA ILE A 107 -18.38 28.48 -14.39
C ILE A 107 -17.38 28.10 -15.47
N ALA A 108 -16.62 27.02 -15.20
CA ALA A 108 -15.57 26.62 -16.12
C ALA A 108 -16.17 26.17 -17.44
N SER A 109 -15.57 26.68 -18.53
CA SER A 109 -16.03 26.42 -19.88
C SER A 109 -15.22 25.36 -20.59
N SER A 110 -14.14 24.87 -19.98
CA SER A 110 -13.16 24.15 -20.79
C SER A 110 -13.69 22.76 -21.18
N ALA A 111 -14.48 22.11 -20.34
CA ALA A 111 -15.02 20.82 -20.76
C ALA A 111 -15.95 21.00 -21.94
N ALA A 112 -16.88 21.94 -21.84
CA ALA A 112 -17.76 22.18 -22.95
C ALA A 112 -16.97 22.61 -24.18
N ALA A 113 -15.97 23.48 -23.97
CA ALA A 113 -15.25 24.05 -25.10
C ALA A 113 -14.50 22.97 -25.87
N PHE A 114 -13.80 22.10 -25.15
CA PHE A 114 -13.01 21.10 -25.86
C PHE A 114 -13.85 19.97 -26.38
N ALA A 115 -15.00 19.69 -25.75
CA ALA A 115 -15.92 18.73 -26.33
C ALA A 115 -16.45 19.27 -27.65
N ALA A 116 -16.91 20.52 -27.64
CA ALA A 116 -17.40 21.09 -28.88
C ALA A 116 -16.29 21.17 -29.92
N LEU A 117 -15.10 21.55 -29.51
CA LEU A 117 -13.99 21.65 -30.44
C LEU A 117 -13.61 20.28 -31.01
N ALA A 118 -13.62 19.25 -30.17
CA ALA A 118 -13.28 17.93 -30.66
C ALA A 118 -14.25 17.52 -31.75
N LEU A 119 -15.51 17.78 -31.54
CA LEU A 119 -16.51 17.36 -32.51
C LEU A 119 -16.51 18.25 -33.75
N ALA A 120 -16.50 19.56 -33.56
CA ALA A 120 -16.48 20.47 -34.72
C ALA A 120 -15.22 20.25 -35.55
N ALA A 121 -14.06 20.17 -34.90
CA ALA A 121 -12.83 20.10 -35.65
C ALA A 121 -12.71 18.80 -36.42
N THR A 122 -13.06 17.68 -35.79
CA THR A 122 -12.92 16.43 -36.51
C THR A 122 -13.94 16.36 -37.63
N SER A 123 -15.15 16.83 -37.38
CA SER A 123 -16.17 16.85 -38.43
C SER A 123 -15.72 17.74 -39.57
N ALA A 124 -15.20 18.93 -39.24
CA ALA A 124 -14.82 19.86 -40.29
C ALA A 124 -13.71 19.29 -41.15
N ILE A 125 -12.84 18.47 -40.57
CA ILE A 125 -11.66 17.96 -41.27
C ILE A 125 -11.97 16.67 -41.99
N GLY A 126 -13.22 16.20 -41.95
CA GLY A 126 -13.66 15.07 -42.72
C GLY A 126 -13.78 13.76 -41.96
N LEU A 127 -13.65 13.78 -40.65
CA LEU A 127 -13.66 12.55 -39.88
C LEU A 127 -15.06 12.26 -39.33
N HIS A 128 -15.29 10.99 -39.02
CA HIS A 128 -16.57 10.56 -38.44
C HIS A 128 -16.21 9.68 -37.24
N LEU A 129 -15.80 10.33 -36.16
CA LEU A 129 -15.31 9.59 -35.02
C LEU A 129 -16.46 9.01 -34.24
N SER A 130 -16.21 7.85 -33.62
CA SER A 130 -17.13 7.30 -32.67
C SER A 130 -17.16 8.22 -31.44
N GLU A 131 -18.19 8.06 -30.63
CA GLU A 131 -18.21 8.80 -29.39
C GLU A 131 -16.96 8.50 -28.58
N ARG A 132 -16.54 7.24 -28.55
CA ARG A 132 -15.37 6.89 -27.77
C ARG A 132 -14.18 7.72 -28.22
N ASP A 133 -13.93 7.76 -29.53
CA ASP A 133 -12.78 8.48 -30.04
C ASP A 133 -12.93 9.97 -29.85
N LEU A 134 -14.17 10.50 -29.95
CA LEU A 134 -14.37 11.91 -29.68
C LEU A 134 -14.03 12.22 -28.24
N SER A 135 -14.45 11.36 -27.33
CA SER A 135 -14.18 11.57 -25.94
C SER A 135 -12.69 11.52 -25.67
N ARG A 136 -12.02 10.50 -26.22
CA ARG A 136 -10.59 10.38 -26.06
C ARG A 136 -9.91 11.64 -26.54
N LEU A 137 -10.39 12.20 -27.66
CA LEU A 137 -9.76 13.38 -28.21
C LEU A 137 -10.03 14.57 -27.32
N ALA A 138 -11.29 14.77 -26.95
CA ALA A 138 -11.66 15.90 -26.10
C ALA A 138 -10.86 15.88 -24.81
N ARG A 139 -10.62 14.67 -24.28
CA ARG A 139 -9.89 14.53 -23.04
C ARG A 139 -8.55 15.25 -23.07
N LYS A 140 -7.88 15.22 -24.22
CA LYS A 140 -6.54 15.80 -24.33
C LYS A 140 -6.59 17.31 -24.41
N GLY A 141 -7.76 17.87 -24.63
CA GLY A 141 -7.91 19.30 -24.51
C GLY A 141 -8.10 19.71 -23.07
N SER A 142 -9.04 19.05 -22.39
CA SER A 142 -9.26 19.25 -20.97
C SER A 142 -9.87 17.94 -20.52
N GLY A 143 -9.33 17.37 -19.44
CA GLY A 143 -9.78 16.03 -19.09
C GLY A 143 -11.28 15.92 -19.01
N SER A 144 -11.90 16.83 -18.28
CA SER A 144 -13.34 16.74 -18.07
C SER A 144 -14.13 16.98 -19.35
N ALA A 145 -13.50 17.52 -20.40
CA ALA A 145 -14.19 17.63 -21.66
C ALA A 145 -14.56 16.26 -22.21
N CYS A 146 -13.82 15.22 -21.84
CA CYS A 146 -14.19 13.90 -22.34
C CYS A 146 -15.58 13.50 -21.86
N ARG A 147 -16.03 14.11 -20.76
CA ARG A 147 -17.32 13.78 -20.19
C ARG A 147 -18.46 14.59 -20.77
N SER A 148 -18.12 15.63 -21.50
CA SER A 148 -19.13 16.41 -22.19
C SER A 148 -19.40 15.90 -23.58
N ILE A 149 -18.66 14.91 -24.04
CA ILE A 149 -18.89 14.35 -25.37
C ILE A 149 -20.14 13.47 -25.27
N PRO A 150 -20.21 12.48 -24.39
CA PRO A 150 -21.44 11.74 -24.24
C PRO A 150 -22.48 12.58 -23.53
N GLY A 151 -23.69 12.05 -23.52
CA GLY A 151 -24.81 12.81 -23.02
C GLY A 151 -25.29 12.36 -21.65
N GLY A 152 -25.98 13.26 -20.97
CA GLY A 152 -26.67 12.93 -19.77
C GLY A 152 -25.71 12.75 -18.62
N PHE A 153 -25.81 11.58 -18.03
CA PHE A 153 -24.97 11.17 -16.93
C PHE A 153 -23.86 10.35 -17.53
N VAL A 154 -22.63 10.71 -17.18
CA VAL A 154 -21.48 10.27 -17.94
C VAL A 154 -20.42 9.77 -16.98
N GLU A 155 -19.78 8.69 -17.34
CA GLU A 155 -18.67 8.15 -16.57
C GLU A 155 -17.41 8.17 -17.40
N TRP A 156 -16.36 8.75 -16.84
CA TRP A 156 -15.03 8.72 -17.42
C TRP A 156 -14.32 7.50 -16.87
N ILE A 157 -14.02 6.58 -17.78
CA ILE A 157 -13.23 5.37 -17.54
C ILE A 157 -11.81 5.88 -17.52
N PRO A 158 -11.10 5.77 -16.40
CA PRO A 158 -9.84 6.50 -16.28
C PRO A 158 -8.74 5.92 -17.16
N GLY A 159 -8.61 4.60 -17.14
CA GLY A 159 -7.62 3.94 -17.96
C GLY A 159 -6.21 4.25 -17.57
N GLU A 160 -5.29 3.68 -18.32
CA GLU A 160 -3.87 3.88 -18.10
C GLU A 160 -3.18 4.24 -19.39
N THR A 161 -3.93 4.35 -20.48
CA THR A 161 -3.35 4.67 -21.76
C THR A 161 -4.27 5.67 -22.44
N ASP A 162 -3.73 6.28 -23.48
CA ASP A 162 -4.50 7.23 -24.22
C ASP A 162 -5.74 6.58 -24.82
N GLU A 163 -5.62 5.36 -25.31
CA GLU A 163 -6.79 4.74 -25.89
C GLU A 163 -7.80 4.34 -24.84
N ASP A 164 -7.35 4.11 -23.63
CA ASP A 164 -8.24 3.56 -22.62
C ASP A 164 -8.96 4.62 -21.80
N SER A 165 -8.65 5.88 -21.97
CA SER A 165 -9.21 6.90 -21.10
C SER A 165 -10.25 7.68 -21.88
N TYR A 166 -11.51 7.46 -21.53
CA TYR A 166 -12.59 8.11 -22.25
C TYR A 166 -13.85 7.93 -21.42
N ALA A 167 -14.91 8.59 -21.83
CA ALA A 167 -16.13 8.58 -21.08
C ALA A 167 -17.23 8.00 -21.94
N VAL A 168 -18.22 7.43 -21.27
CA VAL A 168 -19.43 6.90 -21.87
C VAL A 168 -20.62 7.43 -21.07
N SER A 169 -21.77 7.45 -21.73
CA SER A 169 -22.98 7.80 -21.01
C SER A 169 -23.42 6.63 -20.14
N ILE A 170 -23.61 6.91 -18.85
CA ILE A 170 -24.27 6.00 -17.93
C ILE A 170 -25.77 5.98 -18.17
N ALA A 171 -26.34 7.14 -18.45
CA ALA A 171 -27.78 7.22 -18.58
C ALA A 171 -28.09 8.50 -19.34
N PRO A 172 -29.07 8.48 -20.21
CA PRO A 172 -29.45 9.69 -20.90
C PRO A 172 -30.04 10.70 -19.93
N PRO A 173 -30.10 11.96 -20.33
CA PRO A 173 -30.58 12.97 -19.39
C PRO A 173 -31.96 12.68 -18.90
N GLU A 174 -32.83 12.11 -19.75
CA GLU A 174 -34.21 11.89 -19.36
C GLU A 174 -34.33 10.79 -18.32
N HIS A 175 -33.24 10.06 -18.06
CA HIS A 175 -33.36 8.95 -17.14
C HIS A 175 -33.68 9.43 -15.74
N TRP A 176 -33.24 10.63 -15.37
CA TRP A 176 -33.40 11.07 -13.99
C TRP A 176 -33.45 12.58 -13.97
N ALA A 177 -34.59 13.10 -13.55
CA ALA A 177 -34.77 14.54 -13.49
C ALA A 177 -34.03 15.03 -12.26
N LEU A 178 -32.76 15.36 -12.44
CA LEU A 178 -31.98 16.04 -11.43
C LEU A 178 -31.68 17.44 -11.93
N THR A 179 -31.67 18.37 -11.00
CA THR A 179 -31.26 19.73 -11.26
C THR A 179 -30.00 20.03 -10.49
N ASP A 180 -29.12 20.78 -11.13
CA ASP A 180 -27.99 21.41 -10.48
C ASP A 180 -28.33 22.87 -10.28
N CYS A 181 -28.51 23.26 -9.04
CA CYS A 181 -28.76 24.65 -8.65
C CYS A 181 -27.40 25.22 -8.28
N ILE A 182 -26.83 26.00 -9.18
CA ILE A 182 -25.47 26.48 -9.03
C ILE A 182 -25.50 27.82 -8.29
N ALA A 183 -24.98 27.80 -7.06
CA ALA A 183 -24.85 29.02 -6.29
C ALA A 183 -23.57 29.72 -6.70
N ILE A 184 -23.72 30.84 -7.40
CA ILE A 184 -22.59 31.62 -7.88
C ILE A 184 -22.25 32.62 -6.78
N LEU A 185 -21.04 32.56 -6.28
CA LEU A 185 -20.67 33.45 -5.19
C LEU A 185 -20.21 34.80 -5.74
N SER A 186 -20.63 35.88 -5.07
CA SER A 186 -20.31 37.21 -5.54
C SER A 186 -18.80 37.46 -5.52
N THR A 187 -18.12 36.92 -4.53
CA THR A 187 -16.67 37.14 -4.38
C THR A 187 -15.89 35.94 -4.91
N PRO A 191 -8.09 31.84 -7.63
CA PRO A 191 -8.76 30.79 -8.40
C PRO A 191 -7.74 29.99 -9.20
N ILE A 192 -6.80 29.36 -8.47
CA ILE A 192 -5.74 28.57 -9.10
C ILE A 192 -6.37 27.63 -10.11
N GLY A 193 -5.79 27.57 -11.31
CA GLY A 193 -6.34 26.75 -12.36
C GLY A 193 -6.23 25.26 -12.04
N SER A 194 -7.13 24.50 -12.68
CA SER A 194 -7.13 23.05 -12.56
C SER A 194 -5.77 22.47 -12.92
N THR A 195 -5.15 22.94 -14.00
CA THR A 195 -3.90 22.33 -14.47
C THR A 195 -2.86 22.29 -13.36
N GLN A 196 -2.66 23.42 -12.72
CA GLN A 196 -1.72 23.50 -11.59
C GLN A 196 -2.24 22.67 -10.41
N GLY A 197 -3.52 22.73 -10.21
CA GLY A 197 -4.08 22.03 -9.06
C GLY A 197 -3.92 20.52 -9.18
N HIS A 198 -4.26 19.97 -10.35
CA HIS A 198 -4.09 18.54 -10.53
C HIS A 198 -2.66 18.13 -10.25
N ALA A 199 -1.70 18.91 -10.76
CA ALA A 199 -0.31 18.53 -10.61
C ALA A 199 0.08 18.53 -9.15
N LEU A 200 -0.55 19.37 -8.35
CA LEU A 200 -0.22 19.43 -6.95
C LEU A 200 -0.84 18.31 -6.15
N ALA A 201 -1.81 17.59 -6.73
CA ALA A 201 -2.47 16.53 -5.98
C ALA A 201 -1.46 15.56 -5.43
N SER A 202 -0.38 15.32 -6.17
CA SER A 202 0.61 14.34 -5.74
C SER A 202 1.33 14.78 -4.47
N THR A 203 1.25 16.06 -4.11
CA THR A 203 1.90 16.49 -2.89
C THR A 203 1.06 16.22 -1.66
N SER A 204 -0.20 15.85 -1.82
CA SER A 204 -1.02 15.57 -0.66
C SER A 204 -0.78 14.16 -0.17
N PRO A 205 -0.55 13.98 1.13
CA PRO A 205 -0.43 12.63 1.67
C PRO A 205 -1.68 11.83 1.50
N LEU A 206 -2.80 12.46 1.20
CA LEU A 206 -4.08 11.78 1.18
C LEU A 206 -4.54 11.40 -0.22
N GLN A 207 -3.85 11.84 -1.23
CA GLN A 207 -4.29 11.63 -2.60
C GLN A 207 -4.27 10.13 -2.93
N PRO A 208 -3.21 9.38 -2.60
CA PRO A 208 -3.25 7.95 -2.97
C PRO A 208 -4.46 7.24 -2.41
N ALA A 209 -4.83 7.56 -1.18
CA ALA A 209 -5.95 6.88 -0.54
C ALA A 209 -7.26 7.31 -1.17
N ARG A 210 -7.36 8.60 -1.48
CA ARG A 210 -8.53 9.07 -2.21
C ARG A 210 -8.66 8.33 -3.52
N VAL A 211 -7.56 8.27 -4.26
CA VAL A 211 -7.57 7.64 -5.57
C VAL A 211 -7.94 6.17 -5.46
N ALA A 212 -7.31 5.45 -4.54
CA ALA A 212 -7.54 4.02 -4.43
C ALA A 212 -8.97 3.73 -4.03
N ASP A 213 -9.62 4.66 -3.33
CA ASP A 213 -10.99 4.49 -2.91
C ASP A 213 -12.00 4.84 -4.00
N THR A 214 -11.56 5.37 -5.14
CA THR A 214 -12.54 5.89 -6.08
C THR A 214 -13.49 4.83 -6.60
N PRO A 215 -13.07 3.59 -6.86
CA PRO A 215 -14.04 2.62 -7.38
C PRO A 215 -15.21 2.40 -6.45
N ARG A 216 -14.97 2.42 -5.14
CA ARG A 216 -16.05 2.31 -4.18
C ARG A 216 -17.06 3.42 -4.42
N ARG A 217 -16.55 4.62 -4.65
CA ARG A 217 -17.42 5.77 -4.78
C ARG A 217 -18.10 5.78 -6.14
N LEU A 218 -17.37 5.40 -7.17
CA LEU A 218 -17.97 5.34 -8.49
C LEU A 218 -19.06 4.30 -8.55
N GLU A 219 -18.84 3.16 -7.90
CA GLU A 219 -19.80 2.09 -7.97
C GLU A 219 -21.08 2.49 -7.26
N ILE A 220 -20.95 3.25 -6.18
CA ILE A 220 -22.12 3.76 -5.49
C ILE A 220 -22.87 4.75 -6.36
N VAL A 221 -22.16 5.69 -6.96
CA VAL A 221 -22.86 6.72 -7.73
C VAL A 221 -23.44 6.14 -9.00
N ARG A 222 -22.69 5.26 -9.67
CA ARG A 222 -23.20 4.62 -10.87
C ARG A 222 -24.51 3.89 -10.57
N ARG A 223 -24.51 3.07 -9.52
CA ARG A 223 -25.72 2.39 -9.10
C ARG A 223 -26.80 3.40 -8.72
N ALA A 224 -26.43 4.45 -7.98
CA ALA A 224 -27.44 5.41 -7.57
C ALA A 224 -28.11 6.04 -8.78
N ILE A 225 -27.32 6.35 -9.81
CA ILE A 225 -27.90 6.93 -11.02
C ILE A 225 -28.83 5.94 -11.69
N LEU A 226 -28.36 4.71 -11.86
CA LEU A 226 -29.17 3.70 -12.55
C LEU A 226 -30.44 3.42 -11.76
N GLU A 227 -30.38 3.47 -10.44
CA GLU A 227 -31.51 3.18 -9.58
C GLU A 227 -32.30 4.41 -9.19
N ARG A 228 -31.84 5.61 -9.57
CA ARG A 228 -32.50 6.84 -9.18
C ARG A 228 -32.63 6.93 -7.66
N ASP A 229 -31.53 6.63 -7.00
CA ASP A 229 -31.47 6.58 -5.53
C ASP A 229 -30.83 7.88 -5.08
N PHE A 230 -31.66 8.88 -4.79
CA PHE A 230 -31.09 10.20 -4.55
C PHE A 230 -30.28 10.24 -3.26
N LEU A 231 -30.75 9.61 -2.19
CA LEU A 231 -30.02 9.72 -0.95
C LEU A 231 -28.62 9.12 -1.07
N SER A 232 -28.50 7.96 -1.71
CA SER A 232 -27.17 7.40 -1.90
C SER A 232 -26.31 8.35 -2.73
N LEU A 233 -26.90 8.91 -3.79
CA LEU A 233 -26.16 9.87 -4.60
C LEU A 233 -25.75 11.06 -3.74
N ALA A 234 -26.70 11.59 -2.97
CA ALA A 234 -26.46 12.80 -2.22
C ALA A 234 -25.28 12.63 -1.28
N GLU A 235 -25.30 11.58 -0.50
CA GLU A 235 -24.25 11.40 0.49
C GLU A 235 -22.92 11.15 -0.18
N MET A 236 -22.92 10.46 -1.31
CA MET A 236 -21.65 10.20 -1.96
C MET A 236 -21.12 11.45 -2.66
N ILE A 237 -21.97 12.26 -3.28
CA ILE A 237 -21.40 13.42 -3.95
C ILE A 237 -20.78 14.36 -2.95
N GLU A 238 -21.40 14.50 -1.77
CA GLU A 238 -20.80 15.37 -0.78
C GLU A 238 -19.50 14.79 -0.27
N HIS A 239 -19.51 13.49 0.00
CA HIS A 239 -18.30 12.82 0.46
C HIS A 239 -17.20 12.96 -0.58
N ASP A 240 -17.54 12.72 -1.84
CA ASP A 240 -16.53 12.79 -2.89
C ASP A 240 -15.99 14.21 -3.06
N SER A 241 -16.88 15.20 -3.04
CA SER A 241 -16.44 16.58 -3.08
C SER A 241 -15.48 16.87 -1.94
N ASN A 242 -15.85 16.46 -0.74
CA ASN A 242 -14.98 16.71 0.39
C ASN A 242 -13.67 15.94 0.27
N LEU A 243 -13.68 14.75 -0.30
CA LEU A 243 -12.42 14.06 -0.49
C LEU A 243 -11.49 14.84 -1.40
N MET A 244 -12.03 15.37 -2.50
CA MET A 244 -11.19 16.12 -3.39
C MET A 244 -10.66 17.35 -2.70
N HIS A 245 -11.54 18.09 -2.03
CA HIS A 245 -11.10 19.30 -1.36
C HIS A 245 -10.14 18.98 -0.23
N ALA A 246 -10.32 17.82 0.43
CA ALA A 246 -9.34 17.36 1.41
C ALA A 246 -7.97 17.27 0.79
N VAL A 247 -7.88 16.67 -0.40
CA VAL A 247 -6.60 16.55 -1.08
C VAL A 247 -6.07 17.92 -1.46
N MET A 248 -6.96 18.78 -1.98
CA MET A 248 -6.54 20.12 -2.37
C MET A 248 -5.98 20.85 -1.18
N MET A 249 -6.69 20.80 -0.05
CA MET A 249 -6.30 21.56 1.13
C MET A 249 -5.08 20.98 1.83
N THR A 250 -4.73 19.74 1.49
CA THR A 250 -3.54 19.13 2.06
C THR A 250 -2.43 19.00 1.05
N SER A 251 -2.56 19.65 -0.10
CA SER A 251 -1.47 19.78 -1.04
C SER A 251 -0.44 20.79 -0.51
N THR A 252 0.72 20.82 -1.17
CA THR A 252 1.78 21.77 -0.86
C THR A 252 2.13 22.52 -2.13
N PRO A 253 1.82 23.81 -2.25
CA PRO A 253 1.07 24.60 -1.27
C PRO A 253 -0.40 24.20 -1.28
N PRO A 254 -1.11 24.42 -0.18
CA PRO A 254 -2.51 24.04 -0.15
C PRO A 254 -3.37 24.84 -1.12
N LEU A 255 -4.42 24.21 -1.58
CA LEU A 255 -5.40 24.83 -2.46
C LEU A 255 -6.70 24.90 -1.70
N PHE A 256 -7.01 26.09 -1.19
CA PHE A 256 -8.26 26.32 -0.49
C PHE A 256 -9.16 27.06 -1.45
N TYR A 257 -9.98 26.30 -2.16
CA TYR A 257 -10.90 26.91 -3.12
C TYR A 257 -12.16 27.41 -2.46
N TRP A 258 -12.48 26.91 -1.28
CA TRP A 258 -13.71 27.28 -0.62
C TRP A 258 -13.63 28.73 -0.20
N GLU A 259 -14.71 29.42 -0.34
CA GLU A 259 -14.86 30.70 0.32
C GLU A 259 -15.69 30.49 1.55
N PRO A 260 -15.66 31.45 2.47
CA PRO A 260 -16.54 31.35 3.62
C PRO A 260 -17.97 31.03 3.26
N VAL A 261 -18.51 31.68 2.22
CA VAL A 261 -19.89 31.44 1.86
C VAL A 261 -20.06 30.01 1.34
N SER A 262 -19.02 29.47 0.72
CA SER A 262 -19.10 28.08 0.30
C SER A 262 -19.46 27.20 1.49
N LEU A 263 -18.79 27.44 2.60
CA LEU A 263 -19.00 26.62 3.79
C LEU A 263 -20.38 26.86 4.35
N VAL A 264 -20.86 28.12 4.34
CA VAL A 264 -22.24 28.37 4.75
C VAL A 264 -23.19 27.51 3.95
N ILE A 265 -23.02 27.49 2.63
CA ILE A 265 -23.94 26.77 1.78
C ILE A 265 -23.84 25.28 2.04
N MET A 266 -22.61 24.76 2.12
CA MET A 266 -22.45 23.35 2.35
C MET A 266 -23.18 22.92 3.61
N LYS A 267 -22.99 23.67 4.68
CA LYS A 267 -23.65 23.30 5.93
C LYS A 267 -25.17 23.44 5.79
N SER A 268 -25.60 24.52 5.11
CA SER A 268 -27.03 24.73 4.92
C SER A 268 -27.63 23.58 4.14
N VAL A 269 -26.98 23.17 3.05
CA VAL A 269 -27.51 22.10 2.21
C VAL A 269 -27.67 20.83 3.00
N ARG A 270 -26.65 20.45 3.76
CA ARG A 270 -26.79 19.26 4.58
C ARG A 270 -27.96 19.38 5.54
N GLU A 271 -28.08 20.54 6.18
CA GLU A 271 -29.22 20.77 7.06
C GLU A 271 -30.53 20.62 6.30
N TRP A 272 -30.63 21.26 5.13
CA TRP A 272 -31.87 21.15 4.35
C TRP A 272 -32.22 19.69 4.08
N ARG A 273 -31.24 18.89 3.63
CA ARG A 273 -31.54 17.51 3.30
C ARG A 273 -31.97 16.77 4.55
N GLU A 274 -31.27 16.99 5.66
CA GLU A 274 -31.59 16.28 6.88
C GLU A 274 -32.97 16.66 7.41
N SER A 275 -33.42 17.83 7.07
CA SER A 275 -34.76 18.29 7.51
C SER A 275 -35.82 18.03 6.44
N GLY A 276 -35.49 17.34 5.35
CA GLY A 276 -36.48 16.82 4.44
C GLY A 276 -36.54 17.44 3.07
N LEU A 277 -35.57 18.28 2.69
CA LEU A 277 -35.49 18.84 1.35
C LEU A 277 -34.37 18.11 0.61
N PRO A 278 -34.68 17.17 -0.27
CA PRO A 278 -33.61 16.38 -0.88
C PRO A 278 -32.71 17.22 -1.76
N CYS A 279 -31.47 17.39 -1.34
CA CYS A 279 -30.49 18.09 -2.12
C CYS A 279 -29.12 17.67 -1.61
N ALA A 280 -28.09 18.06 -2.34
CA ALA A 280 -26.74 17.68 -1.96
C ALA A 280 -25.78 18.63 -2.65
N TYR A 281 -24.67 18.91 -1.99
CA TYR A 281 -23.72 19.85 -2.51
C TYR A 281 -22.55 19.15 -3.16
N THR A 282 -21.95 19.88 -4.09
CA THR A 282 -20.65 19.48 -4.60
C THR A 282 -19.95 20.71 -5.13
N LEU A 283 -18.64 20.70 -5.00
CA LEU A 283 -17.83 21.83 -5.40
C LEU A 283 -16.70 21.35 -6.30
N ASP A 284 -16.44 22.12 -7.35
CA ASP A 284 -15.26 21.88 -8.18
C ASP A 284 -14.11 22.71 -7.65
N ALA A 285 -13.20 23.11 -8.53
CA ALA A 285 -12.01 23.85 -8.12
C ALA A 285 -12.34 25.33 -8.12
N GLY A 286 -13.18 25.68 -7.16
CA GLY A 286 -13.64 27.03 -7.02
C GLY A 286 -14.69 27.03 -5.95
N PRO A 287 -15.17 28.23 -5.59
CA PRO A 287 -16.04 28.34 -4.43
C PRO A 287 -17.51 28.19 -4.74
N ASN A 288 -17.90 28.22 -6.01
CA ASN A 288 -19.30 28.05 -6.32
C ASN A 288 -19.77 26.71 -5.81
N VAL A 289 -21.01 26.66 -5.35
CA VAL A 289 -21.58 25.42 -4.84
C VAL A 289 -22.66 24.93 -5.79
N HIS A 290 -22.46 23.73 -6.31
CA HIS A 290 -23.46 23.08 -7.11
C HIS A 290 -24.34 22.27 -6.18
N VAL A 291 -25.62 22.56 -6.17
CA VAL A 291 -26.56 21.88 -5.31
C VAL A 291 -27.43 21.03 -6.20
N ILE A 292 -27.23 19.74 -6.11
CA ILE A 292 -27.94 18.76 -6.90
C ILE A 292 -29.21 18.37 -6.15
N CYS A 293 -30.32 18.26 -6.87
CA CYS A 293 -31.55 17.86 -6.22
C CYS A 293 -32.48 17.25 -7.26
N PRO A 294 -33.37 16.36 -6.86
CA PRO A 294 -34.45 15.98 -7.77
C PRO A 294 -35.16 17.25 -8.21
N SER A 295 -35.49 17.31 -9.50
CA SER A 295 -35.93 18.55 -10.10
C SER A 295 -37.18 19.09 -9.43
N GLU A 296 -38.02 18.21 -8.89
CA GLU A 296 -39.23 18.68 -8.23
C GLU A 296 -38.93 19.57 -7.03
N TYR A 297 -37.72 19.50 -6.48
CA TYR A 297 -37.33 20.31 -5.34
C TYR A 297 -36.49 21.53 -5.72
N ALA A 298 -36.19 21.70 -7.00
CA ALA A 298 -35.24 22.72 -7.41
C ALA A 298 -35.72 24.11 -7.04
N GLU A 299 -37.00 24.41 -7.28
CA GLU A 299 -37.47 25.76 -7.00
C GLU A 299 -37.27 26.11 -5.52
N GLU A 300 -37.58 25.18 -4.62
CA GLU A 300 -37.34 25.42 -3.20
C GLU A 300 -35.85 25.49 -2.89
N VAL A 301 -35.04 24.60 -3.46
CA VAL A 301 -33.60 24.70 -3.23
C VAL A 301 -33.10 26.07 -3.69
N ILE A 302 -33.51 26.50 -4.89
CA ILE A 302 -33.05 27.76 -5.43
C ILE A 302 -33.50 28.90 -4.52
N PHE A 303 -34.75 28.86 -4.07
CA PHE A 303 -35.24 29.89 -3.17
C PHE A 303 -34.37 29.98 -1.92
N ARG A 304 -34.05 28.84 -1.33
CA ARG A 304 -33.24 28.84 -0.12
C ARG A 304 -31.83 29.31 -0.42
N LEU A 305 -31.26 28.90 -1.56
CA LEU A 305 -29.92 29.32 -1.88
C LEU A 305 -29.86 30.80 -2.15
N THR A 306 -30.86 31.32 -2.89
CA THR A 306 -30.83 32.71 -3.29
C THR A 306 -30.79 33.63 -2.08
N SER A 307 -31.38 33.19 -0.97
CA SER A 307 -31.47 33.99 0.24
C SER A 307 -30.18 33.99 1.05
N ILE A 308 -29.17 33.21 0.67
CA ILE A 308 -27.95 33.12 1.46
C ILE A 308 -27.07 34.32 1.15
N PRO A 309 -26.68 35.11 2.15
CA PRO A 309 -25.79 36.24 1.88
C PRO A 309 -24.54 35.76 1.19
N GLY A 310 -24.14 36.50 0.16
CA GLY A 310 -22.93 36.21 -0.58
C GLY A 310 -23.17 35.39 -1.83
N VAL A 311 -24.36 34.83 -1.96
CA VAL A 311 -24.77 34.16 -3.20
C VAL A 311 -25.20 35.25 -4.17
N GLN A 312 -24.43 35.44 -5.24
CA GLN A 312 -24.72 36.47 -6.22
C GLN A 312 -25.96 36.12 -7.01
N THR A 313 -26.05 34.87 -7.45
CA THR A 313 -27.19 34.40 -8.19
C THR A 313 -27.13 32.89 -8.15
N VAL A 314 -28.22 32.26 -8.56
CA VAL A 314 -28.32 30.81 -8.61
C VAL A 314 -28.70 30.44 -10.04
N LEU A 315 -27.89 29.62 -10.68
CA LEU A 315 -28.18 29.14 -12.02
C LEU A 315 -28.84 27.77 -11.93
N LYS A 316 -29.91 27.58 -12.68
CA LYS A 316 -30.66 26.34 -12.65
C LYS A 316 -30.30 25.54 -13.89
N ALA A 317 -29.75 24.35 -13.71
CA ALA A 317 -29.37 23.53 -14.84
C ALA A 317 -29.97 22.14 -14.70
N SER A 318 -30.44 21.61 -15.80
CA SER A 318 -30.97 20.25 -15.86
C SER A 318 -29.99 19.41 -16.66
N ALA A 319 -30.27 18.13 -16.76
CA ALA A 319 -29.35 17.21 -17.40
C ALA A 319 -29.31 17.47 -18.89
N GLY A 320 -28.11 17.61 -19.43
CA GLY A 320 -27.93 17.93 -20.82
C GLY A 320 -27.55 16.76 -21.67
N ASP A 321 -27.71 16.96 -22.97
CA ASP A 321 -27.44 15.95 -23.96
C ASP A 321 -25.97 15.92 -24.32
N SER A 322 -25.65 15.02 -25.24
CA SER A 322 -24.29 14.87 -25.70
C SER A 322 -23.88 16.06 -26.54
N ALA A 323 -22.59 16.17 -26.79
CA ALA A 323 -22.10 17.10 -27.80
C ALA A 323 -22.74 16.73 -29.14
N LYS A 324 -23.11 17.76 -29.89
CA LYS A 324 -23.87 17.56 -31.12
C LYS A 324 -23.29 18.44 -32.21
N LEU A 325 -23.29 17.92 -33.43
CA LEU A 325 -23.09 18.77 -34.60
C LEU A 325 -24.39 19.49 -34.92
N ILE A 326 -24.27 20.75 -35.34
CA ILE A 326 -25.43 21.49 -35.80
C ILE A 326 -25.12 22.14 -37.14
N GLU A 327 -26.17 22.68 -37.76
CA GLU A 327 -26.09 23.51 -38.98
C GLU A 327 -25.02 23.07 -39.97
N GLY B 4 20.88 -5.67 -11.21
CA GLY B 4 20.67 -4.52 -10.36
C GLY B 4 19.21 -4.12 -10.25
N MET B 5 18.56 -4.53 -9.16
CA MET B 5 17.17 -4.21 -8.89
C MET B 5 17.00 -2.97 -8.02
N GLY B 6 18.09 -2.35 -7.61
CA GLY B 6 18.02 -1.19 -6.76
C GLY B 6 19.29 -1.08 -5.95
N GLN B 7 19.78 0.14 -5.77
CA GLN B 7 21.08 0.37 -5.17
C GLN B 7 20.97 1.65 -4.36
N ALA B 8 21.60 1.68 -3.20
CA ALA B 8 21.67 2.91 -2.44
C ALA B 8 22.86 2.84 -1.53
N THR B 9 23.35 4.00 -1.14
CA THR B 9 24.52 4.11 -0.27
C THR B 9 24.13 5.01 0.88
N ALA B 10 24.46 4.59 2.10
CA ALA B 10 24.15 5.40 3.25
C ALA B 10 25.38 5.48 4.13
N ILE B 11 25.43 6.52 4.95
CA ILE B 11 26.46 6.65 5.97
C ILE B 11 25.78 6.83 7.32
N ALA B 12 26.44 6.35 8.36
CA ALA B 12 25.97 6.53 9.73
C ALA B 12 27.18 6.58 10.64
N HIS B 13 26.98 7.16 11.80
CA HIS B 13 28.05 7.25 12.76
C HIS B 13 27.80 6.32 13.93
N PRO B 14 28.85 5.84 14.57
CA PRO B 14 28.67 5.20 15.87
C PRO B 14 28.22 6.23 16.87
N ASN B 15 27.84 5.73 18.03
CA ASN B 15 27.35 6.61 19.07
C ASN B 15 27.94 6.14 20.38
N ILE B 16 28.05 7.06 21.31
CA ILE B 16 28.48 6.74 22.66
C ILE B 16 27.31 6.95 23.59
N ALA B 17 26.98 5.89 24.33
CA ALA B 17 25.85 5.95 25.22
C ALA B 17 26.24 6.60 26.52
N PHE B 18 25.49 7.62 26.87
CA PHE B 18 25.56 8.24 28.17
C PHE B 18 24.76 7.45 29.20
N ILE B 19 23.60 6.92 28.78
CA ILE B 19 22.84 5.96 29.55
C ILE B 19 22.84 4.70 28.69
N LYS B 20 23.33 3.62 29.26
CA LYS B 20 23.65 2.45 28.49
C LYS B 20 22.45 1.56 28.25
N TYR B 21 22.49 0.86 27.12
CA TYR B 21 21.64 -0.26 26.81
C TYR B 21 22.39 -1.49 27.24
N TRP B 22 21.81 -2.26 28.13
CA TRP B 22 22.44 -3.51 28.51
C TRP B 22 21.32 -4.41 28.98
N GLY B 23 21.11 -5.52 28.28
CA GLY B 23 20.03 -6.42 28.54
C GLY B 23 18.87 -6.15 27.61
N ASN B 24 18.26 -7.23 27.14
CA ASN B 24 17.12 -7.19 26.26
C ASN B 24 15.90 -7.73 26.97
N ARG B 25 14.78 -7.10 26.67
CA ARG B 25 13.46 -7.66 27.02
C ARG B 25 13.23 -8.79 26.01
N ASP B 26 13.55 -8.55 24.77
CA ASP B 26 13.39 -9.56 23.75
C ASP B 26 14.67 -9.64 22.94
N ALA B 27 15.32 -10.80 22.96
CA ALA B 27 16.64 -10.90 22.36
C ALA B 27 16.57 -10.79 20.86
N VAL B 28 15.57 -11.44 20.26
CA VAL B 28 15.53 -11.51 18.80
C VAL B 28 15.23 -10.14 18.20
N LEU B 29 14.31 -9.42 18.78
CA LEU B 29 13.89 -8.12 18.31
C LEU B 29 14.76 -7.02 18.87
N ARG B 30 15.65 -7.33 19.80
CA ARG B 30 16.50 -6.34 20.43
C ARG B 30 15.66 -5.20 20.99
N ILE B 31 14.59 -5.57 21.68
CA ILE B 31 13.85 -4.64 22.49
C ILE B 31 14.56 -4.63 23.84
N PRO B 32 15.03 -3.48 24.29
CA PRO B 32 15.92 -3.46 25.45
C PRO B 32 15.13 -3.47 26.73
N GLU B 33 15.83 -3.84 27.81
CA GLU B 33 15.21 -3.76 29.11
C GLU B 33 15.00 -2.33 29.56
N ASN B 34 15.83 -1.41 29.09
CA ASN B 34 15.80 -0.05 29.54
C ASN B 34 16.11 0.89 28.39
N GLY B 35 15.74 2.14 28.59
CA GLY B 35 16.03 3.17 27.62
C GLY B 35 17.45 3.58 27.73
N SER B 36 17.89 4.32 26.72
CA SER B 36 19.27 4.73 26.66
C SER B 36 19.36 6.04 25.91
N ILE B 37 20.47 6.72 26.10
CA ILE B 37 20.73 8.01 25.47
C ILE B 37 22.17 7.99 25.01
N SER B 38 22.42 8.51 23.82
CA SER B 38 23.75 8.49 23.27
C SER B 38 23.95 9.76 22.46
N MET B 39 25.21 9.95 22.08
CA MET B 39 25.63 11.02 21.21
C MET B 39 26.29 10.37 20.00
N ASN B 40 25.85 10.77 18.81
CA ASN B 40 26.53 10.23 17.64
C ASN B 40 27.93 10.86 17.54
N LEU B 41 28.84 10.14 16.92
CA LEU B 41 30.25 10.56 16.82
C LEU B 41 30.53 10.93 15.36
N ALA B 42 30.68 12.22 15.12
CA ALA B 42 30.72 12.74 13.75
C ALA B 42 31.90 12.19 12.95
N GLU B 43 33.05 12.04 13.56
CA GLU B 43 34.29 11.76 12.83
C GLU B 43 34.46 10.30 12.47
N LEU B 44 33.56 9.43 12.91
CA LEU B 44 33.61 8.02 12.59
C LEU B 44 32.38 7.72 11.75
N THR B 45 32.57 6.98 10.68
CA THR B 45 31.52 6.75 9.73
C THR B 45 31.64 5.36 9.16
N VAL B 46 30.49 4.69 9.05
CA VAL B 46 30.33 3.52 8.24
C VAL B 46 29.56 3.95 7.01
N LYS B 47 30.09 3.62 5.83
CA LYS B 47 29.44 3.89 4.57
C LYS B 47 29.10 2.53 3.98
N THR B 48 27.85 2.34 3.57
CA THR B 48 27.44 1.03 3.11
C THR B 48 26.59 1.21 1.88
N THR B 49 26.95 0.45 0.86
CA THR B 49 26.17 0.36 -0.35
C THR B 49 25.48 -0.98 -0.39
N VAL B 50 24.21 -0.95 -0.74
CA VAL B 50 23.43 -2.15 -0.90
C VAL B 50 22.97 -2.20 -2.35
N ILE B 51 23.20 -3.33 -2.99
CA ILE B 51 22.77 -3.55 -4.37
C ILE B 51 21.96 -4.83 -4.37
N PHE B 52 20.66 -4.72 -4.60
CA PHE B 52 19.84 -5.90 -4.72
C PHE B 52 20.01 -6.45 -6.14
N GLU B 53 20.14 -7.76 -6.23
CA GLU B 53 20.53 -8.43 -7.46
C GLU B 53 19.56 -9.57 -7.70
N LYS B 54 18.94 -9.59 -8.88
CA LYS B 54 18.00 -10.66 -9.19
C LYS B 54 18.69 -12.03 -9.18
N HIS B 55 19.93 -12.09 -9.64
CA HIS B 55 20.59 -13.38 -9.80
C HIS B 55 21.29 -13.86 -8.54
N SER B 56 21.33 -13.06 -7.48
CA SER B 56 22.03 -13.51 -6.27
C SER B 56 21.12 -14.43 -5.49
N ARG B 57 21.63 -15.61 -5.15
CA ARG B 57 20.91 -16.59 -4.37
C ARG B 57 21.11 -16.39 -2.87
N GLU B 58 22.14 -15.68 -2.48
CA GLU B 58 22.38 -15.35 -1.09
C GLU B 58 22.95 -13.94 -1.06
N ASP B 59 22.96 -13.33 0.11
CA ASP B 59 23.59 -12.04 0.24
C ASP B 59 25.10 -12.21 0.30
N THR B 60 25.81 -11.16 -0.10
CA THR B 60 27.25 -11.12 0.05
C THR B 60 27.59 -9.82 0.76
N LEU B 61 28.48 -9.92 1.72
CA LEU B 61 28.95 -8.77 2.47
C LEU B 61 30.43 -8.59 2.23
N ILE B 62 30.81 -7.43 1.75
CA ILE B 62 32.19 -7.01 1.58
C ILE B 62 32.46 -5.93 2.61
N LEU B 63 33.56 -6.06 3.35
CA LEU B 63 33.93 -5.10 4.38
C LEU B 63 35.33 -4.61 4.10
N ASN B 64 35.47 -3.32 3.83
CA ASN B 64 36.75 -2.71 3.48
C ASN B 64 37.42 -3.53 2.38
N GLY B 65 36.64 -3.89 1.38
CA GLY B 65 37.16 -4.55 0.19
C GLY B 65 37.36 -6.04 0.30
N ALA B 66 37.09 -6.62 1.46
CA ALA B 66 37.29 -8.04 1.69
C ALA B 66 36.00 -8.72 2.11
N LEU B 67 35.86 -9.97 1.69
CA LEU B 67 34.68 -10.73 2.06
C LEU B 67 34.58 -10.79 3.57
N ALA B 68 33.36 -10.60 4.08
CA ALA B 68 33.15 -10.68 5.52
C ALA B 68 33.26 -12.11 5.99
N ASP B 69 33.61 -12.27 7.27
CA ASP B 69 33.52 -13.54 7.94
C ASP B 69 32.08 -14.02 7.94
N GLU B 70 31.90 -15.33 8.06
CA GLU B 70 30.55 -15.89 8.06
C GLU B 70 29.66 -15.31 9.16
N PRO B 71 30.13 -15.08 10.40
CA PRO B 71 29.24 -14.49 11.40
C PRO B 71 28.73 -13.11 11.02
N ALA B 72 29.58 -12.28 10.44
CA ALA B 72 29.15 -10.96 10.02
C ALA B 72 28.16 -11.06 8.88
N LEU B 73 28.41 -11.97 7.93
CA LEU B 73 27.48 -12.16 6.83
C LEU B 73 26.14 -12.65 7.36
N LYS B 74 26.17 -13.60 8.29
CA LYS B 74 24.92 -14.14 8.82
C LYS B 74 24.10 -13.04 9.47
N ARG B 75 24.76 -12.16 10.24
CA ARG B 75 24.05 -11.05 10.86
C ARG B 75 23.44 -10.14 9.80
N VAL B 76 24.22 -9.80 8.78
CA VAL B 76 23.71 -8.91 7.74
C VAL B 76 22.59 -9.61 6.98
N SER B 77 22.76 -10.89 6.71
CA SER B 77 21.76 -11.55 5.90
C SER B 77 20.46 -11.70 6.68
N HIS B 78 20.53 -11.98 7.98
CA HIS B 78 19.31 -12.02 8.77
C HIS B 78 18.66 -10.65 8.81
N PHE B 79 19.46 -9.60 8.92
CA PHE B 79 18.93 -8.25 8.87
C PHE B 79 18.25 -7.99 7.54
N LEU B 80 18.90 -8.35 6.44
CA LEU B 80 18.27 -8.16 5.15
C LEU B 80 17.02 -9.00 4.99
N ASP B 81 16.94 -10.14 5.67
CA ASP B 81 15.68 -10.86 5.69
C ASP B 81 14.57 -9.99 6.27
N ARG B 82 14.90 -9.23 7.29
CA ARG B 82 13.87 -8.33 7.86
C ARG B 82 13.53 -7.23 6.85
N VAL B 83 14.50 -6.71 6.15
CA VAL B 83 14.16 -5.75 5.10
C VAL B 83 13.30 -6.40 4.04
N ARG B 84 13.69 -7.58 3.58
CA ARG B 84 12.94 -8.25 2.53
C ARG B 84 11.50 -8.45 2.96
N GLU B 85 11.30 -8.88 4.19
CA GLU B 85 9.93 -9.10 4.66
C GLU B 85 9.20 -7.77 4.78
N PHE B 86 9.87 -6.77 5.36
CA PHE B 86 9.27 -5.45 5.49
C PHE B 86 8.82 -4.93 4.14
N ALA B 87 9.64 -5.12 3.11
CA ALA B 87 9.36 -4.59 1.80
C ALA B 87 8.53 -5.52 0.94
N GLY B 88 8.35 -6.77 1.36
CA GLY B 88 7.67 -7.74 0.52
C GLY B 88 8.44 -8.10 -0.73
N ILE B 89 9.77 -8.19 -0.63
CA ILE B 89 10.61 -8.44 -1.78
C ILE B 89 11.63 -9.50 -1.41
N SER B 90 11.99 -10.32 -2.41
CA SER B 90 12.74 -11.55 -2.22
C SER B 90 14.23 -11.41 -2.55
N TRP B 91 14.63 -10.29 -3.14
CA TRP B 91 15.95 -10.21 -3.75
C TRP B 91 17.04 -10.27 -2.70
N HIS B 92 18.12 -10.96 -3.02
CA HIS B 92 19.31 -10.89 -2.20
C HIS B 92 20.19 -9.76 -2.68
N ALA B 93 21.17 -9.42 -1.86
CA ALA B 93 21.92 -8.20 -2.07
C ALA B 93 23.41 -8.42 -1.93
N HIS B 94 24.12 -7.58 -2.62
CA HIS B 94 25.53 -7.31 -2.39
C HIS B 94 25.60 -6.09 -1.50
N VAL B 95 26.31 -6.24 -0.39
CA VAL B 95 26.50 -5.18 0.59
C VAL B 95 27.98 -4.90 0.62
N ILE B 96 28.32 -3.66 0.35
CA ILE B 96 29.71 -3.20 0.33
C ILE B 96 29.80 -2.13 1.38
N SER B 97 30.63 -2.37 2.38
CA SER B 97 30.73 -1.45 3.48
C SER B 97 32.18 -1.06 3.70
N GLU B 98 32.37 0.19 4.04
CA GLU B 98 33.66 0.75 4.36
C GLU B 98 33.48 1.58 5.61
N ASN B 99 34.52 1.66 6.41
CA ASN B 99 34.49 2.58 7.52
C ASN B 99 35.87 3.18 7.67
N ASN B 100 35.92 4.29 8.40
CA ASN B 100 37.16 4.98 8.72
C ASN B 100 37.58 4.74 10.17
N PHE B 101 37.19 3.61 10.76
CA PHE B 101 37.56 3.35 12.14
C PHE B 101 39.02 2.94 12.19
N PRO B 102 39.83 3.51 13.10
CA PRO B 102 41.23 3.07 13.19
C PRO B 102 41.30 1.57 13.44
N THR B 103 42.14 0.92 12.67
CA THR B 103 42.29 -0.54 12.71
C THR B 103 42.77 -1.03 14.09
N GLY B 104 42.21 -2.12 14.60
CA GLY B 104 42.62 -2.67 15.87
C GLY B 104 42.27 -1.84 17.08
N ALA B 105 41.55 -0.74 16.92
CA ALA B 105 41.23 0.11 18.04
C ALA B 105 40.08 -0.43 18.89
N GLY B 106 39.35 -1.43 18.44
CA GLY B 106 38.27 -1.98 19.22
C GLY B 106 37.08 -1.05 19.39
N ILE B 107 36.89 -0.13 18.45
CA ILE B 107 35.70 0.72 18.46
C ILE B 107 34.59 -0.04 17.75
N ALA B 108 33.48 -0.21 18.44
CA ALA B 108 32.40 -1.04 17.91
C ALA B 108 31.76 -0.30 16.75
N SER B 109 31.57 -1.00 15.65
CA SER B 109 30.96 -0.41 14.49
C SER B 109 29.52 -0.86 14.28
N SER B 110 28.96 -1.69 15.17
CA SER B 110 27.69 -2.32 14.87
C SER B 110 26.55 -1.30 14.79
N ALA B 111 26.57 -0.30 15.66
CA ALA B 111 25.51 0.71 15.58
C ALA B 111 25.59 1.47 14.27
N ALA B 112 26.78 1.95 13.93
CA ALA B 112 26.91 2.65 12.65
C ALA B 112 26.58 1.71 11.50
N ALA B 113 27.05 0.47 11.58
CA ALA B 113 26.91 -0.43 10.47
C ALA B 113 25.44 -0.73 10.20
N PHE B 114 24.67 -1.03 11.24
CA PHE B 114 23.28 -1.39 11.01
C PHE B 114 22.41 -0.18 10.78
N ALA B 115 22.80 0.98 11.29
CA ALA B 115 22.09 2.20 10.91
C ALA B 115 22.29 2.45 9.42
N ALA B 116 23.53 2.38 8.96
CA ALA B 116 23.76 2.63 7.54
C ALA B 116 23.10 1.56 6.71
N LEU B 117 23.14 0.30 7.17
CA LEU B 117 22.53 -0.77 6.39
C LEU B 117 21.02 -0.61 6.34
N ALA B 118 20.39 -0.25 7.45
CA ALA B 118 18.95 0.01 7.44
C ALA B 118 18.59 1.02 6.36
N LEU B 119 19.31 2.13 6.33
CA LEU B 119 18.96 3.19 5.41
C LEU B 119 19.29 2.80 3.98
N ALA B 120 20.49 2.25 3.78
CA ALA B 120 20.89 1.89 2.41
C ALA B 120 20.00 0.78 1.87
N ALA B 121 19.76 -0.26 2.66
CA ALA B 121 18.99 -1.38 2.16
C ALA B 121 17.58 -0.95 1.84
N THR B 122 16.93 -0.21 2.73
CA THR B 122 15.54 0.12 2.46
C THR B 122 15.46 1.08 1.28
N SER B 123 16.37 2.03 1.21
CA SER B 123 16.37 2.94 0.08
C SER B 123 16.62 2.18 -1.20
N ALA B 124 17.57 1.25 -1.17
CA ALA B 124 17.88 0.48 -2.36
C ALA B 124 16.68 -0.32 -2.84
N ILE B 125 15.90 -0.87 -1.91
CA ILE B 125 14.74 -1.70 -2.24
C ILE B 125 13.54 -0.86 -2.63
N GLY B 126 13.67 0.47 -2.65
CA GLY B 126 12.66 1.37 -3.13
C GLY B 126 11.88 2.11 -2.05
N LEU B 127 12.22 1.93 -0.78
CA LEU B 127 11.42 2.48 0.30
C LEU B 127 11.95 3.84 0.75
N HIS B 128 11.06 4.62 1.35
CA HIS B 128 11.39 5.95 1.88
C HIS B 128 10.86 5.96 3.31
N LEU B 129 11.60 5.33 4.21
CA LEU B 129 11.10 5.15 5.56
C LEU B 129 11.34 6.40 6.39
N SER B 130 10.45 6.60 7.34
CA SER B 130 10.62 7.66 8.32
C SER B 130 11.80 7.31 9.20
N GLU B 131 12.30 8.31 9.90
CA GLU B 131 13.35 8.06 10.84
C GLU B 131 12.92 7.03 11.87
N ARG B 132 11.69 7.13 12.36
CA ARG B 132 11.20 6.16 13.32
C ARG B 132 11.33 4.74 12.78
N ASP B 133 10.83 4.51 11.57
CA ASP B 133 10.86 3.18 11.00
C ASP B 133 12.28 2.72 10.73
N LEU B 134 13.15 3.63 10.31
CA LEU B 134 14.54 3.28 10.10
C LEU B 134 15.17 2.86 11.42
N SER B 135 14.87 3.59 12.48
CA SER B 135 15.38 3.27 13.80
C SER B 135 14.88 1.92 14.27
N ARG B 136 13.58 1.65 14.08
CA ARG B 136 13.03 0.37 14.48
C ARG B 136 13.74 -0.75 13.74
N LEU B 137 14.00 -0.53 12.46
CA LEU B 137 14.62 -1.56 11.66
C LEU B 137 16.05 -1.76 12.09
N ALA B 138 16.81 -0.65 12.17
CA ALA B 138 18.22 -0.75 12.54
C ALA B 138 18.38 -1.47 13.86
N ARG B 139 17.45 -1.24 14.77
CA ARG B 139 17.48 -1.85 16.10
C ARG B 139 17.59 -3.34 16.01
N LYS B 140 16.96 -3.94 15.02
CA LYS B 140 16.96 -5.39 14.92
C LYS B 140 18.28 -5.91 14.42
N GLY B 141 19.13 -5.07 13.86
CA GLY B 141 20.46 -5.51 13.49
C GLY B 141 21.36 -5.47 14.71
N SER B 142 21.29 -4.34 15.41
CA SER B 142 22.03 -4.17 16.64
C SER B 142 21.29 -3.08 17.39
N GLY B 143 20.97 -3.32 18.64
CA GLY B 143 20.06 -2.41 19.33
C GLY B 143 20.55 -0.99 19.28
N SER B 144 21.84 -0.79 19.59
CA SER B 144 22.41 0.55 19.60
C SER B 144 22.39 1.21 18.22
N ALA B 145 22.24 0.44 17.15
CA ALA B 145 22.13 1.03 15.83
C ALA B 145 20.89 1.90 15.72
N CYS B 146 19.86 1.61 16.51
CA CYS B 146 18.66 2.42 16.41
C CYS B 146 18.94 3.84 16.83
N ARG B 147 19.97 4.08 17.62
CA ARG B 147 20.35 5.41 18.07
C ARG B 147 21.24 6.14 17.10
N SER B 148 21.81 5.46 16.12
CA SER B 148 22.62 6.10 15.10
C SER B 148 21.79 6.50 13.89
N ILE B 149 20.51 6.17 13.87
CA ILE B 149 19.63 6.61 12.80
C ILE B 149 19.31 8.09 13.01
N PRO B 150 18.81 8.52 14.16
CA PRO B 150 18.64 9.95 14.38
C PRO B 150 19.99 10.60 14.62
N GLY B 151 19.95 11.93 14.68
CA GLY B 151 21.18 12.67 14.81
C GLY B 151 21.40 13.30 16.16
N GLY B 152 22.65 13.62 16.46
CA GLY B 152 22.94 14.41 17.65
C GLY B 152 22.87 13.59 18.90
N PHE B 153 22.08 14.08 19.85
CA PHE B 153 21.84 13.44 21.13
C PHE B 153 20.53 12.70 20.98
N VAL B 154 20.56 11.42 21.26
CA VAL B 154 19.50 10.52 20.82
C VAL B 154 19.02 9.70 22.00
N GLU B 155 17.72 9.55 22.12
CA GLU B 155 17.17 8.69 23.16
C GLU B 155 16.44 7.53 22.51
N TRP B 156 16.77 6.34 22.96
CA TRP B 156 16.06 5.13 22.58
C TRP B 156 14.93 4.90 23.57
N ILE B 157 13.71 4.97 23.05
CA ILE B 157 12.47 4.72 23.77
C ILE B 157 12.39 3.21 23.78
N PRO B 158 12.41 2.60 24.97
CA PRO B 158 12.63 1.15 24.99
C PRO B 158 11.43 0.38 24.49
N GLY B 159 10.24 0.74 24.91
CA GLY B 159 9.02 0.11 24.43
C GLY B 159 8.83 -1.32 24.89
N GLU B 160 7.66 -1.86 24.59
CA GLU B 160 7.33 -3.23 24.95
C GLU B 160 7.11 -4.08 23.72
N THR B 161 7.19 -3.47 22.55
CA THR B 161 6.88 -4.09 21.28
C THR B 161 7.88 -3.62 20.25
N ASP B 162 7.94 -4.35 19.15
CA ASP B 162 8.83 -4.00 18.05
C ASP B 162 8.53 -2.61 17.54
N GLU B 163 7.25 -2.28 17.36
CA GLU B 163 6.94 -0.96 16.86
C GLU B 163 7.25 0.13 17.87
N ASP B 164 7.27 -0.18 19.15
CA ASP B 164 7.40 0.85 20.16
C ASP B 164 8.84 1.14 20.53
N SER B 165 9.77 0.39 19.99
CA SER B 165 11.16 0.49 20.43
C SER B 165 11.97 1.13 19.32
N TYR B 166 12.30 2.39 19.52
CA TYR B 166 13.03 3.15 18.53
C TYR B 166 13.56 4.38 19.22
N ALA B 167 14.42 5.08 18.51
CA ALA B 167 15.08 6.25 19.03
C ALA B 167 14.67 7.51 18.29
N VAL B 168 14.79 8.60 19.01
CA VAL B 168 14.52 9.91 18.47
C VAL B 168 15.65 10.82 18.90
N SER B 169 15.84 11.89 18.16
CA SER B 169 16.80 12.89 18.57
C SER B 169 16.18 13.74 19.67
N ILE B 170 16.91 13.88 20.76
CA ILE B 170 16.46 14.78 21.83
C ILE B 170 17.19 16.12 21.77
N ALA B 171 18.31 16.20 21.05
CA ALA B 171 18.93 17.50 20.80
C ALA B 171 19.75 17.37 19.54
N PRO B 172 19.78 18.38 18.70
CA PRO B 172 20.64 18.34 17.54
C PRO B 172 22.09 18.41 17.96
N PRO B 173 23.00 18.00 17.10
CA PRO B 173 24.42 17.99 17.49
C PRO B 173 24.92 19.33 17.97
N GLU B 174 24.47 20.42 17.33
CA GLU B 174 24.92 21.75 17.67
C GLU B 174 24.40 22.24 19.00
N HIS B 175 23.49 21.49 19.65
CA HIS B 175 22.95 21.96 20.91
C HIS B 175 23.99 22.09 22.00
N TRP B 176 25.00 21.20 21.98
CA TRP B 176 25.99 21.18 23.04
C TRP B 176 27.29 20.66 22.45
N ALA B 177 28.29 21.53 22.44
CA ALA B 177 29.61 21.17 21.94
C ALA B 177 30.27 20.31 22.99
N LEU B 178 30.03 19.01 22.87
CA LEU B 178 30.71 18.01 23.65
C LEU B 178 31.58 17.19 22.72
N THR B 179 32.74 16.79 23.24
CA THR B 179 33.64 15.93 22.52
C THR B 179 33.77 14.63 23.27
N ASP B 180 33.86 13.54 22.52
CA ASP B 180 34.22 12.23 23.05
C ASP B 180 35.69 12.01 22.71
N CYS B 181 36.54 12.04 23.73
CA CYS B 181 37.95 11.70 23.58
C CYS B 181 38.07 10.23 23.92
N ILE B 182 38.25 9.41 22.90
CA ILE B 182 38.23 7.97 23.07
C ILE B 182 39.65 7.48 23.29
N ALA B 183 39.94 7.04 24.51
CA ALA B 183 41.23 6.44 24.81
C ALA B 183 41.23 5.00 24.32
N ILE B 184 42.00 4.73 23.28
CA ILE B 184 42.10 3.41 22.69
C ILE B 184 43.24 2.71 23.39
N LEU B 185 42.96 1.59 24.01
CA LEU B 185 43.97 0.90 24.80
C LEU B 185 44.80 0.00 23.90
N SER B 186 46.10 -0.04 24.18
CA SER B 186 47.02 -0.81 23.34
C SER B 186 46.69 -2.29 23.38
N THR B 187 46.26 -2.80 24.53
CA THR B 187 46.06 -4.24 24.71
C THR B 187 44.63 -4.56 25.10
N ILE B 192 34.20 -10.55 24.95
CA ILE B 192 32.93 -11.18 24.63
C ILE B 192 32.05 -10.13 23.95
N GLY B 193 31.46 -10.51 22.82
CA GLY B 193 30.59 -9.60 22.12
C GLY B 193 29.34 -9.27 22.93
N SER B 194 28.70 -8.17 22.55
CA SER B 194 27.56 -7.69 23.32
C SER B 194 26.36 -8.63 23.21
N THR B 195 26.15 -9.28 22.06
CA THR B 195 25.01 -10.20 21.98
C THR B 195 25.04 -11.21 23.13
N GLN B 196 26.20 -11.86 23.32
CA GLN B 196 26.38 -12.77 24.45
C GLN B 196 26.26 -12.02 25.77
N GLY B 197 26.88 -10.85 25.85
CA GLY B 197 26.87 -10.10 27.08
C GLY B 197 25.47 -9.69 27.51
N HIS B 198 24.67 -9.20 26.55
CA HIS B 198 23.31 -8.81 26.89
C HIS B 198 22.54 -9.97 27.49
N ALA B 199 22.65 -11.13 26.86
CA ALA B 199 21.91 -12.28 27.32
C ALA B 199 22.35 -12.68 28.71
N LEU B 200 23.64 -12.50 29.01
CA LEU B 200 24.13 -12.83 30.35
C LEU B 200 23.69 -11.84 31.42
N ALA B 201 23.18 -10.66 31.03
CA ALA B 201 22.79 -9.69 32.04
C ALA B 201 21.80 -10.28 33.02
N SER B 202 20.97 -11.24 32.58
CA SER B 202 19.96 -11.82 33.46
C SER B 202 20.59 -12.69 34.53
N THR B 203 21.85 -13.02 34.37
CA THR B 203 22.51 -13.82 35.40
C THR B 203 23.02 -12.96 36.55
N SER B 204 23.06 -11.66 36.38
CA SER B 204 23.54 -10.83 37.47
C SER B 204 22.39 -10.57 38.44
N PRO B 205 22.62 -10.74 39.74
CA PRO B 205 21.59 -10.38 40.70
C PRO B 205 21.27 -8.91 40.70
N LEU B 206 22.13 -8.10 40.10
CA LEU B 206 21.99 -6.66 40.21
C LEU B 206 21.30 -6.07 39.00
N GLN B 207 21.09 -6.85 37.95
CA GLN B 207 20.49 -6.33 36.73
C GLN B 207 19.09 -5.81 36.96
N PRO B 208 18.18 -6.51 37.64
CA PRO B 208 16.83 -5.95 37.77
C PRO B 208 16.84 -4.60 38.42
N ALA B 209 17.67 -4.42 39.43
CA ALA B 209 17.72 -3.12 40.09
C ALA B 209 18.32 -2.06 39.19
N ARG B 210 19.38 -2.40 38.47
CA ARG B 210 19.93 -1.45 37.53
C ARG B 210 18.86 -1.01 36.54
N VAL B 211 18.17 -1.98 35.95
CA VAL B 211 17.17 -1.69 34.95
C VAL B 211 16.08 -0.82 35.54
N ALA B 212 15.57 -1.20 36.70
CA ALA B 212 14.46 -0.46 37.26
C ALA B 212 14.84 0.95 37.65
N ASP B 213 16.12 1.21 37.89
CA ASP B 213 16.60 2.55 38.22
C ASP B 213 16.86 3.40 36.98
N THR B 214 16.73 2.83 35.78
CA THR B 214 17.17 3.57 34.60
C THR B 214 16.35 4.82 34.40
N PRO B 215 15.05 4.81 34.60
CA PRO B 215 14.29 6.05 34.38
C PRO B 215 14.87 7.23 35.13
N ARG B 216 15.30 7.04 36.37
CA ARG B 216 15.92 8.12 37.14
C ARG B 216 17.15 8.63 36.42
N ARG B 217 17.96 7.71 35.91
CA ARG B 217 19.22 8.08 35.27
C ARG B 217 18.97 8.75 33.94
N LEU B 218 18.00 8.25 33.19
CA LEU B 218 17.62 8.88 31.93
C LEU B 218 17.18 10.31 32.15
N GLU B 219 16.34 10.54 33.18
CA GLU B 219 15.83 11.89 33.40
C GLU B 219 16.96 12.83 33.72
N ILE B 220 17.94 12.38 34.50
CA ILE B 220 19.06 13.24 34.85
C ILE B 220 19.88 13.59 33.62
N VAL B 221 20.11 12.62 32.74
CA VAL B 221 20.93 12.88 31.57
C VAL B 221 20.17 13.72 30.57
N ARG B 222 18.87 13.43 30.38
CA ARG B 222 18.04 14.26 29.50
C ARG B 222 18.05 15.71 29.99
N ARG B 223 17.87 15.92 31.28
CA ARG B 223 17.90 17.29 31.82
C ARG B 223 19.28 17.91 31.66
N ALA B 224 20.35 17.13 31.87
CA ALA B 224 21.68 17.67 31.78
C ALA B 224 22.00 18.09 30.36
N ILE B 225 21.49 17.35 29.38
CA ILE B 225 21.73 17.70 28.00
C ILE B 225 20.96 18.96 27.66
N LEU B 226 19.68 18.99 28.02
CA LEU B 226 18.87 20.20 27.87
C LEU B 226 19.61 21.40 28.43
N GLU B 227 19.96 21.34 29.72
CA GLU B 227 20.52 22.47 30.42
C GLU B 227 22.01 22.67 30.17
N ARG B 228 22.62 21.81 29.36
CA ARG B 228 24.08 21.85 29.17
C ARG B 228 24.81 21.86 30.50
N ASP B 229 24.37 21.00 31.41
CA ASP B 229 24.89 20.92 32.77
C ASP B 229 25.93 19.80 32.76
N PHE B 230 27.19 20.17 32.58
CA PHE B 230 28.17 19.12 32.38
C PHE B 230 28.40 18.31 33.65
N LEU B 231 28.44 18.97 34.81
CA LEU B 231 28.71 18.21 36.02
C LEU B 231 27.65 17.15 36.24
N SER B 232 26.39 17.49 36.01
CA SER B 232 25.34 16.47 36.20
C SER B 232 25.48 15.36 35.18
N LEU B 233 25.76 15.73 33.93
CA LEU B 233 26.02 14.73 32.92
C LEU B 233 27.18 13.87 33.35
N ALA B 234 28.28 14.49 33.79
CA ALA B 234 29.49 13.73 34.06
C ALA B 234 29.27 12.68 35.14
N GLU B 235 28.66 13.11 36.25
CA GLU B 235 28.50 12.17 37.36
C GLU B 235 27.55 11.06 36.98
N MET B 236 26.54 11.36 36.17
CA MET B 236 25.59 10.34 35.82
C MET B 236 26.15 9.40 34.77
N ILE B 237 26.92 9.89 33.81
CA ILE B 237 27.44 8.96 32.81
C ILE B 237 28.45 8.02 33.46
N GLU B 238 29.24 8.51 34.43
CA GLU B 238 30.13 7.61 35.14
C GLU B 238 29.34 6.59 35.94
N HIS B 239 28.35 7.05 36.69
CA HIS B 239 27.51 6.17 37.49
C HIS B 239 26.85 5.13 36.60
N ASP B 240 26.30 5.56 35.48
CA ASP B 240 25.61 4.65 34.59
C ASP B 240 26.56 3.64 33.99
N SER B 241 27.73 4.09 33.55
CA SER B 241 28.72 3.17 33.05
C SER B 241 29.08 2.16 34.12
N ASN B 242 29.28 2.63 35.34
CA ASN B 242 29.64 1.71 36.40
C ASN B 242 28.51 0.74 36.72
N LEU B 243 27.28 1.19 36.62
CA LEU B 243 26.17 0.28 36.87
C LEU B 243 26.15 -0.83 35.83
N MET B 244 26.35 -0.50 34.56
CA MET B 244 26.37 -1.54 33.56
C MET B 244 27.53 -2.49 33.82
N HIS B 245 28.70 -1.95 34.07
CA HIS B 245 29.85 -2.80 34.31
C HIS B 245 29.69 -3.59 35.59
N ALA B 246 29.02 -3.04 36.57
CA ALA B 246 28.67 -3.80 37.76
C ALA B 246 27.87 -5.04 37.39
N VAL B 247 26.87 -4.87 36.52
CA VAL B 247 26.09 -6.02 36.09
C VAL B 247 26.95 -6.98 35.29
N MET B 248 27.78 -6.46 34.41
CA MET B 248 28.67 -7.29 33.64
C MET B 248 29.55 -8.12 34.54
N MET B 249 30.18 -7.49 35.52
CA MET B 249 31.14 -8.16 36.36
C MET B 249 30.49 -9.12 37.33
N THR B 250 29.19 -8.98 37.56
CA THR B 250 28.46 -9.87 38.44
C THR B 250 27.59 -10.83 37.68
N SER B 251 27.77 -10.90 36.37
CA SER B 251 27.14 -11.93 35.59
C SER B 251 27.87 -13.25 35.83
N THR B 252 27.29 -14.32 35.30
CA THR B 252 27.90 -15.63 35.32
C THR B 252 27.86 -16.17 33.89
N PRO B 253 29.00 -16.38 33.26
CA PRO B 253 30.34 -16.03 33.76
C PRO B 253 30.48 -14.52 33.86
N PRO B 254 31.36 -14.05 34.73
CA PRO B 254 31.59 -12.61 34.84
C PRO B 254 32.20 -12.05 33.59
N LEU B 255 31.77 -10.87 33.23
CA LEU B 255 32.27 -10.16 32.06
C LEU B 255 33.07 -8.98 32.59
N PHE B 256 34.37 -9.12 32.59
CA PHE B 256 35.24 -8.04 32.99
C PHE B 256 35.84 -7.43 31.73
N TYR B 257 35.17 -6.42 31.22
CA TYR B 257 35.64 -5.73 30.03
C TYR B 257 36.75 -4.75 30.33
N TRP B 258 36.90 -4.34 31.59
CA TRP B 258 37.90 -3.35 31.90
C TRP B 258 39.28 -4.00 31.83
N GLU B 259 40.20 -3.27 31.31
CA GLU B 259 41.62 -3.53 31.46
C GLU B 259 42.18 -2.70 32.58
N PRO B 260 43.34 -3.06 33.09
CA PRO B 260 43.96 -2.26 34.15
C PRO B 260 44.07 -0.80 33.78
N VAL B 261 44.40 -0.50 32.52
CA VAL B 261 44.52 0.88 32.13
C VAL B 261 43.17 1.57 32.09
N SER B 262 42.09 0.83 31.80
CA SER B 262 40.76 1.42 31.93
C SER B 262 40.57 2.01 33.31
N LEU B 263 41.00 1.31 34.35
CA LEU B 263 40.81 1.82 35.69
C LEU B 263 41.72 3.01 35.95
N VAL B 264 42.93 2.99 35.40
CA VAL B 264 43.81 4.14 35.54
C VAL B 264 43.10 5.37 35.01
N ILE B 265 42.56 5.24 33.80
CA ILE B 265 41.94 6.37 33.14
C ILE B 265 40.71 6.82 33.91
N MET B 266 39.89 5.87 34.36
CA MET B 266 38.67 6.26 35.04
C MET B 266 38.99 7.03 36.30
N LYS B 267 39.95 6.54 37.07
CA LYS B 267 40.36 7.27 38.27
C LYS B 267 40.97 8.60 37.91
N SER B 268 41.79 8.64 36.87
CA SER B 268 42.39 9.90 36.47
C SER B 268 41.33 10.91 36.06
N VAL B 269 40.36 10.46 35.26
CA VAL B 269 39.37 11.40 34.75
C VAL B 269 38.59 12.02 35.89
N ARG B 270 38.22 11.20 36.87
CA ARG B 270 37.51 11.75 38.00
C ARG B 270 38.37 12.77 38.71
N GLU B 271 39.66 12.46 38.90
CA GLU B 271 40.55 13.42 39.54
C GLU B 271 40.67 14.68 38.70
N TRP B 272 40.76 14.52 37.38
CA TRP B 272 40.87 15.69 36.51
C TRP B 272 39.64 16.58 36.67
N ARG B 273 38.45 15.99 36.62
CA ARG B 273 37.25 16.78 36.79
C ARG B 273 37.23 17.46 38.15
N GLU B 274 37.59 16.74 39.21
CA GLU B 274 37.58 17.33 40.54
C GLU B 274 38.59 18.46 40.62
N SER B 275 39.67 18.36 39.84
CA SER B 275 40.72 19.37 39.75
C SER B 275 40.28 20.60 38.97
N GLY B 276 39.16 20.53 38.27
CA GLY B 276 38.68 21.62 37.45
C GLY B 276 38.83 21.45 35.95
N LEU B 277 39.15 20.25 35.47
CA LEU B 277 39.12 20.00 34.05
C LEU B 277 37.82 19.26 33.74
N PRO B 278 36.79 19.90 33.19
CA PRO B 278 35.51 19.19 33.01
C PRO B 278 35.62 18.07 32.01
N CYS B 279 35.48 16.86 32.51
CA CYS B 279 35.53 15.67 31.70
C CYS B 279 34.88 14.56 32.51
N ALA B 280 34.54 13.47 31.83
CA ALA B 280 33.84 12.38 32.49
C ALA B 280 34.05 11.16 31.63
N TYR B 281 34.07 10.00 32.27
CA TYR B 281 34.33 8.80 31.53
C TYR B 281 33.05 7.99 31.31
N THR B 282 33.11 7.18 30.27
CA THR B 282 32.11 6.14 30.09
C THR B 282 32.70 5.04 29.26
N LEU B 283 32.32 3.81 29.58
CA LEU B 283 32.84 2.65 28.90
C LEU B 283 31.70 1.81 28.37
N ASP B 284 31.89 1.31 27.16
CA ASP B 284 30.96 0.35 26.60
C ASP B 284 31.48 -1.04 26.93
N ALA B 285 31.21 -2.01 26.08
CA ALA B 285 31.54 -3.41 26.36
C ALA B 285 32.94 -3.67 25.84
N GLY B 286 33.90 -3.06 26.52
CA GLY B 286 35.28 -3.15 26.16
C GLY B 286 36.04 -2.18 27.01
N PRO B 287 37.38 -2.16 26.88
CA PRO B 287 38.21 -1.43 27.82
C PRO B 287 38.47 -0.01 27.40
N ASN B 288 38.19 0.37 26.16
CA ASN B 288 38.44 1.72 25.74
C ASN B 288 37.62 2.66 26.61
N VAL B 289 38.18 3.80 26.94
CA VAL B 289 37.49 4.76 27.78
C VAL B 289 37.09 5.94 26.92
N HIS B 290 35.78 6.20 26.89
CA HIS B 290 35.29 7.38 26.21
C HIS B 290 35.27 8.51 27.22
N VAL B 291 36.03 9.55 26.96
CA VAL B 291 36.10 10.65 27.89
C VAL B 291 35.35 11.81 27.28
N ILE B 292 34.21 12.11 27.85
CA ILE B 292 33.35 13.16 27.36
C ILE B 292 33.77 14.45 28.02
N CYS B 293 33.80 15.54 27.25
CA CYS B 293 34.09 16.83 27.83
C CYS B 293 33.50 17.92 26.97
N PRO B 294 33.19 19.08 27.54
CA PRO B 294 32.92 20.25 26.70
C PRO B 294 34.09 20.45 25.74
N SER B 295 33.77 20.77 24.50
CA SER B 295 34.78 20.70 23.44
C SER B 295 35.96 21.62 23.70
N GLU B 296 35.75 22.73 24.40
CA GLU B 296 36.85 23.64 24.68
C GLU B 296 37.96 22.97 25.47
N TYR B 297 37.64 21.91 26.21
CA TYR B 297 38.63 21.21 26.99
C TYR B 297 39.20 19.97 26.32
N ALA B 298 38.76 19.63 25.11
CA ALA B 298 39.15 18.37 24.51
C ALA B 298 40.65 18.29 24.29
N GLU B 299 41.26 19.38 23.81
CA GLU B 299 42.69 19.34 23.56
C GLU B 299 43.46 18.99 24.81
N GLU B 300 43.12 19.60 25.94
CA GLU B 300 43.77 19.27 27.20
C GLU B 300 43.47 17.84 27.64
N VAL B 301 42.18 17.44 27.59
CA VAL B 301 41.84 16.06 27.92
C VAL B 301 42.65 15.10 27.07
N ILE B 302 42.70 15.35 25.76
CA ILE B 302 43.40 14.45 24.86
C ILE B 302 44.87 14.41 25.22
N PHE B 303 45.47 15.56 25.47
CA PHE B 303 46.87 15.58 25.84
C PHE B 303 47.10 14.71 27.08
N ARG B 304 46.27 14.89 28.10
CA ARG B 304 46.47 14.14 29.34
C ARG B 304 46.22 12.65 29.13
N LEU B 305 45.23 12.29 28.32
CA LEU B 305 44.98 10.89 28.07
C LEU B 305 46.12 10.26 27.29
N THR B 306 46.58 10.98 26.31
CA THR B 306 47.61 10.44 25.41
C THR B 306 48.85 10.04 26.18
N SER B 307 49.18 10.71 27.29
CA SER B 307 50.40 10.39 28.06
C SER B 307 50.20 9.20 29.01
N ILE B 308 49.00 8.62 29.12
CA ILE B 308 48.85 7.49 30.06
C ILE B 308 49.42 6.24 29.44
N PRO B 309 50.32 5.59 30.14
CA PRO B 309 50.83 4.33 29.63
C PRO B 309 49.68 3.37 29.36
N GLY B 310 49.78 2.67 28.24
CA GLY B 310 48.73 1.76 27.81
C GLY B 310 47.69 2.38 26.93
N VAL B 311 47.64 3.71 26.83
CA VAL B 311 46.78 4.36 25.85
C VAL B 311 47.54 4.35 24.52
N GLN B 312 47.04 3.59 23.56
CA GLN B 312 47.69 3.52 22.25
C GLN B 312 47.51 4.83 21.51
N THR B 313 46.32 5.39 21.57
CA THR B 313 46.01 6.62 20.85
C THR B 313 44.67 7.11 21.39
N VAL B 314 44.37 8.37 21.12
CA VAL B 314 43.13 8.99 21.54
C VAL B 314 42.43 9.50 20.31
N LEU B 315 41.20 9.07 20.10
CA LEU B 315 40.40 9.57 19.00
C LEU B 315 39.51 10.70 19.50
N LYS B 316 39.35 11.72 18.68
CA LYS B 316 38.53 12.88 19.04
C LYS B 316 37.28 12.86 18.17
N ALA B 317 36.11 12.88 18.82
CA ALA B 317 34.85 12.85 18.11
C ALA B 317 33.92 13.92 18.66
N SER B 318 33.26 14.63 17.77
CA SER B 318 32.26 15.59 18.17
C SER B 318 30.88 15.00 17.87
N ALA B 319 29.84 15.74 18.23
CA ALA B 319 28.49 15.28 18.02
C ALA B 319 28.18 15.17 16.54
N GLY B 320 27.74 13.98 16.12
CA GLY B 320 27.46 13.69 14.74
C GLY B 320 25.99 13.76 14.37
N ASP B 321 25.77 13.78 13.08
CA ASP B 321 24.43 13.94 12.55
C ASP B 321 23.79 12.57 12.34
N SER B 322 22.57 12.61 11.80
CA SER B 322 21.81 11.40 11.58
C SER B 322 22.40 10.60 10.43
N ALA B 323 21.93 9.37 10.31
CA ALA B 323 22.28 8.54 9.17
C ALA B 323 21.74 9.22 7.92
N LYS B 324 22.51 9.18 6.85
CA LYS B 324 22.15 9.92 5.65
C LYS B 324 22.37 9.04 4.42
N LEU B 325 21.51 9.19 3.43
CA LEU B 325 21.79 8.63 2.12
C LEU B 325 22.78 9.54 1.42
N ILE B 326 23.64 8.96 0.60
CA ILE B 326 24.58 9.74 -0.20
C ILE B 326 24.58 9.18 -1.61
N GLU B 327 25.18 9.95 -2.52
CA GLU B 327 25.28 9.55 -3.92
C GLU B 327 26.65 8.95 -4.22
N GLY C 4 -11.57 -24.18 8.39
CA GLY C 4 -10.52 -23.99 7.38
C GLY C 4 -9.88 -22.63 7.51
N MET C 5 -9.13 -22.21 6.52
CA MET C 5 -8.47 -20.90 6.55
C MET C 5 -9.39 -19.81 5.99
N GLY C 6 -10.59 -20.11 5.61
CA GLY C 6 -11.48 -19.08 5.05
C GLY C 6 -12.39 -19.72 4.04
N GLN C 7 -13.62 -19.38 4.05
CA GLN C 7 -14.56 -20.02 3.12
C GLN C 7 -15.61 -18.99 2.73
N ALA C 8 -16.09 -19.10 1.52
CA ALA C 8 -17.15 -18.23 1.07
C ALA C 8 -17.85 -18.92 -0.09
N THR C 9 -19.09 -18.54 -0.31
CA THR C 9 -19.91 -19.10 -1.37
C THR C 9 -20.41 -17.93 -2.20
N ALA C 10 -20.32 -18.06 -3.51
CA ALA C 10 -20.86 -17.02 -4.37
C ALA C 10 -21.66 -17.68 -5.48
N ILE C 11 -22.55 -16.90 -6.04
CA ILE C 11 -23.31 -17.33 -7.20
C ILE C 11 -23.12 -16.30 -8.30
N ALA C 12 -23.19 -16.78 -9.52
CA ALA C 12 -23.11 -15.90 -10.67
C ALA C 12 -23.89 -16.55 -11.79
N HIS C 13 -24.27 -15.74 -12.71
CA HIS C 13 -25.05 -16.17 -13.85
C HIS C 13 -24.21 -16.12 -15.09
N PRO C 14 -24.51 -16.97 -16.06
CA PRO C 14 -23.93 -16.81 -17.39
C PRO C 14 -24.57 -15.60 -18.01
N ASN C 15 -24.02 -15.20 -19.14
CA ASN C 15 -24.51 -14.01 -19.79
C ASN C 15 -24.54 -14.27 -21.28
N ILE C 16 -25.41 -13.54 -21.96
CA ILE C 16 -25.49 -13.62 -23.40
C ILE C 16 -25.02 -12.29 -23.95
N ALA C 17 -24.07 -12.34 -24.87
CA ALA C 17 -23.47 -11.14 -25.39
C ALA C 17 -24.31 -10.61 -26.54
N PHE C 18 -24.71 -9.36 -26.41
CA PHE C 18 -25.33 -8.59 -27.46
C PHE C 18 -24.27 -8.09 -28.43
N ILE C 19 -23.14 -7.65 -27.91
CA ILE C 19 -21.95 -7.32 -28.68
C ILE C 19 -20.88 -8.31 -28.24
N LYS C 20 -20.32 -9.02 -29.18
CA LYS C 20 -19.51 -10.17 -28.89
C LYS C 20 -18.07 -9.83 -28.58
N TYR C 21 -17.52 -10.60 -27.66
CA TYR C 21 -16.10 -10.74 -27.45
C TYR C 21 -15.59 -11.84 -28.36
N TRP C 22 -14.67 -11.47 -29.25
CA TRP C 22 -14.04 -12.46 -30.11
C TRP C 22 -12.68 -11.96 -30.50
N GLY C 23 -11.65 -12.66 -30.03
CA GLY C 23 -10.28 -12.25 -30.27
C GLY C 23 -9.71 -11.55 -29.06
N ASN C 24 -8.48 -11.86 -28.80
CA ASN C 24 -7.77 -11.23 -27.67
C ASN C 24 -6.58 -10.40 -28.14
N ARG C 25 -6.42 -9.26 -27.54
CA ARG C 25 -5.19 -8.52 -27.64
C ARG C 25 -4.08 -9.20 -26.86
N ASP C 26 -4.43 -9.79 -25.71
CA ASP C 26 -3.49 -10.51 -24.87
C ASP C 26 -4.22 -11.76 -24.42
N ALA C 27 -3.82 -12.90 -24.97
CA ALA C 27 -4.50 -14.15 -24.67
C ALA C 27 -4.29 -14.55 -23.21
N VAL C 28 -3.08 -14.33 -22.69
CA VAL C 28 -2.80 -14.76 -21.31
C VAL C 28 -3.66 -14.02 -20.32
N LEU C 29 -3.77 -12.72 -20.51
CA LEU C 29 -4.52 -11.85 -19.63
C LEU C 29 -5.97 -11.74 -20.06
N ARG C 30 -6.35 -12.30 -21.23
CA ARG C 30 -7.71 -12.20 -21.74
C ARG C 30 -8.14 -10.74 -21.78
N ILE C 31 -7.24 -9.93 -22.31
CA ILE C 31 -7.54 -8.57 -22.72
C ILE C 31 -8.09 -8.64 -24.12
N PRO C 32 -9.34 -8.28 -24.35
CA PRO C 32 -9.98 -8.57 -25.63
C PRO C 32 -9.57 -7.53 -26.64
N GLU C 33 -9.75 -7.91 -27.90
CA GLU C 33 -9.54 -6.93 -28.97
C GLU C 33 -10.62 -5.88 -28.99
N ASN C 34 -11.81 -6.21 -28.50
CA ASN C 34 -12.90 -5.26 -28.58
C ASN C 34 -13.77 -5.38 -27.35
N GLY C 35 -14.54 -4.36 -27.11
CA GLY C 35 -15.49 -4.39 -26.02
C GLY C 35 -16.68 -5.24 -26.36
N SER C 36 -17.49 -5.47 -25.34
CA SER C 36 -18.64 -6.32 -25.51
C SER C 36 -19.70 -5.92 -24.51
N ILE C 37 -20.92 -6.34 -24.78
CA ILE C 37 -22.07 -6.02 -23.94
C ILE C 37 -22.88 -7.29 -23.83
N SER C 38 -23.33 -7.59 -22.62
CA SER C 38 -24.07 -8.82 -22.40
C SER C 38 -25.18 -8.57 -21.39
N MET C 39 -26.06 -9.55 -21.31
CA MET C 39 -27.10 -9.58 -20.30
C MET C 39 -26.93 -10.85 -19.49
N ASN C 40 -26.87 -10.72 -18.18
CA ASN C 40 -26.83 -11.89 -17.33
C ASN C 40 -28.15 -12.63 -17.41
N LEU C 41 -28.07 -13.93 -17.26
CA LEU C 41 -29.24 -14.80 -17.36
C LEU C 41 -29.64 -15.31 -15.99
N ALA C 42 -30.77 -14.82 -15.49
CA ALA C 42 -31.13 -14.99 -14.09
C ALA C 42 -31.31 -16.45 -13.71
N GLU C 43 -31.90 -17.24 -14.60
CA GLU C 43 -32.36 -18.59 -14.25
C GLU C 43 -31.28 -19.65 -14.33
N LEU C 44 -30.09 -19.26 -14.73
CA LEU C 44 -28.94 -20.15 -14.79
C LEU C 44 -27.95 -19.61 -13.80
N THR C 45 -27.45 -20.49 -12.94
CA THR C 45 -26.55 -20.05 -11.91
C THR C 45 -25.47 -21.08 -11.72
N VAL C 46 -24.27 -20.60 -11.47
CA VAL C 46 -23.20 -21.39 -10.92
C VAL C 46 -23.05 -20.93 -9.48
N LYS C 47 -23.06 -21.87 -8.56
CA LYS C 47 -22.84 -21.59 -7.16
C LYS C 47 -21.54 -22.26 -6.78
N THR C 48 -20.62 -21.50 -6.20
CA THR C 48 -19.32 -22.04 -5.89
C THR C 48 -18.93 -21.67 -4.48
N THR C 49 -18.51 -22.69 -3.73
CA THR C 49 -17.93 -22.49 -2.41
C THR C 49 -16.44 -22.73 -2.52
N VAL C 50 -15.66 -21.83 -1.93
CA VAL C 50 -14.22 -21.97 -1.88
C VAL C 50 -13.88 -22.10 -0.40
N ILE C 51 -13.13 -23.14 -0.06
CA ILE C 51 -12.69 -23.35 1.31
C ILE C 51 -11.18 -23.49 1.25
N PHE C 52 -10.47 -22.51 1.79
CA PHE C 52 -9.03 -22.59 1.85
C PHE C 52 -8.64 -23.48 3.03
N GLU C 53 -7.69 -24.39 2.80
CA GLU C 53 -7.37 -25.42 3.76
C GLU C 53 -5.86 -25.40 3.98
N LYS C 54 -5.44 -25.37 5.24
CA LYS C 54 -4.02 -25.37 5.55
C LYS C 54 -3.34 -26.64 5.05
N HIS C 55 -4.03 -27.78 5.10
CA HIS C 55 -3.41 -29.07 4.82
C HIS C 55 -3.56 -29.51 3.36
N SER C 56 -4.05 -28.66 2.48
CA SER C 56 -4.13 -28.99 1.07
C SER C 56 -2.83 -28.60 0.37
N ARG C 57 -2.23 -29.56 -0.32
CA ARG C 57 -1.07 -29.29 -1.18
C ARG C 57 -1.49 -28.88 -2.58
N GLU C 58 -2.71 -29.25 -2.97
CA GLU C 58 -3.26 -29.02 -4.29
C GLU C 58 -4.66 -28.47 -4.07
N ASP C 59 -5.18 -27.74 -5.06
CA ASP C 59 -6.60 -27.45 -5.00
C ASP C 59 -7.38 -28.69 -5.44
N THR C 60 -8.62 -28.77 -4.98
CA THR C 60 -9.55 -29.79 -5.43
C THR C 60 -10.79 -29.09 -5.95
N LEU C 61 -11.30 -29.56 -7.08
CA LEU C 61 -12.50 -29.01 -7.68
C LEU C 61 -13.57 -30.09 -7.76
N ILE C 62 -14.70 -29.82 -7.14
CA ILE C 62 -15.87 -30.70 -7.21
C ILE C 62 -16.93 -29.96 -8.02
N LEU C 63 -17.45 -30.62 -9.05
CA LEU C 63 -18.49 -30.06 -9.90
C LEU C 63 -19.74 -30.93 -9.80
N ASN C 64 -20.81 -30.37 -9.27
CA ASN C 64 -22.07 -31.10 -9.10
C ASN C 64 -21.82 -32.43 -8.38
N GLY C 65 -21.01 -32.36 -7.34
CA GLY C 65 -20.80 -33.50 -6.47
C GLY C 65 -19.76 -34.48 -6.96
N ALA C 66 -19.18 -34.25 -8.11
CA ALA C 66 -18.18 -35.14 -8.68
C ALA C 66 -16.88 -34.41 -8.91
N LEU C 67 -15.78 -35.13 -8.72
CA LEU C 67 -14.46 -34.61 -9.02
C LEU C 67 -14.43 -34.07 -10.44
N ALA C 68 -13.81 -32.90 -10.60
CA ALA C 68 -13.71 -32.36 -11.93
C ALA C 68 -12.66 -33.11 -12.75
N ASP C 69 -12.73 -32.93 -14.03
CA ASP C 69 -11.71 -33.46 -14.94
C ASP C 69 -10.43 -32.65 -14.71
N GLU C 70 -9.33 -33.13 -15.14
CA GLU C 70 -8.06 -32.49 -14.83
C GLU C 70 -7.91 -31.11 -15.50
N PRO C 71 -8.32 -30.94 -16.76
CA PRO C 71 -8.19 -29.58 -17.32
C PRO C 71 -9.03 -28.55 -16.58
N ALA C 72 -10.23 -28.93 -16.12
CA ALA C 72 -11.05 -27.99 -15.34
C ALA C 72 -10.36 -27.66 -14.03
N LEU C 73 -9.81 -28.67 -13.35
CA LEU C 73 -9.07 -28.39 -12.13
C LEU C 73 -7.88 -27.49 -12.44
N LYS C 74 -7.18 -27.76 -13.54
CA LYS C 74 -6.01 -26.97 -13.85
C LYS C 74 -6.39 -25.51 -14.10
N ARG C 75 -7.53 -25.29 -14.78
CA ARG C 75 -7.98 -23.93 -15.01
C ARG C 75 -8.29 -23.23 -13.71
N VAL C 76 -9.03 -23.92 -12.83
CA VAL C 76 -9.38 -23.34 -11.55
C VAL C 76 -8.15 -23.10 -10.72
N SER C 77 -7.25 -24.08 -10.73
CA SER C 77 -5.97 -24.00 -9.96
C SER C 77 -5.18 -22.77 -10.40
N HIS C 78 -4.96 -22.63 -11.69
CA HIS C 78 -4.23 -21.48 -12.24
C HIS C 78 -4.90 -20.18 -11.80
N PHE C 79 -6.23 -20.17 -11.84
CA PHE C 79 -6.98 -18.99 -11.44
C PHE C 79 -6.76 -18.71 -9.96
N LEU C 80 -6.85 -19.75 -9.12
CA LEU C 80 -6.63 -19.54 -7.70
C LEU C 80 -5.19 -19.11 -7.43
N ASP C 81 -4.24 -19.52 -8.27
CA ASP C 81 -2.88 -19.03 -8.13
C ASP C 81 -2.86 -17.51 -8.22
N ARG C 82 -3.65 -16.95 -9.13
CA ARG C 82 -3.73 -15.50 -9.23
C ARG C 82 -4.27 -14.90 -7.94
N VAL C 83 -5.35 -15.48 -7.41
CA VAL C 83 -5.86 -15.01 -6.13
C VAL C 83 -4.80 -15.11 -5.06
N ARG C 84 -4.12 -16.26 -4.98
CA ARG C 84 -3.06 -16.44 -4.01
C ARG C 84 -1.97 -15.39 -4.20
N GLU C 85 -1.52 -15.19 -5.44
CA GLU C 85 -0.50 -14.18 -5.70
C GLU C 85 -0.96 -12.81 -5.19
N PHE C 86 -2.21 -12.45 -5.50
CA PHE C 86 -2.73 -11.14 -5.11
C PHE C 86 -2.83 -11.01 -3.59
N ALA C 87 -3.45 -11.98 -2.92
CA ALA C 87 -3.67 -11.85 -1.50
C ALA C 87 -2.40 -12.08 -0.67
N GLY C 88 -1.31 -12.49 -1.31
CA GLY C 88 -0.12 -12.86 -0.57
C GLY C 88 -0.31 -14.06 0.33
N ILE C 89 -1.12 -15.02 -0.10
CA ILE C 89 -1.43 -16.19 0.71
C ILE C 89 -1.28 -17.44 -0.16
N SER C 90 -0.85 -18.52 0.49
CA SER C 90 -0.40 -19.72 -0.20
C SER C 90 -1.38 -20.87 -0.13
N TRP C 91 -2.45 -20.73 0.65
CA TRP C 91 -3.36 -21.82 0.92
C TRP C 91 -3.98 -22.36 -0.37
N HIS C 92 -4.09 -23.66 -0.45
CA HIS C 92 -4.86 -24.26 -1.53
C HIS C 92 -6.26 -24.48 -1.02
N ALA C 93 -7.15 -24.81 -1.94
CA ALA C 93 -8.55 -24.74 -1.59
C ALA C 93 -9.29 -25.95 -2.10
N HIS C 94 -10.37 -26.24 -1.42
CA HIS C 94 -11.42 -27.08 -1.95
C HIS C 94 -12.42 -26.16 -2.61
N VAL C 95 -12.77 -26.45 -3.84
CA VAL C 95 -13.72 -25.64 -4.59
C VAL C 95 -14.88 -26.56 -4.90
N ILE C 96 -16.04 -26.24 -4.38
CA ILE C 96 -17.24 -27.04 -4.56
C ILE C 96 -18.17 -26.18 -5.38
N SER C 97 -18.47 -26.63 -6.59
CA SER C 97 -19.27 -25.83 -7.51
C SER C 97 -20.43 -26.66 -8.01
N GLU C 98 -21.57 -26.00 -8.16
CA GLU C 98 -22.71 -26.66 -8.75
C GLU C 98 -23.42 -25.68 -9.66
N ASN C 99 -24.02 -26.20 -10.70
CA ASN C 99 -24.81 -25.35 -11.55
C ASN C 99 -26.11 -26.06 -11.87
N ASN C 100 -27.10 -25.27 -12.24
CA ASN C 100 -28.41 -25.76 -12.65
C ASN C 100 -28.57 -25.75 -14.15
N PHE C 101 -27.47 -25.80 -14.89
CA PHE C 101 -27.57 -25.72 -16.35
C PHE C 101 -28.13 -27.04 -16.87
N PRO C 102 -29.12 -27.02 -17.76
CA PRO C 102 -29.64 -28.29 -18.29
C PRO C 102 -28.52 -29.09 -18.96
N THR C 103 -28.38 -30.35 -18.55
CA THR C 103 -27.27 -31.13 -19.07
C THR C 103 -27.43 -31.30 -20.58
N GLY C 104 -26.29 -31.32 -21.27
CA GLY C 104 -26.29 -31.43 -22.72
C GLY C 104 -26.85 -30.25 -23.49
N ALA C 105 -27.35 -29.20 -22.82
CA ALA C 105 -27.87 -28.06 -23.55
C ALA C 105 -26.78 -27.21 -24.18
N GLY C 106 -25.52 -27.45 -23.84
CA GLY C 106 -24.43 -26.72 -24.44
C GLY C 106 -24.33 -25.29 -23.99
N ILE C 107 -24.91 -24.93 -22.85
CA ILE C 107 -24.78 -23.58 -22.32
C ILE C 107 -23.43 -23.45 -21.65
N ALA C 108 -22.60 -22.55 -22.15
CA ALA C 108 -21.26 -22.39 -21.63
C ALA C 108 -21.35 -21.89 -20.21
N SER C 109 -20.54 -22.47 -19.34
CA SER C 109 -20.58 -22.16 -17.94
C SER C 109 -19.43 -21.30 -17.47
N SER C 110 -18.43 -21.03 -18.33
CA SER C 110 -17.17 -20.48 -17.83
C SER C 110 -17.35 -19.07 -17.29
N ALA C 111 -18.21 -18.26 -17.92
CA ALA C 111 -18.41 -16.91 -17.41
C ALA C 111 -18.95 -16.96 -15.99
N ALA C 112 -20.05 -17.69 -15.81
CA ALA C 112 -20.65 -17.83 -14.51
C ALA C 112 -19.67 -18.45 -13.55
N ALA C 113 -18.95 -19.46 -14.00
CA ALA C 113 -18.08 -20.19 -13.09
C ALA C 113 -16.96 -19.29 -12.59
N PHE C 114 -16.31 -18.55 -13.48
CA PHE C 114 -15.18 -17.75 -13.04
C PHE C 114 -15.61 -16.49 -12.31
N ALA C 115 -16.82 -16.01 -12.60
CA ALA C 115 -17.34 -14.90 -11.83
C ALA C 115 -17.61 -15.36 -10.41
N ALA C 116 -18.28 -16.50 -10.28
CA ALA C 116 -18.57 -17.04 -8.96
C ALA C 116 -17.27 -17.36 -8.23
N LEU C 117 -16.31 -17.95 -8.94
CA LEU C 117 -15.05 -18.29 -8.29
C LEU C 117 -14.28 -17.04 -7.87
N ALA C 118 -14.28 -15.99 -8.71
CA ALA C 118 -13.54 -14.79 -8.34
C ALA C 118 -14.07 -14.22 -7.04
N LEU C 119 -15.39 -14.16 -6.91
CA LEU C 119 -16.02 -13.61 -5.73
C LEU C 119 -15.84 -14.52 -4.54
N ALA C 120 -16.12 -15.82 -4.71
CA ALA C 120 -16.00 -16.72 -3.58
C ALA C 120 -14.56 -16.79 -3.08
N ALA C 121 -13.61 -16.91 -4.01
CA ALA C 121 -12.22 -17.12 -3.61
C ALA C 121 -11.66 -15.89 -2.93
N THR C 122 -11.96 -14.71 -3.46
CA THR C 122 -11.42 -13.52 -2.83
C THR C 122 -12.11 -13.28 -1.50
N SER C 123 -13.41 -13.50 -1.43
CA SER C 123 -14.09 -13.33 -0.16
C SER C 123 -13.57 -14.35 0.85
N ALA C 124 -13.35 -15.58 0.40
CA ALA C 124 -12.88 -16.62 1.32
C ALA C 124 -11.51 -16.28 1.89
N ILE C 125 -10.65 -15.68 1.08
CA ILE C 125 -9.27 -15.40 1.48
C ILE C 125 -9.19 -14.08 2.23
N GLY C 126 -10.32 -13.45 2.51
CA GLY C 126 -10.37 -12.26 3.32
C GLY C 126 -10.40 -10.93 2.58
N LEU C 127 -10.51 -10.95 1.26
CA LEU C 127 -10.44 -9.70 0.51
C LEU C 127 -11.83 -9.11 0.34
N HIS C 128 -11.87 -7.81 0.09
CA HIS C 128 -13.11 -7.10 -0.17
C HIS C 128 -12.88 -6.25 -1.43
N LEU C 129 -12.98 -6.89 -2.58
CA LEU C 129 -12.66 -6.21 -3.83
C LEU C 129 -13.84 -5.39 -4.31
N SER C 130 -13.53 -4.31 -4.98
CA SER C 130 -14.55 -3.57 -5.67
C SER C 130 -15.09 -4.42 -6.82
N GLU C 131 -16.25 -4.05 -7.33
CA GLU C 131 -16.74 -4.73 -8.50
C GLU C 131 -15.73 -4.67 -9.63
N ARG C 132 -15.10 -3.51 -9.83
CA ARG C 132 -14.12 -3.41 -10.90
C ARG C 132 -13.04 -4.47 -10.72
N ASP C 133 -12.50 -4.57 -9.52
CA ASP C 133 -11.38 -5.48 -9.31
C ASP C 133 -11.83 -6.93 -9.40
N LEU C 134 -13.04 -7.24 -8.92
CA LEU C 134 -13.61 -8.57 -9.12
C LEU C 134 -13.75 -8.90 -10.59
N SER C 135 -14.24 -7.95 -11.38
CA SER C 135 -14.39 -8.19 -12.80
C SER C 135 -13.02 -8.39 -13.46
N ARG C 136 -12.05 -7.55 -13.13
CA ARG C 136 -10.71 -7.70 -13.65
C ARG C 136 -10.18 -9.08 -13.36
N LEU C 137 -10.41 -9.56 -12.13
CA LEU C 137 -9.92 -10.90 -11.75
C LEU C 137 -10.64 -11.97 -12.53
N ALA C 138 -11.96 -11.91 -12.53
CA ALA C 138 -12.76 -12.92 -13.21
C ALA C 138 -12.35 -13.02 -14.66
N ARG C 139 -12.02 -11.88 -15.26
CA ARG C 139 -11.63 -11.84 -16.67
C ARG C 139 -10.51 -12.81 -16.97
N LYS C 140 -9.58 -12.96 -16.02
CA LYS C 140 -8.41 -13.80 -16.25
C LYS C 140 -8.73 -15.27 -16.14
N GLY C 141 -9.88 -15.63 -15.59
CA GLY C 141 -10.32 -17.02 -15.67
C GLY C 141 -10.96 -17.28 -17.01
N SER C 142 -11.91 -16.42 -17.36
CA SER C 142 -12.48 -16.48 -18.69
C SER C 142 -12.92 -15.06 -19.00
N GLY C 143 -12.61 -14.59 -20.20
CA GLY C 143 -12.90 -13.22 -20.50
C GLY C 143 -14.33 -12.83 -20.18
N SER C 144 -15.28 -13.59 -20.69
CA SER C 144 -16.67 -13.24 -20.52
C SER C 144 -17.09 -13.31 -19.06
N ALA C 145 -16.34 -14.03 -18.21
CA ALA C 145 -16.64 -14.03 -16.80
C ALA C 145 -16.61 -12.63 -16.22
N CYS C 146 -15.83 -11.73 -16.81
CA CYS C 146 -15.80 -10.38 -16.25
C CYS C 146 -17.14 -9.69 -16.35
N ARG C 147 -17.97 -10.12 -17.30
CA ARG C 147 -19.28 -9.54 -17.51
C ARG C 147 -20.34 -10.15 -16.61
N SER C 148 -20.05 -11.28 -15.97
CA SER C 148 -20.99 -11.88 -15.01
C SER C 148 -20.78 -11.37 -13.59
N ILE C 149 -19.74 -10.57 -13.37
CA ILE C 149 -19.54 -9.97 -12.07
C ILE C 149 -20.57 -8.88 -11.87
N PRO C 150 -20.67 -7.87 -12.74
CA PRO C 150 -21.74 -6.89 -12.56
C PRO C 150 -23.08 -7.50 -12.93
N GLY C 151 -24.12 -6.74 -12.63
CA GLY C 151 -25.49 -7.21 -12.79
C GLY C 151 -26.16 -6.65 -14.03
N GLY C 152 -27.15 -7.40 -14.50
CA GLY C 152 -28.04 -6.86 -15.50
C GLY C 152 -27.42 -6.88 -16.86
N PHE C 153 -27.43 -5.72 -17.46
CA PHE C 153 -26.83 -5.45 -18.75
C PHE C 153 -25.47 -4.89 -18.46
N VAL C 154 -24.45 -5.43 -19.09
CA VAL C 154 -23.09 -5.23 -18.63
C VAL C 154 -22.25 -4.92 -19.86
N GLU C 155 -21.33 -3.97 -19.71
CA GLU C 155 -20.39 -3.68 -20.77
C GLU C 155 -18.98 -3.99 -20.29
N TRP C 156 -18.26 -4.76 -21.09
CA TRP C 156 -16.85 -5.01 -20.87
C TRP C 156 -16.08 -3.94 -21.62
N ILE C 157 -15.41 -3.10 -20.83
CA ILE C 157 -14.49 -2.09 -21.29
C ILE C 157 -13.21 -2.81 -21.68
N PRO C 158 -12.82 -2.79 -22.92
CA PRO C 158 -11.81 -3.77 -23.35
C PRO C 158 -10.44 -3.45 -22.80
N GLY C 159 -10.03 -2.18 -22.89
CA GLY C 159 -8.75 -1.77 -22.40
C GLY C 159 -7.58 -2.36 -23.17
N GLU C 160 -6.41 -1.99 -22.69
CA GLU C 160 -5.18 -2.43 -23.28
C GLU C 160 -4.25 -2.98 -22.23
N THR C 161 -4.69 -3.00 -20.97
CA THR C 161 -3.88 -3.48 -19.90
C THR C 161 -4.75 -4.26 -18.94
N ASP C 162 -4.08 -5.04 -18.09
CA ASP C 162 -4.80 -5.82 -17.11
C ASP C 162 -5.72 -4.96 -16.27
N GLU C 163 -5.24 -3.80 -15.86
CA GLU C 163 -6.05 -2.97 -14.98
C GLU C 163 -7.22 -2.36 -15.74
N ASP C 164 -7.07 -2.19 -17.03
CA ASP C 164 -8.05 -1.41 -17.77
C ASP C 164 -9.17 -2.27 -18.32
N SER C 165 -9.07 -3.56 -18.20
CA SER C 165 -10.01 -4.44 -18.90
C SER C 165 -10.94 -5.05 -17.86
N TYR C 166 -12.17 -4.58 -17.82
CA TYR C 166 -13.17 -5.00 -16.86
C TYR C 166 -14.52 -4.55 -17.35
N ALA C 167 -15.55 -5.02 -16.67
CA ALA C 167 -16.91 -4.74 -17.05
C ALA C 167 -17.60 -3.99 -15.95
N VAL C 168 -18.62 -3.24 -16.36
CA VAL C 168 -19.47 -2.46 -15.47
C VAL C 168 -20.89 -2.70 -15.92
N SER C 169 -21.82 -2.51 -15.01
CA SER C 169 -23.22 -2.60 -15.36
C SER C 169 -23.64 -1.36 -16.13
N ILE C 170 -24.23 -1.57 -17.30
CA ILE C 170 -24.95 -0.54 -18.02
C ILE C 170 -26.27 -0.25 -17.34
N ALA C 171 -26.97 -1.29 -16.88
CA ALA C 171 -28.30 -1.07 -16.38
C ALA C 171 -28.64 -2.28 -15.56
N PRO C 172 -29.35 -2.11 -14.47
CA PRO C 172 -29.76 -3.25 -13.69
C PRO C 172 -30.78 -4.07 -14.44
N PRO C 173 -30.96 -5.32 -14.06
CA PRO C 173 -31.88 -6.18 -14.81
C PRO C 173 -33.26 -5.59 -14.92
N GLU C 174 -33.75 -4.93 -13.86
CA GLU C 174 -35.09 -4.38 -13.87
C GLU C 174 -35.24 -3.21 -14.83
N HIS C 175 -34.15 -2.69 -15.40
CA HIS C 175 -34.26 -1.59 -16.32
C HIS C 175 -35.04 -1.97 -17.57
N TRP C 176 -34.91 -3.19 -18.04
CA TRP C 176 -35.52 -3.56 -19.30
C TRP C 176 -35.87 -5.03 -19.24
N ALA C 177 -37.15 -5.33 -19.35
CA ALA C 177 -37.61 -6.71 -19.28
C ALA C 177 -37.36 -7.32 -20.64
N LEU C 178 -36.18 -7.89 -20.79
CA LEU C 178 -35.85 -8.67 -21.96
C LEU C 178 -35.69 -10.11 -21.53
N THR C 179 -36.11 -11.01 -22.40
CA THR C 179 -35.94 -12.43 -22.19
C THR C 179 -35.03 -12.97 -23.27
N ASP C 180 -34.18 -13.89 -22.88
CA ASP C 180 -33.42 -14.72 -23.81
C ASP C 180 -34.10 -16.06 -23.91
N CYS C 181 -34.64 -16.37 -25.07
CA CYS C 181 -35.24 -17.66 -25.33
C CYS C 181 -34.21 -18.45 -26.09
N ILE C 182 -33.61 -19.42 -25.42
CA ILE C 182 -32.44 -20.10 -25.92
C ILE C 182 -32.89 -21.38 -26.60
N ALA C 183 -32.78 -21.41 -27.92
CA ALA C 183 -33.13 -22.60 -28.70
C ALA C 183 -31.95 -23.55 -28.62
N ILE C 184 -32.17 -24.69 -28.00
CA ILE C 184 -31.13 -25.68 -27.82
C ILE C 184 -31.25 -26.62 -29.00
N LEU C 185 -30.17 -26.79 -29.73
CA LEU C 185 -30.24 -27.63 -30.92
C LEU C 185 -29.96 -29.08 -30.54
N SER C 186 -30.89 -29.96 -30.94
CA SER C 186 -30.76 -31.38 -30.65
C SER C 186 -29.35 -31.87 -30.98
N THR C 187 -28.92 -31.64 -32.21
CA THR C 187 -27.65 -32.16 -32.70
C THR C 187 -26.56 -31.10 -32.68
N PRO C 191 -18.26 -28.57 -30.02
CA PRO C 191 -17.76 -27.38 -30.73
C PRO C 191 -16.36 -27.00 -30.29
N ILE C 192 -15.55 -26.50 -31.22
CA ILE C 192 -14.20 -26.04 -30.87
C ILE C 192 -14.32 -24.95 -29.82
N GLY C 193 -13.50 -25.06 -28.78
CA GLY C 193 -13.63 -24.17 -27.64
C GLY C 193 -13.28 -22.74 -27.97
N SER C 194 -13.80 -21.84 -27.13
CA SER C 194 -13.56 -20.42 -27.32
C SER C 194 -12.06 -20.12 -27.32
N THR C 195 -11.30 -20.75 -26.42
CA THR C 195 -9.87 -20.43 -26.34
C THR C 195 -9.20 -20.61 -27.69
N GLN C 196 -9.44 -21.77 -28.33
CA GLN C 196 -8.91 -22.03 -29.65
C GLN C 196 -9.49 -21.06 -30.67
N GLY C 197 -10.79 -20.80 -30.57
CA GLY C 197 -11.43 -19.94 -31.56
C GLY C 197 -10.93 -18.51 -31.48
N HIS C 198 -10.81 -17.97 -30.27
CA HIS C 198 -10.28 -16.61 -30.16
C HIS C 198 -8.92 -16.51 -30.81
N ALA C 199 -8.06 -17.51 -30.57
CA ALA C 199 -6.71 -17.47 -31.08
C ALA C 199 -6.71 -17.49 -32.59
N LEU C 200 -7.69 -18.13 -33.20
CA LEU C 200 -7.76 -18.20 -34.64
C LEU C 200 -8.32 -16.94 -35.26
N ALA C 201 -8.90 -16.03 -34.47
CA ALA C 201 -9.53 -14.86 -35.06
C ALA C 201 -8.55 -14.07 -35.89
N SER C 202 -7.28 -14.04 -35.50
CA SER C 202 -6.31 -13.25 -36.25
C SER C 202 -6.03 -13.83 -37.62
N THR C 203 -6.42 -15.08 -37.87
CA THR C 203 -6.25 -15.64 -39.20
C THR C 203 -7.31 -15.15 -40.18
N SER C 204 -8.42 -14.58 -39.69
CA SER C 204 -9.42 -14.10 -40.62
C SER C 204 -9.00 -12.73 -41.13
N PRO C 205 -9.04 -12.51 -42.43
CA PRO C 205 -8.74 -11.17 -42.95
C PRO C 205 -9.77 -10.17 -42.55
N LEU C 206 -10.89 -10.60 -42.00
CA LEU C 206 -11.97 -9.70 -41.68
C LEU C 206 -12.00 -9.27 -40.24
N GLN C 207 -11.15 -9.87 -39.40
CA GLN C 207 -11.21 -9.59 -37.98
C GLN C 207 -10.80 -8.15 -37.69
N PRO C 208 -9.73 -7.62 -38.30
CA PRO C 208 -9.41 -6.22 -37.97
C PRO C 208 -10.54 -5.25 -38.23
N ALA C 209 -11.24 -5.40 -39.35
CA ALA C 209 -12.35 -4.53 -39.65
C ALA C 209 -13.48 -4.73 -38.65
N ARG C 210 -13.77 -5.99 -38.31
CA ARG C 210 -14.80 -6.21 -37.32
C ARG C 210 -14.44 -5.50 -36.02
N VAL C 211 -13.20 -5.69 -35.57
CA VAL C 211 -12.74 -5.09 -34.32
C VAL C 211 -12.85 -3.57 -34.38
N ALA C 212 -12.34 -2.99 -35.46
CA ALA C 212 -12.29 -1.53 -35.54
C ALA C 212 -13.67 -0.93 -35.50
N ASP C 213 -14.68 -1.65 -35.98
CA ASP C 213 -16.04 -1.18 -36.02
C ASP C 213 -16.77 -1.39 -34.72
N THR C 214 -16.15 -2.05 -33.74
CA THR C 214 -16.93 -2.41 -32.56
C THR C 214 -17.45 -1.19 -31.81
N PRO C 215 -16.73 -0.08 -31.67
CA PRO C 215 -17.31 1.04 -30.92
C PRO C 215 -18.60 1.52 -31.52
N ARG C 216 -18.71 1.52 -32.84
CA ARG C 216 -19.96 1.90 -33.47
C ARG C 216 -21.08 1.00 -32.99
N ARG C 217 -20.81 -0.30 -32.93
CA ARG C 217 -21.82 -1.27 -32.52
C ARG C 217 -22.12 -1.19 -31.04
N LEU C 218 -21.09 -1.02 -30.22
CA LEU C 218 -21.28 -0.88 -28.80
C LEU C 218 -22.09 0.36 -28.48
N GLU C 219 -21.81 1.45 -29.17
CA GLU C 219 -22.52 2.69 -28.88
C GLU C 219 -23.99 2.56 -29.22
N ILE C 220 -24.31 1.85 -30.31
CA ILE C 220 -25.70 1.61 -30.64
C ILE C 220 -26.38 0.74 -29.59
N VAL C 221 -25.70 -0.32 -29.14
CA VAL C 221 -26.34 -1.22 -28.19
C VAL C 221 -26.45 -0.58 -26.83
N ARG C 222 -25.44 0.12 -26.45
CA ARG C 222 -25.49 0.82 -25.15
C ARG C 222 -26.66 1.79 -25.15
N ARG C 223 -26.78 2.59 -26.20
CA ARG C 223 -27.88 3.58 -26.32
C ARG C 223 -29.22 2.84 -26.39
N ALA C 224 -29.27 1.68 -27.05
CA ALA C 224 -30.55 0.94 -27.16
C ALA C 224 -30.97 0.44 -25.78
N ILE C 225 -30.05 -0.04 -25.00
CA ILE C 225 -30.38 -0.53 -23.65
C ILE C 225 -30.83 0.64 -22.79
N LEU C 226 -30.10 1.72 -22.82
CA LEU C 226 -30.47 2.82 -21.96
C LEU C 226 -31.83 3.37 -22.35
N GLU C 227 -32.11 3.41 -23.62
CA GLU C 227 -33.39 3.96 -24.13
C GLU C 227 -34.46 2.89 -24.30
N ARG C 228 -34.17 1.66 -24.04
CA ARG C 228 -35.10 0.55 -24.27
C ARG C 228 -35.63 0.55 -25.69
N ASP C 229 -34.71 0.62 -26.64
CA ASP C 229 -35.03 0.71 -28.06
C ASP C 229 -34.80 -0.68 -28.62
N PHE C 230 -35.85 -1.49 -28.64
CA PHE C 230 -35.64 -2.87 -29.00
C PHE C 230 -35.21 -3.02 -30.46
N LEU C 231 -35.85 -2.30 -31.38
CA LEU C 231 -35.52 -2.50 -32.78
C LEU C 231 -34.05 -2.20 -33.04
N SER C 232 -33.52 -1.15 -32.42
CA SER C 232 -32.11 -0.84 -32.64
C SER C 232 -31.24 -1.94 -32.07
N LEU C 233 -31.62 -2.42 -30.89
CA LEU C 233 -30.88 -3.52 -30.28
C LEU C 233 -30.95 -4.74 -31.18
N ALA C 234 -32.16 -5.06 -31.65
CA ALA C 234 -32.37 -6.28 -32.41
C ALA C 234 -31.50 -6.29 -33.65
N GLU C 235 -31.52 -5.22 -34.42
CA GLU C 235 -30.79 -5.23 -35.67
C GLU C 235 -29.29 -5.29 -35.39
N MET C 236 -28.83 -4.62 -34.34
CA MET C 236 -27.40 -4.63 -34.05
C MET C 236 -26.96 -5.98 -33.50
N ILE C 237 -27.75 -6.61 -32.61
CA ILE C 237 -27.22 -7.87 -32.09
C ILE C 237 -27.13 -8.91 -33.20
N GLU C 238 -28.05 -8.91 -34.15
CA GLU C 238 -27.95 -9.83 -35.26
C GLU C 238 -26.72 -9.51 -36.09
N HIS C 239 -26.52 -8.23 -36.37
CA HIS C 239 -25.38 -7.83 -37.16
C HIS C 239 -24.09 -8.20 -36.47
N ASP C 240 -24.02 -7.95 -35.18
CA ASP C 240 -22.81 -8.24 -34.43
C ASP C 240 -22.57 -9.74 -34.34
N SER C 241 -23.63 -10.51 -34.14
CA SER C 241 -23.49 -11.95 -34.15
C SER C 241 -22.96 -12.39 -35.50
N ASN C 242 -23.52 -11.84 -36.58
CA ASN C 242 -23.08 -12.22 -37.92
C ASN C 242 -21.64 -11.83 -38.15
N LEU C 243 -21.20 -10.69 -37.62
CA LEU C 243 -19.83 -10.29 -37.81
C LEU C 243 -18.88 -11.26 -37.15
N MET C 244 -19.22 -11.70 -35.93
CA MET C 244 -18.35 -12.64 -35.26
C MET C 244 -18.28 -13.95 -36.02
N HIS C 245 -19.43 -14.46 -36.45
CA HIS C 245 -19.46 -15.71 -37.17
C HIS C 245 -18.80 -15.57 -38.52
N ALA C 246 -18.91 -14.39 -39.13
CA ALA C 246 -18.17 -14.15 -40.36
C ALA C 246 -16.67 -14.29 -40.14
N VAL C 247 -16.17 -13.74 -39.03
CA VAL C 247 -14.76 -13.92 -38.74
C VAL C 247 -14.46 -15.38 -38.47
N MET C 248 -15.29 -16.04 -37.67
CA MET C 248 -15.08 -17.45 -37.40
C MET C 248 -15.00 -18.24 -38.70
N MET C 249 -15.96 -18.03 -39.59
CA MET C 249 -16.04 -18.82 -40.78
C MET C 249 -14.97 -18.49 -41.80
N THR C 250 -14.30 -17.34 -41.63
CA THR C 250 -13.21 -16.96 -42.53
C THR C 250 -11.87 -17.08 -41.84
N SER C 251 -11.84 -17.71 -40.68
CA SER C 251 -10.60 -18.10 -40.04
C SER C 251 -10.00 -19.28 -40.80
N THR C 252 -8.74 -19.58 -40.49
CA THR C 252 -8.06 -20.74 -41.05
C THR C 252 -7.49 -21.50 -39.88
N PRO C 253 -7.96 -22.71 -39.60
CA PRO C 253 -9.08 -23.37 -40.28
C PRO C 253 -10.39 -22.65 -39.95
N PRO C 254 -11.38 -22.79 -40.82
CA PRO C 254 -12.64 -22.09 -40.58
C PRO C 254 -13.38 -22.71 -39.42
N LEU C 255 -14.09 -21.87 -38.70
CA LEU C 255 -14.90 -22.29 -37.55
C LEU C 255 -16.35 -22.11 -37.91
N PHE C 256 -17.02 -23.20 -38.25
CA PHE C 256 -18.43 -23.14 -38.56
C PHE C 256 -19.21 -23.71 -37.39
N TYR C 257 -19.58 -22.83 -36.47
CA TYR C 257 -20.35 -23.24 -35.30
C TYR C 257 -21.82 -23.47 -35.61
N TRP C 258 -22.33 -22.91 -36.68
CA TRP C 258 -23.74 -23.02 -36.97
C TRP C 258 -24.06 -24.46 -37.34
N GLU C 259 -25.18 -24.90 -36.87
CA GLU C 259 -25.78 -26.08 -37.44
C GLU C 259 -26.83 -25.66 -38.43
N PRO C 260 -27.27 -26.59 -39.28
CA PRO C 260 -28.33 -26.25 -40.22
C PRO C 260 -29.53 -25.59 -39.58
N VAL C 261 -29.97 -26.10 -38.43
CA VAL C 261 -31.15 -25.53 -37.81
C VAL C 261 -30.85 -24.15 -37.25
N SER C 262 -29.58 -23.84 -36.90
CA SER C 262 -29.24 -22.48 -36.50
C SER C 262 -29.66 -21.51 -37.58
N LEU C 263 -29.43 -21.88 -38.84
CA LEU C 263 -29.73 -20.98 -39.92
C LEU C 263 -31.23 -20.86 -40.10
N VAL C 264 -31.95 -21.97 -39.95
CA VAL C 264 -33.40 -21.87 -39.99
C VAL C 264 -33.88 -20.87 -38.96
N ILE C 265 -33.36 -20.99 -37.74
CA ILE C 265 -33.80 -20.11 -36.66
C ILE C 265 -33.45 -18.67 -36.99
N MET C 266 -32.22 -18.42 -37.42
CA MET C 266 -31.83 -17.04 -37.68
C MET C 266 -32.75 -16.43 -38.71
N LYS C 267 -32.99 -17.14 -39.82
CA LYS C 267 -33.88 -16.60 -40.84
C LYS C 267 -35.27 -16.40 -40.30
N SER C 268 -35.74 -17.35 -39.49
CA SER C 268 -37.11 -17.31 -38.97
C SER C 268 -37.28 -16.11 -38.03
N VAL C 269 -36.32 -15.92 -37.14
CA VAL C 269 -36.39 -14.81 -36.20
C VAL C 269 -36.47 -13.49 -36.95
N ARG C 270 -35.63 -13.31 -37.96
CA ARG C 270 -35.70 -12.07 -38.70
C ARG C 270 -37.08 -11.91 -39.31
N GLU C 271 -37.62 -12.99 -39.87
CA GLU C 271 -38.94 -12.94 -40.47
C GLU C 271 -39.99 -12.62 -39.42
N TRP C 272 -39.86 -13.23 -38.24
CA TRP C 272 -40.86 -12.97 -37.20
C TRP C 272 -40.85 -11.50 -36.81
N ARG C 273 -39.66 -10.95 -36.62
CA ARG C 273 -39.57 -9.55 -36.24
C ARG C 273 -40.16 -8.68 -37.35
N GLU C 274 -39.79 -8.98 -38.60
CA GLU C 274 -40.28 -8.18 -39.71
C GLU C 274 -41.80 -8.25 -39.83
N SER C 275 -42.41 -9.31 -39.34
CA SER C 275 -43.85 -9.44 -39.46
C SER C 275 -44.55 -9.10 -38.15
N GLY C 276 -43.84 -8.54 -37.18
CA GLY C 276 -44.47 -7.90 -36.04
C GLY C 276 -44.23 -8.53 -34.69
N LEU C 277 -43.40 -9.57 -34.59
CA LEU C 277 -43.06 -10.12 -33.30
C LEU C 277 -41.68 -9.65 -32.90
N PRO C 278 -41.54 -8.73 -31.93
CA PRO C 278 -40.20 -8.21 -31.61
C PRO C 278 -39.31 -9.27 -31.01
N CYS C 279 -38.29 -9.64 -31.77
CA CYS C 279 -37.34 -10.63 -31.30
C CYS C 279 -36.10 -10.47 -32.18
N ALA C 280 -35.01 -11.06 -31.74
CA ALA C 280 -33.75 -10.92 -32.45
C ALA C 280 -32.86 -12.06 -32.01
N TYR C 281 -32.02 -12.54 -32.93
CA TYR C 281 -31.16 -13.64 -32.63
C TYR C 281 -29.76 -13.20 -32.33
N THR C 282 -29.06 -14.06 -31.61
CA THR C 282 -27.63 -13.95 -31.47
C THR C 282 -27.07 -15.32 -31.13
N LEU C 283 -25.86 -15.57 -31.60
CA LEU C 283 -25.24 -16.85 -31.41
C LEU C 283 -23.84 -16.66 -30.87
N ASP C 284 -23.49 -17.51 -29.90
CA ASP C 284 -22.12 -17.56 -29.44
C ASP C 284 -21.34 -18.59 -30.25
N ALA C 285 -20.33 -19.21 -29.63
CA ALA C 285 -19.47 -20.16 -30.34
C ALA C 285 -20.07 -21.54 -30.21
N GLY C 286 -21.17 -21.70 -30.91
CA GLY C 286 -21.94 -22.90 -30.86
C GLY C 286 -23.20 -22.66 -31.62
N PRO C 287 -24.00 -23.73 -31.81
CA PRO C 287 -25.15 -23.65 -32.70
C PRO C 287 -26.42 -23.18 -32.03
N ASN C 288 -26.47 -23.14 -30.71
CA ASN C 288 -27.68 -22.72 -30.02
C ASN C 288 -27.98 -21.29 -30.40
N VAL C 289 -29.25 -20.97 -30.53
CA VAL C 289 -29.62 -19.62 -30.91
C VAL C 289 -30.30 -18.96 -29.74
N HIS C 290 -29.76 -17.83 -29.31
CA HIS C 290 -30.37 -17.04 -28.27
C HIS C 290 -31.27 -16.05 -28.96
N VAL C 291 -32.54 -16.08 -28.61
CA VAL C 291 -33.51 -15.18 -29.21
C VAL C 291 -33.93 -14.21 -28.13
N ILE C 292 -33.53 -13.00 -28.29
CA ILE C 292 -33.81 -11.94 -27.33
C ILE C 292 -35.11 -11.30 -27.72
N CYS C 293 -35.93 -11.00 -26.73
CA CYS C 293 -37.18 -10.31 -27.02
C CYS C 293 -37.65 -9.58 -25.78
N PRO C 294 -38.43 -8.52 -25.94
CA PRO C 294 -39.18 -8.00 -24.80
C PRO C 294 -39.96 -9.13 -24.17
N SER C 295 -39.94 -9.17 -22.84
CA SER C 295 -40.45 -10.34 -22.13
C SER C 295 -41.90 -10.63 -22.46
N GLU C 296 -42.67 -9.61 -22.79
CA GLU C 296 -44.08 -9.85 -23.08
C GLU C 296 -44.28 -10.72 -24.30
N TYR C 297 -43.25 -10.87 -25.14
CA TYR C 297 -43.34 -11.68 -26.34
C TYR C 297 -42.68 -13.03 -26.18
N ALA C 298 -42.10 -13.31 -25.01
CA ALA C 298 -41.31 -14.50 -24.87
C ALA C 298 -42.13 -15.75 -25.13
N GLU C 299 -43.33 -15.79 -24.61
CA GLU C 299 -44.14 -17.00 -24.80
C GLU C 299 -44.41 -17.21 -26.29
N GLU C 300 -44.67 -16.18 -27.02
CA GLU C 300 -44.89 -16.36 -28.45
C GLU C 300 -43.61 -16.79 -29.14
N VAL C 301 -42.49 -16.17 -28.78
CA VAL C 301 -41.21 -16.54 -29.37
C VAL C 301 -40.91 -18.01 -29.07
N ILE C 302 -41.09 -18.41 -27.81
CA ILE C 302 -40.80 -19.78 -27.42
C ILE C 302 -41.69 -20.75 -28.19
N PHE C 303 -42.97 -20.41 -28.35
CA PHE C 303 -43.85 -21.28 -29.11
C PHE C 303 -43.34 -21.44 -30.53
N ARG C 304 -42.94 -20.34 -31.16
CA ARG C 304 -42.50 -20.43 -32.54
C ARG C 304 -41.20 -21.21 -32.63
N LEU C 305 -40.28 -21.01 -31.68
CA LEU C 305 -39.03 -21.73 -31.71
C LEU C 305 -39.24 -23.20 -31.49
N THR C 306 -40.11 -23.54 -30.52
CA THR C 306 -40.34 -24.94 -30.19
C THR C 306 -40.89 -25.68 -31.39
N SER C 307 -41.57 -24.97 -32.29
CA SER C 307 -42.17 -25.56 -33.47
C SER C 307 -41.17 -25.82 -34.58
N ILE C 308 -39.98 -25.27 -34.48
CA ILE C 308 -39.02 -25.42 -35.58
C ILE C 308 -38.43 -26.83 -35.50
N PRO C 309 -38.52 -27.60 -36.57
CA PRO C 309 -37.92 -28.92 -36.57
C PRO C 309 -36.44 -28.82 -36.24
N GLY C 310 -35.99 -29.66 -35.32
CA GLY C 310 -34.61 -29.68 -34.91
C GLY C 310 -34.34 -28.91 -33.64
N VAL C 311 -35.27 -28.09 -33.18
CA VAL C 311 -35.12 -27.45 -31.87
C VAL C 311 -35.52 -28.47 -30.81
N GLN C 312 -34.58 -28.81 -29.94
CA GLN C 312 -34.83 -29.84 -28.93
C GLN C 312 -35.65 -29.28 -27.77
N THR C 313 -35.24 -28.14 -27.27
CA THR C 313 -36.04 -27.45 -26.29
C THR C 313 -35.64 -25.99 -26.34
N VAL C 314 -36.33 -25.18 -25.58
CA VAL C 314 -36.08 -23.73 -25.54
C VAL C 314 -36.02 -23.36 -24.09
N LEU C 315 -34.94 -22.74 -23.68
CA LEU C 315 -34.80 -22.27 -22.32
C LEU C 315 -35.22 -20.82 -22.28
N LYS C 316 -35.89 -20.43 -21.21
CA LYS C 316 -36.36 -19.07 -21.04
C LYS C 316 -35.56 -18.44 -19.92
N ALA C 317 -34.88 -17.35 -20.22
CA ALA C 317 -34.09 -16.67 -19.21
C ALA C 317 -34.38 -15.18 -19.25
N SER C 318 -34.46 -14.57 -18.08
CA SER C 318 -34.63 -13.15 -17.93
C SER C 318 -33.32 -12.54 -17.45
N ALA C 319 -33.30 -11.22 -17.34
CA ALA C 319 -32.07 -10.52 -16.95
C ALA C 319 -31.70 -10.80 -15.50
N GLY C 320 -30.45 -11.20 -15.30
CA GLY C 320 -29.98 -11.61 -14.00
C GLY C 320 -29.16 -10.54 -13.30
N ASP C 321 -29.03 -10.73 -12.00
CA ASP C 321 -28.30 -9.80 -11.17
C ASP C 321 -26.80 -10.11 -11.20
N SER C 322 -26.08 -9.33 -10.39
CA SER C 322 -24.65 -9.46 -10.28
C SER C 322 -24.27 -10.71 -9.53
N ALA C 323 -23.02 -11.10 -9.67
CA ALA C 323 -22.47 -12.15 -8.81
C ALA C 323 -22.63 -11.69 -7.37
N LYS C 324 -23.00 -12.62 -6.51
CA LYS C 324 -23.32 -12.29 -5.14
C LYS C 324 -22.68 -13.30 -4.23
N LEU C 325 -22.27 -12.85 -3.05
CA LEU C 325 -21.94 -13.75 -1.97
C LEU C 325 -23.22 -14.22 -1.33
N ILE C 326 -23.25 -15.50 -0.96
CA ILE C 326 -24.42 -16.07 -0.32
C ILE C 326 -23.96 -16.98 0.81
N GLU C 327 -24.92 -17.46 1.58
CA GLU C 327 -24.65 -18.53 2.53
C GLU C 327 -24.63 -19.85 1.78
N GLN C 328 -23.64 -20.70 2.09
CA GLN C 328 -23.65 -22.05 1.56
C GLN C 328 -24.95 -22.74 1.98
N SER C 329 -25.46 -23.60 1.10
CA SER C 329 -26.68 -24.32 1.42
C SER C 329 -26.48 -25.15 2.69
N LEU C 330 -27.59 -25.42 3.37
CA LEU C 330 -27.55 -26.18 4.63
C LEU C 330 -27.25 -27.66 4.41
N MET D 5 -31.87 -8.19 -91.43
CA MET D 5 -30.72 -7.26 -91.58
C MET D 5 -29.44 -7.93 -91.11
N GLY D 6 -29.52 -9.07 -90.47
CA GLY D 6 -28.32 -9.80 -90.01
C GLY D 6 -28.70 -10.71 -88.88
N GLN D 7 -28.22 -11.90 -88.88
CA GLN D 7 -28.62 -12.87 -87.85
C GLN D 7 -27.40 -13.69 -87.47
N ALA D 8 -27.38 -14.09 -86.25
CA ALA D 8 -26.29 -14.90 -85.78
C ALA D 8 -26.76 -15.60 -84.52
N THR D 9 -26.14 -16.75 -84.25
CA THR D 9 -26.42 -17.56 -83.09
C THR D 9 -25.11 -17.86 -82.39
N ALA D 10 -25.11 -17.68 -81.07
CA ALA D 10 -23.95 -17.99 -80.27
C ALA D 10 -24.36 -18.89 -79.12
N ILE D 11 -23.39 -19.63 -78.61
CA ILE D 11 -23.61 -20.41 -77.41
C ILE D 11 -22.56 -19.96 -76.40
N ALA D 12 -22.93 -20.02 -75.13
CA ALA D 12 -21.97 -19.75 -74.08
C ALA D 12 -22.37 -20.55 -72.87
N HIS D 13 -21.42 -20.74 -72.00
CA HIS D 13 -21.61 -21.52 -70.79
C HIS D 13 -21.61 -20.63 -69.59
N PRO D 14 -22.35 -20.99 -68.55
CA PRO D 14 -22.16 -20.36 -67.26
C PRO D 14 -20.79 -20.73 -66.76
N ASN D 15 -20.41 -20.11 -65.65
CA ASN D 15 -19.10 -20.29 -65.08
C ASN D 15 -19.26 -20.31 -63.58
N ILE D 16 -18.35 -21.01 -62.93
CA ILE D 16 -18.34 -21.05 -61.47
C ILE D 16 -17.09 -20.33 -61.04
N ALA D 17 -17.28 -19.31 -60.19
CA ALA D 17 -16.16 -18.51 -59.78
C ALA D 17 -15.42 -19.19 -58.64
N PHE D 18 -14.12 -19.36 -58.84
CA PHE D 18 -13.23 -19.81 -57.80
C PHE D 18 -12.85 -18.65 -56.89
N ILE D 19 -12.66 -17.47 -57.48
CA ILE D 19 -12.47 -16.23 -56.75
C ILE D 19 -13.65 -15.37 -57.17
N LYS D 20 -14.42 -14.94 -56.20
CA LYS D 20 -15.72 -14.36 -56.47
C LYS D 20 -15.65 -12.89 -56.85
N TYR D 21 -16.54 -12.52 -57.73
CA TYR D 21 -16.92 -11.15 -57.96
C TYR D 21 -18.04 -10.79 -57.01
N TRP D 22 -17.82 -9.78 -56.19
CA TRP D 22 -18.89 -9.32 -55.31
C TRP D 22 -18.60 -7.88 -54.95
N GLY D 23 -19.48 -6.99 -55.38
CA GLY D 23 -19.30 -5.57 -55.17
C GLY D 23 -18.78 -4.93 -56.43
N ASN D 24 -19.27 -3.76 -56.71
CA ASN D 24 -18.80 -3.00 -57.87
C ASN D 24 -18.24 -1.66 -57.45
N ARG D 25 -17.21 -1.26 -58.13
CA ARG D 25 -16.79 0.13 -58.05
C ARG D 25 -17.69 1.03 -58.88
N ASP D 26 -18.18 0.50 -59.98
CA ASP D 26 -19.11 1.22 -60.84
C ASP D 26 -20.28 0.28 -61.10
N ALA D 27 -21.39 0.53 -60.45
CA ALA D 27 -22.55 -0.34 -60.55
C ALA D 27 -23.10 -0.36 -61.98
N VAL D 28 -23.15 0.80 -62.63
CA VAL D 28 -23.78 0.83 -63.96
C VAL D 28 -22.94 0.08 -64.98
N LEU D 29 -21.64 0.27 -64.97
CA LEU D 29 -20.75 -0.36 -65.92
C LEU D 29 -20.27 -1.71 -65.44
N ARG D 30 -20.63 -2.09 -64.23
CA ARG D 30 -20.20 -3.36 -63.68
C ARG D 30 -18.68 -3.47 -63.74
N ILE D 31 -18.02 -2.41 -63.26
CA ILE D 31 -16.60 -2.46 -62.96
C ILE D 31 -16.47 -2.97 -61.53
N PRO D 32 -15.87 -4.12 -61.33
CA PRO D 32 -15.95 -4.80 -60.04
C PRO D 32 -14.97 -4.19 -59.07
N GLU D 33 -15.25 -4.41 -57.79
CA GLU D 33 -14.28 -4.01 -56.77
C GLU D 33 -13.03 -4.87 -56.83
N ASN D 34 -13.13 -6.10 -57.30
CA ASN D 34 -12.00 -6.99 -57.29
C ASN D 34 -12.06 -7.90 -58.49
N GLY D 35 -10.93 -8.51 -58.78
CA GLY D 35 -10.85 -9.47 -59.86
C GLY D 35 -11.47 -10.76 -59.45
N SER D 36 -11.65 -11.61 -60.44
CA SER D 36 -12.26 -12.91 -60.16
C SER D 36 -11.71 -13.93 -61.14
N ILE D 37 -11.89 -15.21 -60.79
CA ILE D 37 -11.43 -16.30 -61.64
C ILE D 37 -12.52 -17.33 -61.64
N SER D 38 -12.80 -17.89 -62.80
CA SER D 38 -13.88 -18.85 -62.89
C SER D 38 -13.52 -19.92 -63.88
N MET D 39 -14.35 -20.96 -63.89
CA MET D 39 -14.26 -22.03 -64.84
C MET D 39 -15.58 -22.11 -65.56
N ASN D 40 -15.54 -22.13 -66.89
CA ASN D 40 -16.77 -22.32 -67.64
C ASN D 40 -17.27 -23.75 -67.42
N LEU D 41 -18.56 -23.93 -67.52
CA LEU D 41 -19.20 -25.23 -67.29
C LEU D 41 -19.73 -25.75 -68.63
N ALA D 42 -19.03 -26.77 -69.15
CA ALA D 42 -19.26 -27.24 -70.51
C ALA D 42 -20.69 -27.71 -70.74
N GLU D 43 -21.28 -28.38 -69.78
CA GLU D 43 -22.54 -29.07 -70.02
C GLU D 43 -23.76 -28.19 -69.85
N LEU D 44 -23.57 -26.94 -69.48
CA LEU D 44 -24.67 -26.00 -69.40
C LEU D 44 -24.45 -24.95 -70.46
N THR D 45 -25.48 -24.63 -71.19
CA THR D 45 -25.35 -23.74 -72.34
C THR D 45 -26.55 -22.84 -72.46
N VAL D 46 -26.28 -21.59 -72.79
CA VAL D 46 -27.30 -20.71 -73.31
C VAL D 46 -26.99 -20.51 -74.78
N LYS D 47 -28.00 -20.70 -75.60
CA LYS D 47 -27.90 -20.53 -77.05
C LYS D 47 -28.77 -19.35 -77.39
N THR D 48 -28.23 -18.39 -78.11
CA THR D 48 -29.01 -17.20 -78.37
C THR D 48 -28.84 -16.85 -79.82
N THR D 49 -29.98 -16.59 -80.44
CA THR D 49 -30.01 -16.12 -81.81
C THR D 49 -30.49 -14.68 -81.79
N VAL D 50 -29.80 -13.84 -82.54
CA VAL D 50 -30.15 -12.45 -82.66
C VAL D 50 -30.41 -12.18 -84.13
N ILE D 51 -31.55 -11.56 -84.41
CA ILE D 51 -31.99 -11.24 -85.75
C ILE D 51 -32.31 -9.75 -85.74
N PHE D 52 -31.47 -8.95 -86.39
CA PHE D 52 -31.79 -7.55 -86.55
C PHE D 52 -32.77 -7.40 -87.70
N GLU D 53 -33.82 -6.61 -87.46
CA GLU D 53 -34.95 -6.48 -88.38
C GLU D 53 -35.19 -5.00 -88.62
N LYS D 54 -35.14 -4.57 -89.88
CA LYS D 54 -35.26 -3.15 -90.15
C LYS D 54 -36.62 -2.59 -89.74
N HIS D 55 -37.67 -3.40 -89.72
CA HIS D 55 -38.97 -2.84 -89.40
C HIS D 55 -39.39 -3.02 -87.95
N SER D 56 -38.65 -3.75 -87.13
CA SER D 56 -39.03 -3.83 -85.73
C SER D 56 -38.82 -2.46 -85.07
N ARG D 57 -39.85 -2.00 -84.37
CA ARG D 57 -39.79 -0.75 -83.62
C ARG D 57 -39.17 -0.92 -82.25
N GLU D 58 -39.14 -2.16 -81.76
CA GLU D 58 -38.76 -2.52 -80.40
C GLU D 58 -37.98 -3.81 -80.49
N ASP D 59 -37.01 -3.99 -79.61
CA ASP D 59 -36.43 -5.32 -79.49
C ASP D 59 -37.47 -6.26 -78.89
N THR D 60 -37.37 -7.53 -79.25
CA THR D 60 -38.17 -8.57 -78.60
C THR D 60 -37.25 -9.67 -78.10
N LEU D 61 -37.57 -10.20 -76.94
CA LEU D 61 -36.80 -11.26 -76.32
C LEU D 61 -37.69 -12.44 -76.03
N ILE D 62 -37.34 -13.59 -76.58
CA ILE D 62 -37.98 -14.87 -76.31
C ILE D 62 -36.99 -15.71 -75.52
N LEU D 63 -37.42 -16.21 -74.35
CA LEU D 63 -36.60 -17.07 -73.50
C LEU D 63 -37.25 -18.45 -73.45
N ASN D 64 -36.57 -19.44 -74.00
CA ASN D 64 -37.08 -20.82 -74.04
C ASN D 64 -38.50 -20.85 -74.60
N GLY D 65 -38.68 -20.26 -75.78
CA GLY D 65 -39.95 -20.29 -76.48
C GLY D 65 -41.00 -19.33 -75.99
N ALA D 66 -40.78 -18.64 -74.87
CA ALA D 66 -41.78 -17.76 -74.27
C ALA D 66 -41.29 -16.33 -74.18
N LEU D 67 -42.23 -15.38 -74.29
CA LEU D 67 -41.90 -13.97 -74.18
C LEU D 67 -41.27 -13.67 -72.82
N ALA D 68 -40.23 -12.86 -72.83
CA ALA D 68 -39.57 -12.48 -71.59
C ALA D 68 -40.38 -11.39 -70.88
N ASP D 69 -40.15 -11.28 -69.61
CA ASP D 69 -40.74 -10.21 -68.78
C ASP D 69 -40.10 -8.89 -69.19
N GLU D 70 -40.75 -7.79 -68.93
CA GLU D 70 -40.23 -6.49 -69.36
C GLU D 70 -38.85 -6.18 -68.77
N PRO D 71 -38.57 -6.51 -67.50
CA PRO D 71 -37.20 -6.26 -66.99
C PRO D 71 -36.14 -6.96 -67.81
N ALA D 72 -36.35 -8.25 -68.12
CA ALA D 72 -35.38 -8.98 -68.93
C ALA D 72 -35.26 -8.34 -70.30
N LEU D 73 -36.38 -7.95 -70.90
CA LEU D 73 -36.33 -7.29 -72.20
C LEU D 73 -35.55 -5.98 -72.11
N LYS D 74 -35.82 -5.18 -71.08
CA LYS D 74 -35.15 -3.88 -71.05
C LYS D 74 -33.64 -4.06 -70.86
N ARG D 75 -33.23 -5.03 -70.04
CA ARG D 75 -31.80 -5.32 -69.94
C ARG D 75 -31.21 -5.63 -71.30
N VAL D 76 -31.87 -6.53 -72.03
CA VAL D 76 -31.38 -6.91 -73.34
C VAL D 76 -31.36 -5.72 -74.28
N SER D 77 -32.41 -4.89 -74.21
CA SER D 77 -32.51 -3.77 -75.14
C SER D 77 -31.42 -2.75 -74.86
N HIS D 78 -31.18 -2.44 -73.58
CA HIS D 78 -30.08 -1.53 -73.25
C HIS D 78 -28.76 -2.10 -73.73
N PHE D 79 -28.58 -3.41 -73.55
CA PHE D 79 -27.38 -4.06 -74.04
C PHE D 79 -27.29 -3.94 -75.55
N LEU D 80 -28.41 -4.16 -76.24
CA LEU D 80 -28.37 -4.07 -77.70
C LEU D 80 -28.11 -2.64 -78.15
N ASP D 81 -28.53 -1.65 -77.35
CA ASP D 81 -28.18 -0.26 -77.67
C ASP D 81 -26.66 -0.09 -77.77
N ARG D 82 -25.90 -0.79 -76.94
CA ARG D 82 -24.45 -0.67 -77.03
C ARG D 82 -23.94 -1.29 -78.32
N VAL D 83 -24.56 -2.38 -78.77
CA VAL D 83 -24.15 -3.04 -79.99
C VAL D 83 -24.47 -2.15 -81.17
N ARG D 84 -25.66 -1.57 -81.18
CA ARG D 84 -26.05 -0.69 -82.27
C ARG D 84 -25.06 0.45 -82.40
N GLU D 85 -24.67 1.03 -81.26
CA GLU D 85 -23.71 2.13 -81.29
C GLU D 85 -22.41 1.71 -81.96
N PHE D 86 -21.87 0.55 -81.57
CA PHE D 86 -20.60 0.12 -82.16
C PHE D 86 -20.75 -0.14 -83.64
N ALA D 87 -21.92 -0.60 -84.08
CA ALA D 87 -22.13 -0.94 -85.47
C ALA D 87 -22.56 0.25 -86.32
N GLY D 88 -22.95 1.36 -85.69
CA GLY D 88 -23.50 2.48 -86.43
C GLY D 88 -24.79 2.12 -87.12
N ILE D 89 -25.60 1.28 -86.49
CA ILE D 89 -26.80 0.73 -87.09
C ILE D 89 -27.86 0.65 -86.02
N SER D 90 -29.06 1.18 -86.28
CA SER D 90 -30.08 1.38 -85.26
C SER D 90 -31.20 0.33 -85.31
N TRP D 91 -31.05 -0.72 -86.12
CA TRP D 91 -32.09 -1.73 -86.24
C TRP D 91 -32.37 -2.37 -84.88
N HIS D 92 -33.65 -2.57 -84.58
CA HIS D 92 -34.03 -3.37 -83.43
C HIS D 92 -33.94 -4.86 -83.78
N ALA D 93 -33.92 -5.68 -82.75
CA ALA D 93 -33.60 -7.08 -82.94
C ALA D 93 -34.62 -7.98 -82.28
N HIS D 94 -34.81 -9.13 -82.88
CA HIS D 94 -35.45 -10.25 -82.21
C HIS D 94 -34.36 -11.11 -81.62
N VAL D 95 -34.51 -11.42 -80.34
CA VAL D 95 -33.53 -12.22 -79.63
C VAL D 95 -34.27 -13.46 -79.16
N ILE D 96 -33.80 -14.61 -79.59
CA ILE D 96 -34.39 -15.89 -79.20
C ILE D 96 -33.31 -16.64 -78.44
N SER D 97 -33.59 -16.96 -77.19
CA SER D 97 -32.59 -17.58 -76.37
C SER D 97 -33.18 -18.79 -75.65
N GLU D 98 -32.37 -19.80 -75.52
CA GLU D 98 -32.80 -20.98 -74.79
C GLU D 98 -31.59 -21.52 -74.06
N ASN D 99 -31.87 -22.25 -73.00
CA ASN D 99 -30.78 -22.86 -72.27
C ASN D 99 -31.23 -24.26 -71.91
N ASN D 100 -30.24 -25.09 -71.61
CA ASN D 100 -30.48 -26.45 -71.17
C ASN D 100 -30.35 -26.59 -69.67
N PHE D 101 -30.58 -25.54 -68.94
CA PHE D 101 -30.39 -25.65 -67.50
C PHE D 101 -31.55 -26.42 -66.91
N PRO D 102 -31.31 -27.30 -65.95
CA PRO D 102 -32.42 -28.04 -65.33
C PRO D 102 -33.43 -27.09 -64.71
N THR D 103 -34.70 -27.34 -64.97
CA THR D 103 -35.75 -26.46 -64.49
C THR D 103 -35.78 -26.48 -62.97
N GLY D 104 -35.93 -25.31 -62.37
CA GLY D 104 -35.96 -25.18 -60.93
C GLY D 104 -34.63 -25.29 -60.23
N ALA D 105 -33.55 -25.62 -60.94
CA ALA D 105 -32.27 -25.86 -60.27
C ALA D 105 -31.65 -24.60 -59.70
N GLY D 106 -32.14 -23.42 -60.08
CA GLY D 106 -31.57 -22.18 -59.58
C GLY D 106 -30.19 -21.87 -60.09
N ILE D 107 -29.82 -22.38 -61.25
CA ILE D 107 -28.50 -22.10 -61.81
C ILE D 107 -28.62 -20.79 -62.58
N ALA D 108 -27.83 -19.81 -62.19
CA ALA D 108 -27.92 -18.48 -62.77
C ALA D 108 -27.48 -18.55 -64.22
N SER D 109 -28.28 -17.93 -65.08
CA SER D 109 -28.00 -17.99 -66.50
C SER D 109 -27.44 -16.68 -67.02
N SER D 110 -27.35 -15.64 -66.20
CA SER D 110 -27.04 -14.30 -66.73
C SER D 110 -25.68 -14.26 -67.39
N ALA D 111 -24.67 -14.88 -66.78
CA ALA D 111 -23.33 -14.84 -67.36
C ALA D 111 -23.35 -15.48 -68.75
N ALA D 112 -23.88 -16.69 -68.85
CA ALA D 112 -23.93 -17.35 -70.13
C ALA D 112 -24.80 -16.57 -71.09
N ALA D 113 -25.90 -16.00 -70.60
CA ALA D 113 -26.84 -15.34 -71.48
C ALA D 113 -26.24 -14.08 -72.08
N PHE D 114 -25.55 -13.27 -71.28
CA PHE D 114 -24.98 -12.05 -71.85
C PHE D 114 -23.72 -12.32 -72.64
N ALA D 115 -22.97 -13.38 -72.31
CA ALA D 115 -21.88 -13.78 -73.17
C ALA D 115 -22.41 -14.20 -74.53
N ALA D 116 -23.42 -15.06 -74.54
CA ALA D 116 -23.97 -15.50 -75.82
C ALA D 116 -24.56 -14.33 -76.57
N LEU D 117 -25.24 -13.43 -75.87
CA LEU D 117 -25.84 -12.30 -76.53
C LEU D 117 -24.78 -11.37 -77.10
N ALA D 118 -23.72 -11.12 -76.34
CA ALA D 118 -22.66 -10.25 -76.84
C ALA D 118 -22.15 -10.77 -78.18
N LEU D 119 -21.88 -12.05 -78.25
CA LEU D 119 -21.32 -12.65 -79.45
C LEU D 119 -22.34 -12.71 -80.55
N ALA D 120 -23.55 -13.18 -80.24
CA ALA D 120 -24.57 -13.32 -81.27
C ALA D 120 -24.96 -11.96 -81.83
N ALA D 121 -25.17 -10.99 -80.93
CA ALA D 121 -25.65 -9.69 -81.37
C ALA D 121 -24.60 -8.99 -82.21
N THR D 122 -23.35 -9.01 -81.77
CA THR D 122 -22.33 -8.30 -82.54
C THR D 122 -22.07 -9.00 -83.86
N SER D 123 -22.06 -10.33 -83.88
CA SER D 123 -21.91 -11.04 -85.14
C SER D 123 -23.07 -10.74 -86.07
N ALA D 124 -24.29 -10.68 -85.52
CA ALA D 124 -25.46 -10.50 -86.37
C ALA D 124 -25.48 -9.14 -87.03
N ILE D 125 -24.97 -8.11 -86.34
CA ILE D 125 -24.95 -6.76 -86.88
C ILE D 125 -23.76 -6.51 -87.77
N GLY D 126 -22.89 -7.50 -87.95
CA GLY D 126 -21.78 -7.41 -88.87
C GLY D 126 -20.46 -7.03 -88.24
N LEU D 127 -20.37 -7.04 -86.92
CA LEU D 127 -19.12 -6.74 -86.25
C LEU D 127 -18.28 -8.00 -86.13
N HIS D 128 -16.99 -7.79 -85.91
CA HIS D 128 -16.05 -8.87 -85.68
C HIS D 128 -15.23 -8.41 -84.49
N LEU D 129 -15.82 -8.52 -83.31
CA LEU D 129 -15.14 -8.03 -82.12
C LEU D 129 -14.13 -9.04 -81.64
N SER D 130 -13.07 -8.52 -81.02
CA SER D 130 -12.10 -9.35 -80.36
C SER D 130 -12.75 -10.00 -79.14
N GLU D 131 -12.10 -11.04 -78.64
CA GLU D 131 -12.56 -11.65 -77.41
C GLU D 131 -12.58 -10.61 -76.29
N ARG D 132 -11.54 -9.78 -76.22
CA ARG D 132 -11.50 -8.76 -75.19
C ARG D 132 -12.69 -7.83 -75.31
N ASP D 133 -13.01 -7.40 -76.54
CA ASP D 133 -14.14 -6.48 -76.71
C ASP D 133 -15.45 -7.16 -76.38
N LEU D 134 -15.58 -8.45 -76.73
CA LEU D 134 -16.77 -9.21 -76.40
C LEU D 134 -16.89 -9.31 -74.88
N SER D 135 -15.77 -9.56 -74.20
CA SER D 135 -15.79 -9.67 -72.74
C SER D 135 -16.20 -8.34 -72.12
N ARG D 136 -15.61 -7.27 -72.61
CA ARG D 136 -15.94 -5.91 -72.13
C ARG D 136 -17.43 -5.64 -72.34
N LEU D 137 -17.99 -6.05 -73.48
CA LEU D 137 -19.38 -5.81 -73.74
C LEU D 137 -20.26 -6.65 -72.83
N ALA D 138 -19.96 -7.95 -72.74
CA ALA D 138 -20.74 -8.84 -71.90
C ALA D 138 -20.76 -8.34 -70.47
N ARG D 139 -19.61 -7.82 -70.01
CA ARG D 139 -19.52 -7.31 -68.65
C ARG D 139 -20.61 -6.32 -68.35
N LYS D 140 -20.96 -5.47 -69.33
CA LYS D 140 -22.00 -4.47 -69.10
C LYS D 140 -23.40 -5.07 -69.09
N GLY D 141 -23.57 -6.28 -69.54
CA GLY D 141 -24.83 -6.97 -69.36
C GLY D 141 -24.95 -7.55 -67.97
N SER D 142 -23.96 -8.36 -67.62
CA SER D 142 -23.86 -8.91 -66.28
C SER D 142 -22.37 -9.09 -66.07
N GLY D 143 -21.87 -8.61 -64.93
CA GLY D 143 -20.45 -8.63 -64.73
C GLY D 143 -19.83 -9.96 -65.08
N SER D 144 -20.32 -11.05 -64.46
CA SER D 144 -19.69 -12.36 -64.62
C SER D 144 -19.86 -12.91 -66.04
N ALA D 145 -20.74 -12.32 -66.84
CA ALA D 145 -20.79 -12.69 -68.25
C ALA D 145 -19.46 -12.46 -68.94
N CYS D 146 -18.67 -11.50 -68.49
CA CYS D 146 -17.39 -11.24 -69.15
C CYS D 146 -16.48 -12.45 -69.05
N ARG D 147 -16.69 -13.29 -68.04
CA ARG D 147 -15.84 -14.49 -67.80
C ARG D 147 -16.30 -15.65 -68.70
N SER D 148 -17.52 -15.62 -69.21
CA SER D 148 -18.03 -16.68 -70.07
C SER D 148 -17.66 -16.45 -71.51
N ILE D 149 -17.10 -15.29 -71.84
CA ILE D 149 -16.69 -15.07 -73.23
C ILE D 149 -15.45 -15.89 -73.52
N PRO D 150 -14.37 -15.78 -72.74
CA PRO D 150 -13.23 -16.63 -72.97
C PRO D 150 -13.53 -18.04 -72.50
N GLY D 151 -12.61 -18.92 -72.81
CA GLY D 151 -12.83 -20.32 -72.53
C GLY D 151 -12.03 -20.85 -71.36
N GLY D 152 -12.49 -21.96 -70.81
CA GLY D 152 -11.75 -22.68 -69.83
C GLY D 152 -11.74 -22.03 -68.48
N PHE D 153 -10.54 -21.74 -68.02
CA PHE D 153 -10.31 -21.07 -66.76
C PHE D 153 -10.04 -19.62 -67.11
N VAL D 154 -10.77 -18.73 -66.46
CA VAL D 154 -10.88 -17.36 -66.93
C VAL D 154 -10.69 -16.42 -65.77
N GLU D 155 -9.93 -15.37 -66.02
CA GLU D 155 -9.70 -14.34 -65.03
C GLU D 155 -10.28 -13.03 -65.53
N TRP D 156 -11.10 -12.43 -64.70
CA TRP D 156 -11.58 -11.08 -64.94
C TRP D 156 -10.63 -10.12 -64.29
N ILE D 157 -10.03 -9.29 -65.15
CA ILE D 157 -9.09 -8.25 -64.72
C ILE D 157 -9.93 -7.04 -64.36
N PRO D 158 -9.90 -6.58 -63.13
CA PRO D 158 -10.94 -5.65 -62.70
C PRO D 158 -10.83 -4.28 -63.34
N GLY D 159 -9.62 -3.85 -63.65
CA GLY D 159 -9.44 -2.57 -64.31
C GLY D 159 -9.87 -1.38 -63.47
N GLU D 160 -9.88 -0.23 -64.13
CA GLU D 160 -10.39 0.99 -63.52
C GLU D 160 -11.54 1.59 -64.27
N THR D 161 -11.69 1.26 -65.54
CA THR D 161 -12.72 1.83 -66.37
C THR D 161 -13.29 0.74 -67.25
N ASP D 162 -14.32 1.14 -68.00
CA ASP D 162 -14.96 0.20 -68.91
C ASP D 162 -13.93 -0.48 -69.79
N GLU D 163 -12.94 0.27 -70.25
CA GLU D 163 -12.05 -0.22 -71.27
C GLU D 163 -11.15 -1.34 -70.78
N ASP D 164 -10.77 -1.31 -69.50
CA ASP D 164 -9.76 -2.27 -69.07
C ASP D 164 -10.29 -3.22 -68.00
N SER D 165 -11.59 -3.36 -67.96
CA SER D 165 -12.23 -4.36 -67.11
C SER D 165 -12.80 -5.43 -68.03
N TYR D 166 -12.13 -6.56 -68.09
CA TYR D 166 -12.54 -7.62 -68.99
C TYR D 166 -11.87 -8.89 -68.51
N ALA D 167 -12.22 -9.99 -69.15
CA ALA D 167 -11.68 -11.28 -68.76
C ALA D 167 -10.87 -11.86 -69.89
N VAL D 168 -9.97 -12.74 -69.50
CA VAL D 168 -9.11 -13.47 -70.41
C VAL D 168 -9.02 -14.89 -69.89
N SER D 169 -8.81 -15.80 -70.82
CA SER D 169 -8.56 -17.17 -70.40
C SER D 169 -7.16 -17.25 -69.84
N ILE D 170 -7.03 -17.87 -68.67
CA ILE D 170 -5.72 -18.17 -68.13
C ILE D 170 -5.33 -19.61 -68.40
N ALA D 171 -6.28 -20.46 -68.76
CA ALA D 171 -5.93 -21.81 -69.17
C ALA D 171 -7.09 -22.36 -69.97
N PRO D 172 -6.82 -23.13 -71.02
CA PRO D 172 -7.88 -23.72 -71.77
C PRO D 172 -8.55 -24.81 -70.96
N PRO D 173 -9.76 -25.18 -71.32
CA PRO D 173 -10.47 -26.19 -70.52
C PRO D 173 -9.68 -27.46 -70.33
N GLU D 174 -8.95 -27.90 -71.35
CA GLU D 174 -8.25 -29.18 -71.25
C GLU D 174 -7.03 -29.10 -70.36
N HIS D 175 -6.68 -27.91 -69.87
CA HIS D 175 -5.53 -27.79 -69.02
C HIS D 175 -5.67 -28.60 -67.73
N TRP D 176 -6.88 -28.67 -67.19
CA TRP D 176 -7.05 -29.26 -65.88
C TRP D 176 -8.42 -29.92 -65.84
N ALA D 177 -8.41 -31.23 -65.67
CA ALA D 177 -9.65 -32.00 -65.66
C ALA D 177 -10.24 -31.82 -64.27
N LEU D 178 -10.98 -30.75 -64.12
CA LEU D 178 -11.78 -30.50 -62.94
C LEU D 178 -13.24 -30.62 -63.29
N THR D 179 -14.02 -31.10 -62.33
CA THR D 179 -15.44 -31.23 -62.47
C THR D 179 -16.09 -30.38 -61.40
N ASP D 180 -17.19 -29.74 -61.77
CA ASP D 180 -18.06 -29.07 -60.83
C ASP D 180 -19.26 -29.97 -60.61
N CYS D 181 -19.38 -30.51 -59.42
CA CYS D 181 -20.54 -31.34 -59.06
C CYS D 181 -21.47 -30.41 -58.33
N ILE D 182 -22.55 -30.01 -59.01
CA ILE D 182 -23.43 -28.96 -58.49
C ILE D 182 -24.56 -29.61 -57.72
N ALA D 183 -24.53 -29.44 -56.41
CA ALA D 183 -25.59 -29.91 -55.53
C ALA D 183 -26.73 -28.92 -55.57
N ILE D 184 -27.85 -29.37 -56.15
CA ILE D 184 -29.04 -28.58 -56.32
C ILE D 184 -29.92 -28.88 -55.14
N LEU D 185 -30.34 -27.84 -54.42
CA LEU D 185 -31.15 -28.03 -53.22
C LEU D 185 -32.63 -28.06 -53.57
N SER D 186 -33.33 -29.09 -53.06
CA SER D 186 -34.75 -29.23 -53.33
C SER D 186 -35.52 -27.95 -52.95
N THR D 187 -35.20 -27.37 -51.79
CA THR D 187 -35.88 -26.19 -51.29
C THR D 187 -34.92 -25.01 -51.37
N GLN D 188 -35.30 -24.00 -52.14
CA GLN D 188 -34.53 -22.76 -52.26
C GLN D 188 -35.45 -21.55 -52.02
N PRO D 191 -34.09 -16.08 -54.58
CA PRO D 191 -32.97 -15.37 -53.92
C PRO D 191 -32.86 -13.93 -54.39
N ILE D 192 -32.43 -13.02 -53.50
CA ILE D 192 -32.21 -11.64 -53.91
C ILE D 192 -31.18 -11.64 -55.03
N GLY D 193 -31.52 -10.94 -56.13
CA GLY D 193 -30.64 -10.93 -57.27
C GLY D 193 -29.31 -10.27 -56.96
N SER D 194 -28.33 -10.56 -57.82
CA SER D 194 -26.97 -10.11 -57.55
C SER D 194 -26.85 -8.60 -57.71
N THR D 195 -27.63 -7.98 -58.58
CA THR D 195 -27.53 -6.54 -58.72
C THR D 195 -27.77 -5.86 -57.38
N GLN D 196 -28.85 -6.24 -56.68
CA GLN D 196 -29.07 -5.63 -55.38
C GLN D 196 -28.03 -6.11 -54.38
N GLY D 197 -27.63 -7.37 -54.49
CA GLY D 197 -26.63 -7.87 -53.57
C GLY D 197 -25.30 -7.17 -53.70
N HIS D 198 -24.83 -6.99 -54.94
CA HIS D 198 -23.57 -6.30 -55.11
C HIS D 198 -23.66 -4.92 -54.49
N ALA D 199 -24.77 -4.23 -54.72
CA ALA D 199 -24.89 -2.88 -54.21
C ALA D 199 -24.86 -2.87 -52.70
N LEU D 200 -25.39 -3.90 -52.08
CA LEU D 200 -25.39 -3.94 -50.63
C LEU D 200 -24.04 -4.30 -50.03
N ALA D 201 -23.10 -4.75 -50.86
CA ALA D 201 -21.79 -5.14 -50.35
C ALA D 201 -21.13 -3.99 -49.60
N SER D 202 -21.36 -2.76 -50.06
CA SER D 202 -20.76 -1.59 -49.43
C SER D 202 -21.27 -1.33 -48.03
N THR D 203 -22.38 -1.95 -47.64
CA THR D 203 -22.87 -1.80 -46.29
C THR D 203 -22.20 -2.74 -45.31
N SER D 204 -21.47 -3.73 -45.79
CA SER D 204 -20.81 -4.62 -44.86
C SER D 204 -19.51 -3.99 -44.41
N PRO D 205 -19.23 -3.95 -43.10
CA PRO D 205 -17.94 -3.44 -42.64
C PRO D 205 -16.79 -4.29 -43.07
N LEU D 206 -17.03 -5.51 -43.55
CA LEU D 206 -15.96 -6.43 -43.86
C LEU D 206 -15.61 -6.43 -45.33
N GLN D 207 -16.39 -5.72 -46.15
CA GLN D 207 -16.15 -5.76 -47.58
C GLN D 207 -14.82 -5.15 -47.96
N PRO D 208 -14.42 -3.98 -47.44
CA PRO D 208 -13.11 -3.45 -47.86
C PRO D 208 -11.99 -4.41 -47.60
N ALA D 209 -11.98 -5.08 -46.45
CA ALA D 209 -10.89 -6.00 -46.18
C ALA D 209 -10.95 -7.20 -47.11
N ARG D 210 -12.15 -7.68 -47.41
CA ARG D 210 -12.25 -8.77 -48.35
C ARG D 210 -11.67 -8.33 -49.68
N VAL D 211 -12.05 -7.15 -50.12
CA VAL D 211 -11.64 -6.70 -51.45
C VAL D 211 -10.14 -6.51 -51.50
N ALA D 212 -9.58 -5.88 -50.47
CA ALA D 212 -8.16 -5.60 -50.48
C ALA D 212 -7.33 -6.87 -50.50
N ASP D 213 -7.84 -7.98 -49.98
CA ASP D 213 -7.08 -9.20 -49.96
C ASP D 213 -7.20 -10.00 -51.24
N THR D 214 -8.05 -9.57 -52.17
CA THR D 214 -8.30 -10.40 -53.33
C THR D 214 -7.06 -10.69 -54.15
N PRO D 215 -6.12 -9.78 -54.32
CA PRO D 215 -4.95 -10.14 -55.15
C PRO D 215 -4.19 -11.32 -54.61
N ARG D 216 -4.18 -11.49 -53.31
CA ARG D 216 -3.54 -12.67 -52.75
C ARG D 216 -4.31 -13.91 -53.15
N ARG D 217 -5.63 -13.83 -53.08
CA ARG D 217 -6.43 -15.02 -53.34
C ARG D 217 -6.40 -15.35 -54.82
N LEU D 218 -6.43 -14.31 -55.65
CA LEU D 218 -6.28 -14.52 -57.09
C LEU D 218 -4.95 -15.15 -57.41
N GLU D 219 -3.89 -14.69 -56.75
CA GLU D 219 -2.58 -15.26 -57.03
C GLU D 219 -2.56 -16.74 -56.71
N ILE D 220 -3.12 -17.11 -55.56
CA ILE D 220 -3.14 -18.50 -55.15
C ILE D 220 -3.94 -19.35 -56.12
N VAL D 221 -5.11 -18.85 -56.53
CA VAL D 221 -5.93 -19.64 -57.44
C VAL D 221 -5.31 -19.67 -58.83
N ARG D 222 -4.82 -18.55 -59.31
CA ARG D 222 -4.21 -18.53 -60.65
C ARG D 222 -3.05 -19.52 -60.67
N ARG D 223 -2.22 -19.47 -59.68
CA ARG D 223 -1.10 -20.37 -59.63
C ARG D 223 -1.55 -21.81 -59.46
N ALA D 224 -2.59 -22.05 -58.64
CA ALA D 224 -3.06 -23.41 -58.47
C ALA D 224 -3.55 -23.98 -59.81
N ILE D 225 -4.24 -23.16 -60.59
CA ILE D 225 -4.69 -23.58 -61.90
C ILE D 225 -3.50 -23.88 -62.81
N LEU D 226 -2.53 -22.98 -62.85
CA LEU D 226 -1.36 -23.21 -63.69
C LEU D 226 -0.70 -24.54 -63.33
N GLU D 227 -0.57 -24.80 -62.05
CA GLU D 227 0.16 -25.96 -61.55
C GLU D 227 -0.70 -27.18 -61.33
N ARG D 228 -2.03 -27.08 -61.54
CA ARG D 228 -2.96 -28.16 -61.24
C ARG D 228 -2.82 -28.61 -59.79
N ASP D 229 -2.74 -27.64 -58.90
CA ASP D 229 -2.52 -27.87 -57.47
C ASP D 229 -3.90 -27.86 -56.82
N PHE D 230 -4.49 -29.05 -56.70
CA PHE D 230 -5.87 -29.07 -56.29
C PHE D 230 -6.03 -28.64 -54.84
N LEU D 231 -5.13 -29.08 -53.95
CA LEU D 231 -5.31 -28.73 -52.54
C LEU D 231 -5.26 -27.21 -52.35
N SER D 232 -4.31 -26.54 -53.01
CA SER D 232 -4.27 -25.08 -52.90
C SER D 232 -5.54 -24.46 -53.44
N LEU D 233 -6.04 -24.97 -54.57
CA LEU D 233 -7.28 -24.46 -55.11
C LEU D 233 -8.40 -24.68 -54.12
N ALA D 234 -8.46 -25.88 -53.56
CA ALA D 234 -9.57 -26.26 -52.71
C ALA D 234 -9.69 -25.35 -51.51
N GLU D 235 -8.57 -25.14 -50.82
CA GLU D 235 -8.66 -24.37 -49.59
C GLU D 235 -8.99 -22.92 -49.90
N MET D 236 -8.49 -22.42 -51.03
CA MET D 236 -8.74 -21.03 -51.33
C MET D 236 -10.17 -20.84 -51.82
N ILE D 237 -10.71 -21.78 -52.61
CA ILE D 237 -12.04 -21.51 -53.12
C ILE D 237 -13.05 -21.52 -51.98
N GLU D 238 -12.83 -22.40 -50.99
CA GLU D 238 -13.72 -22.40 -49.85
C GLU D 238 -13.58 -21.10 -49.09
N HIS D 239 -12.36 -20.68 -48.84
CA HIS D 239 -12.12 -19.44 -48.12
C HIS D 239 -12.74 -18.27 -48.86
N ASP D 240 -12.54 -18.22 -50.18
CA ASP D 240 -13.04 -17.10 -50.94
C ASP D 240 -14.56 -17.09 -50.96
N SER D 241 -15.17 -18.27 -51.08
CA SER D 241 -16.61 -18.35 -51.00
C SER D 241 -17.09 -17.87 -49.65
N ASN D 242 -16.40 -18.26 -48.58
CA ASN D 242 -16.79 -17.85 -47.25
C ASN D 242 -16.63 -16.35 -47.07
N LEU D 243 -15.59 -15.76 -47.66
CA LEU D 243 -15.41 -14.33 -47.53
C LEU D 243 -16.55 -13.59 -48.19
N MET D 244 -16.96 -14.04 -49.37
CA MET D 244 -18.08 -13.40 -50.02
C MET D 244 -19.34 -13.52 -49.19
N HIS D 245 -19.63 -14.74 -48.73
CA HIS D 245 -20.82 -14.93 -47.92
C HIS D 245 -20.72 -14.18 -46.61
N ALA D 246 -19.53 -14.05 -46.06
CA ALA D 246 -19.36 -13.24 -44.85
C ALA D 246 -19.78 -11.81 -45.10
N VAL D 247 -19.42 -11.29 -46.28
CA VAL D 247 -19.83 -9.94 -46.60
C VAL D 247 -21.32 -9.88 -46.81
N MET D 248 -21.88 -10.84 -47.53
CA MET D 248 -23.31 -10.88 -47.75
C MET D 248 -24.06 -10.90 -46.44
N MET D 249 -23.65 -11.78 -45.54
CA MET D 249 -24.34 -11.98 -44.29
C MET D 249 -24.14 -10.83 -43.33
N THR D 250 -23.17 -9.96 -43.60
CA THR D 250 -22.92 -8.81 -42.75
C THR D 250 -23.30 -7.52 -43.45
N SER D 251 -23.99 -7.64 -44.57
CA SER D 251 -24.59 -6.49 -45.21
C SER D 251 -25.83 -6.07 -44.44
N THR D 252 -26.30 -4.88 -44.76
CA THR D 252 -27.52 -4.34 -44.17
C THR D 252 -28.48 -3.98 -45.27
N PRO D 253 -29.60 -4.67 -45.43
CA PRO D 253 -30.02 -5.86 -44.70
C PRO D 253 -29.13 -7.04 -45.10
N PRO D 254 -29.00 -8.01 -44.22
CA PRO D 254 -28.07 -9.12 -44.51
C PRO D 254 -28.66 -10.00 -45.60
N LEU D 255 -27.77 -10.65 -46.32
CA LEU D 255 -28.12 -11.56 -47.41
C LEU D 255 -27.66 -12.94 -47.00
N PHE D 256 -28.60 -13.79 -46.62
CA PHE D 256 -28.30 -15.15 -46.22
C PHE D 256 -28.78 -16.04 -47.36
N TYR D 257 -27.86 -16.32 -48.29
CA TYR D 257 -28.19 -17.16 -49.42
C TYR D 257 -28.14 -18.63 -49.08
N TRP D 258 -27.45 -19.00 -48.00
CA TRP D 258 -27.33 -20.39 -47.65
C TRP D 258 -28.66 -20.94 -47.17
N GLU D 259 -28.93 -22.14 -47.57
CA GLU D 259 -29.97 -22.93 -46.97
C GLU D 259 -29.34 -23.87 -45.96
N PRO D 260 -30.13 -24.41 -45.04
CA PRO D 260 -29.55 -25.33 -44.07
C PRO D 260 -28.72 -26.44 -44.70
N VAL D 261 -29.23 -27.05 -45.78
CA VAL D 261 -28.48 -28.11 -46.42
C VAL D 261 -27.19 -27.58 -47.05
N SER D 262 -27.15 -26.29 -47.46
CA SER D 262 -25.88 -25.76 -47.95
C SER D 262 -24.80 -25.92 -46.89
N LEU D 263 -25.16 -25.70 -45.63
CA LEU D 263 -24.22 -25.83 -44.56
C LEU D 263 -23.81 -27.28 -44.35
N VAL D 264 -24.77 -28.20 -44.41
CA VAL D 264 -24.45 -29.62 -44.35
C VAL D 264 -23.41 -29.95 -45.41
N ILE D 265 -23.63 -29.49 -46.63
CA ILE D 265 -22.74 -29.85 -47.73
C ILE D 265 -21.36 -29.24 -47.51
N MET D 266 -21.30 -27.97 -47.13
CA MET D 266 -20.01 -27.35 -46.92
C MET D 266 -19.19 -28.12 -45.91
N LYS D 267 -19.81 -28.43 -44.77
CA LYS D 267 -19.09 -29.15 -43.74
C LYS D 267 -18.70 -30.53 -44.23
N SER D 268 -19.61 -31.18 -44.94
CA SER D 268 -19.34 -32.52 -45.45
C SER D 268 -18.17 -32.51 -46.42
N VAL D 269 -18.18 -31.56 -47.36
CA VAL D 269 -17.11 -31.51 -48.35
C VAL D 269 -15.76 -31.33 -47.67
N ARG D 270 -15.67 -30.43 -46.69
CA ARG D 270 -14.40 -30.26 -46.00
C ARG D 270 -13.99 -31.57 -45.35
N GLU D 271 -14.94 -32.24 -44.70
CA GLU D 271 -14.65 -33.52 -44.07
C GLU D 271 -14.21 -34.54 -45.11
N TRP D 272 -14.90 -34.60 -46.26
CA TRP D 272 -14.50 -35.56 -47.29
C TRP D 272 -13.08 -35.31 -47.72
N ARG D 273 -12.74 -34.04 -47.99
CA ARG D 273 -11.39 -33.75 -48.42
C ARG D 273 -10.40 -34.13 -47.34
N GLU D 274 -10.69 -33.77 -46.09
CA GLU D 274 -9.75 -34.06 -45.01
C GLU D 274 -9.55 -35.56 -44.85
N SER D 275 -10.51 -36.34 -45.28
CA SER D 275 -10.41 -37.82 -45.12
C SER D 275 -9.95 -38.48 -46.42
N GLY D 276 -9.57 -37.71 -47.42
CA GLY D 276 -8.90 -38.28 -48.56
C GLY D 276 -9.61 -38.23 -49.89
N LEU D 277 -10.74 -37.52 -50.00
CA LEU D 277 -11.41 -37.38 -51.28
C LEU D 277 -11.19 -35.97 -51.76
N PRO D 278 -10.42 -35.74 -52.78
CA PRO D 278 -10.14 -34.35 -53.17
C PRO D 278 -11.37 -33.69 -53.73
N CYS D 279 -11.90 -32.73 -52.99
CA CYS D 279 -13.06 -31.96 -53.44
C CYS D 279 -13.08 -30.70 -52.60
N ALA D 280 -13.87 -29.73 -53.04
CA ALA D 280 -13.91 -28.44 -52.38
C ALA D 280 -15.19 -27.78 -52.78
N TYR D 281 -15.76 -26.99 -51.87
CA TYR D 281 -16.99 -26.31 -52.17
C TYR D 281 -16.79 -24.85 -52.52
N THR D 282 -17.80 -24.36 -53.23
CA THR D 282 -17.93 -22.94 -53.47
C THR D 282 -19.39 -22.63 -53.75
N LEU D 283 -19.84 -21.48 -53.29
CA LEU D 283 -21.22 -21.08 -53.43
C LEU D 283 -21.28 -19.71 -54.06
N ASP D 284 -22.23 -19.54 -54.95
CA ASP D 284 -22.53 -18.22 -55.49
C ASP D 284 -23.65 -17.59 -54.65
N ALA D 285 -24.43 -16.70 -55.24
CA ALA D 285 -25.47 -15.98 -54.50
C ALA D 285 -26.73 -16.85 -54.53
N GLY D 286 -26.64 -17.96 -53.83
CA GLY D 286 -27.73 -18.88 -53.71
C GLY D 286 -27.25 -20.08 -52.94
N PRO D 287 -28.13 -21.01 -52.73
CA PRO D 287 -27.87 -22.10 -51.79
C PRO D 287 -27.21 -23.31 -52.41
N ASN D 288 -27.24 -23.41 -53.74
CA ASN D 288 -26.64 -24.57 -54.39
C ASN D 288 -25.16 -24.59 -54.09
N VAL D 289 -24.60 -25.77 -53.92
CA VAL D 289 -23.19 -25.89 -53.58
C VAL D 289 -22.48 -26.49 -54.77
N HIS D 290 -21.51 -25.76 -55.28
CA HIS D 290 -20.66 -26.26 -56.33
C HIS D 290 -19.48 -26.98 -55.69
N VAL D 291 -19.34 -28.25 -55.98
CA VAL D 291 -18.28 -29.05 -55.41
C VAL D 291 -17.31 -29.35 -56.51
N ILE D 292 -16.15 -28.72 -56.41
CA ILE D 292 -15.11 -28.82 -57.42
C ILE D 292 -14.20 -29.98 -57.05
N CYS D 293 -13.84 -30.81 -58.03
CA CYS D 293 -12.96 -31.92 -57.74
C CYS D 293 -12.20 -32.32 -59.00
N PRO D 294 -11.03 -32.91 -58.85
CA PRO D 294 -10.42 -33.55 -60.03
C PRO D 294 -11.44 -34.55 -60.56
N SER D 295 -11.56 -34.60 -61.88
CA SER D 295 -12.65 -35.31 -62.51
C SER D 295 -12.65 -36.78 -62.15
N GLU D 296 -11.49 -37.34 -61.84
CA GLU D 296 -11.46 -38.76 -61.48
C GLU D 296 -12.23 -39.02 -60.21
N TYR D 297 -12.45 -37.99 -59.39
CA TYR D 297 -13.19 -38.16 -58.14
C TYR D 297 -14.65 -37.77 -58.25
N ALA D 298 -15.11 -37.35 -59.43
CA ALA D 298 -16.43 -36.79 -59.57
C ALA D 298 -17.51 -37.81 -59.24
N GLU D 299 -17.35 -39.06 -59.67
CA GLU D 299 -18.42 -40.02 -59.40
C GLU D 299 -18.55 -40.26 -57.89
N GLU D 300 -17.44 -40.32 -57.18
CA GLU D 300 -17.49 -40.50 -55.74
C GLU D 300 -18.10 -39.28 -55.08
N VAL D 301 -17.70 -38.08 -55.51
CA VAL D 301 -18.28 -36.86 -54.96
C VAL D 301 -19.78 -36.86 -55.17
N ILE D 302 -20.20 -37.20 -56.39
CA ILE D 302 -21.60 -37.14 -56.72
C ILE D 302 -22.37 -38.13 -55.87
N PHE D 303 -21.80 -39.31 -55.68
CA PHE D 303 -22.45 -40.30 -54.84
C PHE D 303 -22.65 -39.76 -53.43
N ARG D 304 -21.60 -39.20 -52.83
CA ARG D 304 -21.69 -38.67 -51.48
C ARG D 304 -22.66 -37.51 -51.41
N LEU D 305 -22.66 -36.65 -52.42
CA LEU D 305 -23.57 -35.52 -52.38
C LEU D 305 -25.00 -35.99 -52.51
N THR D 306 -25.24 -36.96 -53.39
CA THR D 306 -26.59 -37.43 -53.65
C THR D 306 -27.17 -38.07 -52.39
N SER D 307 -26.31 -38.61 -51.54
CA SER D 307 -26.73 -39.26 -50.31
C SER D 307 -27.07 -38.26 -49.22
N ILE D 308 -26.79 -36.97 -49.43
CA ILE D 308 -27.09 -35.99 -48.39
C ILE D 308 -28.57 -35.68 -48.39
N PRO D 309 -29.26 -35.87 -47.28
CA PRO D 309 -30.66 -35.45 -47.21
C PRO D 309 -30.81 -33.99 -47.62
N GLY D 310 -31.74 -33.75 -48.54
CA GLY D 310 -32.05 -32.42 -49.00
C GLY D 310 -31.38 -32.04 -50.29
N VAL D 311 -30.47 -32.87 -50.79
CA VAL D 311 -29.86 -32.65 -52.09
C VAL D 311 -30.79 -33.25 -53.13
N GLN D 312 -31.41 -32.41 -53.95
CA GLN D 312 -32.39 -32.88 -54.91
C GLN D 312 -31.71 -33.64 -56.05
N THR D 313 -30.73 -33.01 -56.68
CA THR D 313 -29.98 -33.65 -57.73
C THR D 313 -28.58 -33.04 -57.71
N VAL D 314 -27.69 -33.67 -58.44
CA VAL D 314 -26.31 -33.22 -58.56
C VAL D 314 -26.07 -33.15 -60.05
N LEU D 315 -25.66 -31.99 -60.53
CA LEU D 315 -25.34 -31.84 -61.93
C LEU D 315 -23.84 -31.83 -62.07
N LYS D 316 -23.35 -32.57 -63.04
CA LYS D 316 -21.93 -32.77 -63.23
C LYS D 316 -21.51 -31.93 -64.42
N ALA D 317 -20.52 -31.07 -64.22
CA ALA D 317 -20.05 -30.20 -65.29
C ALA D 317 -18.54 -30.20 -65.32
N SER D 318 -17.99 -30.25 -66.52
CA SER D 318 -16.56 -30.20 -66.77
C SER D 318 -16.23 -28.81 -67.32
N ALA D 319 -14.94 -28.58 -67.55
CA ALA D 319 -14.50 -27.25 -67.98
C ALA D 319 -14.97 -26.97 -69.40
N GLY D 320 -15.62 -25.82 -69.58
CA GLY D 320 -16.23 -25.46 -70.84
C GLY D 320 -15.39 -24.51 -71.66
N ASP D 321 -15.71 -24.48 -72.94
CA ASP D 321 -14.99 -23.66 -73.90
C ASP D 321 -15.54 -22.24 -73.94
N SER D 322 -14.93 -21.42 -74.78
CA SER D 322 -15.34 -20.04 -74.93
C SER D 322 -16.72 -19.95 -75.58
N ALA D 323 -17.32 -18.77 -75.46
CA ALA D 323 -18.52 -18.49 -76.23
C ALA D 323 -18.17 -18.64 -77.70
N LYS D 324 -19.09 -19.23 -78.46
CA LYS D 324 -18.82 -19.52 -79.87
C LYS D 324 -20.03 -19.22 -80.71
N LEU D 325 -19.77 -18.84 -81.93
CA LEU D 325 -20.86 -18.72 -82.92
C LEU D 325 -21.18 -20.13 -83.42
N ILE D 326 -22.43 -20.36 -83.70
CA ILE D 326 -22.82 -21.68 -84.24
C ILE D 326 -23.73 -21.43 -85.43
N GLU D 327 -23.86 -22.40 -86.29
CA GLU D 327 -24.64 -22.18 -87.53
C GLU D 327 -26.13 -22.25 -87.28
N GLN D 328 -26.59 -23.21 -86.50
CA GLN D 328 -28.04 -23.45 -86.26
C GLN D 328 -28.72 -22.36 -85.42
N SER D 329 -29.57 -21.56 -86.06
CA SER D 329 -30.44 -20.58 -85.38
C SER D 329 -31.42 -21.29 -84.44
N MET E 5 -8.07 12.39 54.99
CA MET E 5 -7.47 11.09 54.53
C MET E 5 -6.45 11.26 53.42
N GLY E 6 -6.28 12.50 52.94
CA GLY E 6 -5.34 12.78 51.88
C GLY E 6 -5.87 13.84 50.92
N GLN E 7 -5.09 14.89 50.69
CA GLN E 7 -5.55 15.99 49.87
C GLN E 7 -4.37 16.59 49.12
N ALA E 8 -4.62 17.03 47.89
CA ALA E 8 -3.60 17.73 47.14
C ALA E 8 -4.29 18.61 46.11
N THR E 9 -3.57 19.64 45.69
CA THR E 9 -4.04 20.53 44.64
C THR E 9 -2.98 20.62 43.56
N ALA E 10 -3.40 20.50 42.30
CA ALA E 10 -2.50 20.62 41.17
C ALA E 10 -3.08 21.58 40.16
N ILE E 11 -2.20 22.20 39.39
CA ILE E 11 -2.60 23.02 38.26
C ILE E 11 -2.00 22.38 37.01
N ALA E 12 -2.67 22.57 35.88
CA ALA E 12 -2.10 22.17 34.61
C ALA E 12 -2.64 23.11 33.56
N HIS E 13 -1.94 23.19 32.45
CA HIS E 13 -2.35 24.05 31.38
C HIS E 13 -2.91 23.23 30.24
N PRO E 14 -3.84 23.79 29.48
CA PRO E 14 -4.19 23.18 28.20
C PRO E 14 -3.00 23.32 27.27
N ASN E 15 -3.11 22.67 26.13
CA ASN E 15 -2.00 22.68 25.19
C ASN E 15 -2.55 22.78 23.79
N ILE E 16 -1.73 23.28 22.88
CA ILE E 16 -2.10 23.37 21.48
C ILE E 16 -1.23 22.41 20.69
N ALA E 17 -1.89 21.50 20.00
CA ALA E 17 -1.19 20.49 19.24
C ALA E 17 -0.65 21.06 17.93
N PHE E 18 0.65 20.95 17.76
CA PHE E 18 1.29 21.22 16.50
C PHE E 18 1.14 20.04 15.55
N ILE E 19 1.23 18.83 16.08
CA ILE E 19 0.88 17.59 15.38
C ILE E 19 -0.25 16.98 16.17
N LYS E 20 -1.35 16.75 15.49
CA LYS E 20 -2.60 16.45 16.13
C LYS E 20 -2.72 14.99 16.52
N TYR E 21 -3.39 14.78 17.63
CA TYR E 21 -3.94 13.50 18.02
C TYR E 21 -5.34 13.40 17.44
N TRP E 22 -5.59 12.39 16.64
CA TRP E 22 -6.94 12.16 16.12
C TRP E 22 -7.05 10.70 15.75
N GLY E 23 -7.89 9.99 16.49
CA GLY E 23 -8.08 8.59 16.28
C GLY E 23 -7.33 7.80 17.32
N ASN E 24 -7.99 6.77 17.84
CA ASN E 24 -7.39 5.88 18.82
C ASN E 24 -7.10 4.52 18.24
N ARG E 25 -5.95 3.98 18.62
CA ARG E 25 -5.70 2.57 18.49
C ARG E 25 -6.49 1.78 19.52
N ASP E 26 -6.64 2.34 20.70
CA ASP E 26 -7.41 1.74 21.81
C ASP E 26 -8.21 2.86 22.46
N ALA E 27 -9.50 2.87 22.23
CA ALA E 27 -10.34 3.95 22.75
C ALA E 27 -10.40 3.91 24.27
N VAL E 28 -10.45 2.71 24.86
CA VAL E 28 -10.56 2.60 26.31
C VAL E 28 -9.32 3.16 26.99
N LEU E 29 -8.14 2.78 26.50
CA LEU E 29 -6.91 3.24 27.12
C LEU E 29 -6.42 4.55 26.54
N ARG E 30 -7.09 5.06 25.51
CA ARG E 30 -6.65 6.27 24.84
C ARG E 30 -5.20 6.14 24.40
N ILE E 31 -4.92 4.99 23.82
CA ILE E 31 -3.71 4.80 23.04
C ILE E 31 -3.99 5.34 21.64
N PRO E 32 -3.28 6.36 21.21
CA PRO E 32 -3.65 7.06 19.98
C PRO E 32 -3.14 6.31 18.78
N GLU E 33 -3.75 6.58 17.63
CA GLU E 33 -3.25 5.99 16.41
C GLU E 33 -1.92 6.58 16.03
N ASN E 34 -1.66 7.81 16.44
CA ASN E 34 -0.44 8.47 16.02
C ASN E 34 0.06 9.34 17.15
N GLY E 35 1.32 9.69 17.06
CA GLY E 35 1.92 10.58 18.01
C GLY E 35 1.53 12.00 17.74
N SER E 36 1.85 12.85 18.71
CA SER E 36 1.42 14.25 18.63
C SER E 36 2.43 15.08 19.39
N ILE E 37 2.45 16.36 19.06
CA ILE E 37 3.35 17.30 19.69
C ILE E 37 2.53 18.53 19.96
N SER E 38 2.69 19.09 21.17
CA SER E 38 1.91 20.25 21.55
C SER E 38 2.77 21.20 22.37
N MET E 39 2.23 22.38 22.59
CA MET E 39 2.83 23.39 23.45
C MET E 39 1.83 23.72 24.54
N ASN E 40 2.28 23.68 25.78
CA ASN E 40 1.40 24.08 26.87
C ASN E 40 1.14 25.58 26.79
N LEU E 41 -0.02 25.98 27.28
CA LEU E 41 -0.45 27.39 27.21
C LEU E 41 -0.43 27.96 28.62
N ALA E 42 0.57 28.81 28.90
CA ALA E 42 0.87 29.23 30.26
C ALA E 42 -0.30 29.96 30.92
N GLU E 43 -1.00 30.79 30.18
CA GLU E 43 -1.96 31.71 30.78
C GLU E 43 -3.33 31.10 31.00
N LEU E 44 -3.51 29.85 30.63
CA LEU E 44 -4.75 29.13 30.88
C LEU E 44 -4.44 27.98 31.83
N THR E 45 -5.26 27.81 32.84
CA THR E 45 -4.99 26.84 33.89
C THR E 45 -6.27 26.21 34.38
N VAL E 46 -6.20 24.91 34.61
CA VAL E 46 -7.15 24.21 35.46
C VAL E 46 -6.46 23.93 36.78
N LYS E 47 -7.14 24.25 37.87
CA LYS E 47 -6.67 23.95 39.22
C LYS E 47 -7.65 22.95 39.81
N THR E 48 -7.12 21.86 40.35
CA THR E 48 -7.98 20.78 40.82
C THR E 48 -7.48 20.33 42.17
N THR E 49 -8.37 20.30 43.13
CA THR E 49 -8.09 19.78 44.46
C THR E 49 -8.81 18.46 44.57
N VAL E 50 -8.11 17.46 45.09
CA VAL E 50 -8.69 16.15 45.32
C VAL E 50 -8.61 15.91 46.82
N ILE E 51 -9.72 15.47 47.41
CA ILE E 51 -9.81 15.23 48.85
C ILE E 51 -10.36 13.84 49.01
N PHE E 52 -9.52 12.91 49.42
CA PHE E 52 -9.96 11.56 49.70
C PHE E 52 -10.44 11.51 51.14
N GLU E 53 -11.58 10.88 51.36
CA GLU E 53 -12.20 10.90 52.69
C GLU E 53 -12.60 9.52 53.15
N LYS E 54 -12.58 9.35 54.47
CA LYS E 54 -12.80 8.12 55.18
C LYS E 54 -13.78 7.17 54.51
N HIS E 55 -15.05 7.46 54.55
CA HIS E 55 -16.04 6.54 54.04
C HIS E 55 -17.08 7.24 53.22
N SER E 56 -16.66 8.27 52.49
CA SER E 56 -17.36 8.77 51.33
C SER E 56 -17.74 7.59 50.46
N ARG E 57 -19.03 7.39 50.21
CA ARG E 57 -19.34 6.21 49.40
C ARG E 57 -19.03 6.47 47.92
N GLU E 58 -19.45 7.60 47.37
CA GLU E 58 -19.20 7.92 45.98
C GLU E 58 -18.34 9.17 45.86
N ASP E 59 -17.72 9.34 44.70
CA ASP E 59 -16.96 10.54 44.43
C ASP E 59 -17.91 11.70 44.16
N THR E 60 -17.41 12.92 44.38
CA THR E 60 -18.16 14.12 44.02
C THR E 60 -17.26 15.04 43.20
N LEU E 61 -17.89 15.85 42.37
CA LEU E 61 -17.15 16.75 41.51
C LEU E 61 -17.83 18.11 41.47
N ILE E 62 -17.08 19.14 41.77
CA ILE E 62 -17.52 20.51 41.54
C ILE E 62 -16.59 21.14 40.53
N LEU E 63 -17.18 21.86 39.57
CA LEU E 63 -16.48 22.49 38.47
C LEU E 63 -16.82 23.96 38.48
N ASN E 64 -15.81 24.81 38.62
CA ASN E 64 -15.99 26.26 38.71
C ASN E 64 -17.15 26.62 39.63
N GLY E 65 -17.11 26.03 40.82
CA GLY E 65 -18.03 26.38 41.89
C GLY E 65 -19.39 25.75 41.80
N ALA E 66 -19.64 24.93 40.78
CA ALA E 66 -20.96 24.37 40.55
C ALA E 66 -20.88 22.85 40.51
N LEU E 67 -21.93 22.21 41.03
CA LEU E 67 -22.06 20.77 40.91
C LEU E 67 -21.88 20.36 39.46
N ALA E 68 -20.96 19.43 39.22
CA ALA E 68 -20.75 18.94 37.87
C ALA E 68 -21.93 18.10 37.44
N ASP E 69 -22.22 18.12 36.13
CA ASP E 69 -23.22 17.23 35.58
C ASP E 69 -22.77 15.78 35.78
N GLU E 70 -23.73 14.85 35.68
CA GLU E 70 -23.40 13.45 35.93
C GLU E 70 -22.36 12.91 34.95
N PRO E 71 -22.48 13.16 33.64
CA PRO E 71 -21.39 12.74 32.74
C PRO E 71 -20.02 13.10 33.26
N ALA E 72 -19.80 14.38 33.57
CA ALA E 72 -18.50 14.81 34.07
C ALA E 72 -18.10 14.02 35.32
N LEU E 73 -19.04 13.84 36.24
CA LEU E 73 -18.71 13.14 37.48
C LEU E 73 -18.32 11.70 37.20
N LYS E 74 -19.13 11.01 36.39
CA LYS E 74 -18.85 9.63 36.04
C LYS E 74 -17.45 9.50 35.44
N ARG E 75 -17.15 10.35 34.48
CA ARG E 75 -15.82 10.36 33.85
C ARG E 75 -14.73 10.55 34.90
N VAL E 76 -14.91 11.52 35.80
CA VAL E 76 -13.93 11.73 36.84
C VAL E 76 -13.89 10.56 37.81
N SER E 77 -15.04 9.94 38.06
CA SER E 77 -15.09 8.81 38.97
C SER E 77 -14.35 7.60 38.39
N HIS E 78 -14.63 7.25 37.14
CA HIS E 78 -13.87 6.20 36.48
C HIS E 78 -12.39 6.48 36.52
N PHE E 79 -12.00 7.74 36.31
CA PHE E 79 -10.59 8.09 36.39
C PHE E 79 -10.03 7.80 37.77
N LEU E 80 -10.76 8.21 38.82
CA LEU E 80 -10.28 7.96 40.17
C LEU E 80 -10.25 6.48 40.49
N ASP E 81 -11.13 5.69 39.87
CA ASP E 81 -11.03 4.24 40.01
C ASP E 81 -9.65 3.75 39.58
N ARG E 82 -9.13 4.29 38.47
CA ARG E 82 -7.79 3.94 38.06
C ARG E 82 -6.77 4.33 39.11
N VAL E 83 -6.96 5.50 39.75
CA VAL E 83 -6.04 5.92 40.80
C VAL E 83 -6.18 5.01 42.00
N ARG E 84 -7.37 4.46 42.21
CA ARG E 84 -7.59 3.55 43.32
C ARG E 84 -6.99 2.18 43.01
N GLU E 85 -7.28 1.65 41.82
CA GLU E 85 -6.63 0.42 41.39
C GLU E 85 -5.12 0.53 41.51
N PHE E 86 -4.54 1.58 40.91
CA PHE E 86 -3.09 1.74 40.93
C PHE E 86 -2.55 1.84 42.36
N ALA E 87 -3.34 2.39 43.28
CA ALA E 87 -2.89 2.61 44.65
C ALA E 87 -3.40 1.56 45.63
N GLY E 88 -4.29 0.68 45.19
CA GLY E 88 -4.87 -0.29 46.11
C GLY E 88 -5.56 0.33 47.29
N ILE E 89 -5.86 1.62 47.24
CA ILE E 89 -6.67 2.30 48.24
C ILE E 89 -8.07 2.43 47.68
N SER E 90 -9.06 2.46 48.58
CA SER E 90 -10.46 2.39 48.20
C SER E 90 -11.22 3.70 48.42
N TRP E 91 -10.56 4.70 49.02
CA TRP E 91 -11.25 5.92 49.41
C TRP E 91 -11.86 6.62 48.21
N HIS E 92 -13.08 7.12 48.39
CA HIS E 92 -13.66 8.02 47.41
C HIS E 92 -13.27 9.45 47.75
N ALA E 93 -13.34 10.30 46.74
CA ALA E 93 -12.74 11.62 46.83
C ALA E 93 -13.75 12.68 46.45
N HIS E 94 -13.59 13.85 47.04
CA HIS E 94 -14.27 15.04 46.57
C HIS E 94 -13.29 15.77 45.68
N VAL E 95 -13.69 16.02 44.45
CA VAL E 95 -12.86 16.71 43.47
C VAL E 95 -13.44 18.08 43.26
N ILE E 96 -12.60 19.11 43.39
CA ILE E 96 -12.99 20.49 43.16
C ILE E 96 -12.06 21.01 42.09
N SER E 97 -12.64 21.47 40.99
CA SER E 97 -11.82 21.99 39.91
C SER E 97 -12.36 23.33 39.45
N GLU E 98 -11.44 24.21 39.10
CA GLU E 98 -11.79 25.49 38.51
C GLU E 98 -10.79 25.79 37.42
N ASN E 99 -11.20 26.58 36.44
CA ASN E 99 -10.28 27.04 35.43
C ASN E 99 -10.50 28.52 35.22
N ASN E 100 -9.48 29.16 34.69
CA ASN E 100 -9.53 30.59 34.35
C ASN E 100 -9.81 30.80 32.87
N PHE E 101 -10.47 29.85 32.21
CA PHE E 101 -10.64 29.98 30.77
C PHE E 101 -11.70 31.05 30.50
N PRO E 102 -11.46 31.93 29.52
CA PRO E 102 -12.51 32.90 29.14
C PRO E 102 -13.80 32.18 28.78
N THR E 103 -14.90 32.68 29.35
CA THR E 103 -16.18 31.98 29.24
C THR E 103 -16.69 32.04 27.81
N GLY E 104 -17.29 30.92 27.37
CA GLY E 104 -17.80 30.81 26.01
C GLY E 104 -16.75 30.81 24.93
N ALA E 105 -15.48 30.91 25.26
CA ALA E 105 -14.45 31.00 24.25
C ALA E 105 -14.17 29.66 23.57
N GLY E 106 -14.73 28.57 24.07
CA GLY E 106 -14.55 27.27 23.43
C GLY E 106 -13.19 26.65 23.58
N ILE E 107 -12.40 27.08 24.57
CA ILE E 107 -11.11 26.46 24.84
C ILE E 107 -11.36 25.15 25.55
N ALA E 108 -10.90 24.04 24.96
CA ALA E 108 -11.12 22.73 25.57
C ALA E 108 -10.31 22.60 26.85
N SER E 109 -10.96 22.06 27.87
CA SER E 109 -10.40 21.96 29.21
C SER E 109 -9.88 20.57 29.53
N SER E 110 -10.20 19.56 28.70
CA SER E 110 -10.04 18.18 29.13
C SER E 110 -8.57 17.83 29.37
N ALA E 111 -7.68 18.33 28.54
CA ALA E 111 -6.27 18.01 28.72
C ALA E 111 -5.76 18.59 30.03
N ALA E 112 -6.01 19.86 30.26
CA ALA E 112 -5.58 20.49 31.50
C ALA E 112 -6.27 19.83 32.68
N ALA E 113 -7.55 19.52 32.54
CA ALA E 113 -8.31 18.99 33.66
C ALA E 113 -7.81 17.63 34.08
N PHE E 114 -7.60 16.72 33.13
CA PHE E 114 -7.14 15.39 33.50
C PHE E 114 -5.67 15.36 33.85
N ALA E 115 -4.86 16.27 33.33
CA ALA E 115 -3.50 16.42 33.82
C ALA E 115 -3.50 16.84 35.27
N ALA E 116 -4.27 17.88 35.58
CA ALA E 116 -4.32 18.37 36.96
C ALA E 116 -4.90 17.30 37.88
N LEU E 117 -5.95 16.61 37.43
CA LEU E 117 -6.55 15.56 38.22
C LEU E 117 -5.59 14.41 38.44
N ALA E 118 -4.86 14.00 37.40
CA ALA E 118 -3.88 12.93 37.57
C ALA E 118 -2.91 13.26 38.69
N LEU E 119 -2.39 14.48 38.67
CA LEU E 119 -1.37 14.89 39.64
C LEU E 119 -1.98 15.09 41.02
N ALA E 120 -3.12 15.77 41.10
CA ALA E 120 -3.73 16.02 42.39
C ALA E 120 -4.22 14.71 43.02
N ALA E 121 -4.85 13.84 42.22
CA ALA E 121 -5.43 12.64 42.79
C ALA E 121 -4.35 11.67 43.26
N THR E 122 -3.27 11.53 42.50
CA THR E 122 -2.20 10.64 42.92
C THR E 122 -1.46 11.22 44.11
N SER E 123 -1.14 12.51 44.10
CA SER E 123 -0.46 13.09 45.24
C SER E 123 -1.35 13.02 46.48
N ALA E 124 -2.64 13.29 46.33
CA ALA E 124 -3.55 13.27 47.48
C ALA E 124 -3.61 11.88 48.10
N ILE E 125 -3.61 10.84 47.27
CA ILE E 125 -3.74 9.48 47.77
C ILE E 125 -2.36 8.96 48.18
N GLY E 126 -1.37 9.84 48.21
CA GLY E 126 -0.07 9.53 48.79
C GLY E 126 1.00 9.08 47.83
N LEU E 127 0.68 8.94 46.54
CA LEU E 127 1.64 8.46 45.57
C LEU E 127 2.62 9.56 45.17
N HIS E 128 3.70 9.15 44.50
CA HIS E 128 4.72 10.06 43.99
C HIS E 128 5.12 9.56 42.59
N LEU E 129 4.20 9.73 41.64
CA LEU E 129 4.42 9.24 40.29
C LEU E 129 5.47 10.07 39.57
N SER E 130 6.24 9.41 38.71
CA SER E 130 7.13 10.10 37.83
C SER E 130 6.29 10.88 36.82
N GLU E 131 6.92 11.82 36.15
CA GLU E 131 6.20 12.54 35.11
C GLU E 131 5.64 11.57 34.09
N ARG E 132 6.44 10.58 33.70
CA ARG E 132 6.00 9.61 32.71
C ARG E 132 4.76 8.86 33.19
N ASP E 133 4.75 8.43 34.44
CA ASP E 133 3.58 7.70 34.91
C ASP E 133 2.38 8.62 35.05
N LEU E 134 2.61 9.88 35.41
CA LEU E 134 1.51 10.83 35.48
C LEU E 134 0.92 11.02 34.09
N SER E 135 1.79 11.13 33.09
CA SER E 135 1.32 11.26 31.71
C SER E 135 0.49 10.06 31.30
N ARG E 136 0.98 8.84 31.60
CA ARG E 136 0.22 7.65 31.26
C ARG E 136 -1.14 7.65 31.93
N LEU E 137 -1.21 8.12 33.17
CA LEU E 137 -2.49 8.13 33.85
C LEU E 137 -3.41 9.18 33.24
N ALA E 138 -2.90 10.41 33.11
CA ALA E 138 -3.70 11.50 32.55
C ALA E 138 -4.25 11.09 31.20
N ARG E 139 -3.43 10.42 30.40
CA ARG E 139 -3.84 9.95 29.10
C ARG E 139 -5.16 9.22 29.15
N LYS E 140 -5.38 8.41 30.18
CA LYS E 140 -6.60 7.61 30.23
C LYS E 140 -7.81 8.41 30.67
N GLY E 141 -7.59 9.62 31.16
CA GLY E 141 -8.69 10.55 31.37
C GLY E 141 -9.07 11.19 30.06
N SER E 142 -8.09 11.76 29.37
CA SER E 142 -8.30 12.29 28.04
C SER E 142 -6.95 12.22 27.37
N GLY E 143 -6.90 11.71 26.15
CA GLY E 143 -5.62 11.47 25.53
C GLY E 143 -4.69 12.65 25.62
N SER E 144 -5.13 13.81 25.14
CA SER E 144 -4.27 14.98 25.09
C SER E 144 -3.87 15.46 26.49
N ALA E 145 -4.56 14.99 27.53
CA ALA E 145 -4.13 15.33 28.88
C ALA E 145 -2.73 14.83 29.17
N CYS E 146 -2.32 13.76 28.49
CA CYS E 146 -0.98 13.26 28.74
C CYS E 146 0.08 14.27 28.35
N ARG E 147 -0.24 15.21 27.46
CA ARG E 147 0.73 16.17 26.98
C ARG E 147 0.77 17.43 27.85
N SER E 148 -0.19 17.57 28.76
CA SER E 148 -0.18 18.70 29.68
C SER E 148 0.52 18.36 30.98
N ILE E 149 0.91 17.11 31.17
CA ILE E 149 1.66 16.71 32.35
C ILE E 149 3.07 17.27 32.23
N PRO E 150 3.81 16.99 31.15
CA PRO E 150 5.12 17.60 30.98
C PRO E 150 4.98 19.07 30.62
N GLY E 151 6.10 19.77 30.62
CA GLY E 151 6.10 21.18 30.37
C GLY E 151 6.60 21.58 29.01
N GLY E 152 6.22 22.77 28.56
CA GLY E 152 6.77 23.35 27.38
C GLY E 152 6.25 22.74 26.12
N PHE E 153 7.19 22.26 25.30
CA PHE E 153 6.89 21.61 24.04
C PHE E 153 6.97 20.12 24.30
N VAL E 154 5.91 19.42 23.96
CA VAL E 154 5.69 18.09 24.50
C VAL E 154 5.36 17.16 23.37
N GLU E 155 5.95 15.97 23.41
CA GLU E 155 5.64 14.95 22.45
C GLU E 155 4.99 13.76 23.13
N TRP E 156 3.88 13.31 22.57
CA TRP E 156 3.21 12.10 22.99
C TRP E 156 3.72 10.98 22.11
N ILE E 157 4.41 10.05 22.76
CA ILE E 157 4.95 8.85 22.15
C ILE E 157 3.76 7.91 22.09
N PRO E 158 3.28 7.56 20.92
CA PRO E 158 1.94 6.95 20.85
C PRO E 158 1.89 5.56 21.44
N GLY E 159 2.88 4.74 21.11
CA GLY E 159 2.93 3.39 21.63
C GLY E 159 1.79 2.51 21.16
N GLU E 160 1.84 1.28 21.68
CA GLU E 160 0.85 0.27 21.43
C GLU E 160 0.28 -0.28 22.71
N THR E 161 0.81 0.15 23.85
CA THR E 161 0.40 -0.40 25.12
C THR E 161 0.27 0.73 26.12
N ASP E 162 -0.40 0.43 27.23
CA ASP E 162 -0.59 1.43 28.26
C ASP E 162 0.75 1.94 28.78
N GLU E 163 1.74 1.06 28.92
CA GLU E 163 3.02 1.52 29.42
C GLU E 163 3.73 2.38 28.40
N ASP E 164 3.51 2.12 27.12
CA ASP E 164 4.32 2.75 26.11
C ASP E 164 3.76 4.08 25.65
N SER E 165 2.53 4.40 26.00
CA SER E 165 1.87 5.58 25.46
C SER E 165 1.91 6.70 26.48
N TYR E 166 2.75 7.66 26.27
CA TYR E 166 2.95 8.72 27.25
C TYR E 166 3.65 9.87 26.58
N ALA E 167 3.73 10.97 27.30
CA ALA E 167 4.31 12.17 26.73
C ALA E 167 5.52 12.61 27.55
N VAL E 168 6.39 13.30 26.87
CA VAL E 168 7.62 13.81 27.44
C VAL E 168 7.84 15.18 26.86
N SER E 169 8.54 16.02 27.60
CA SER E 169 8.91 17.32 27.09
C SER E 169 10.05 17.22 26.08
N ILE E 170 9.82 17.76 24.89
CA ILE E 170 10.85 17.95 23.89
C ILE E 170 11.78 19.06 24.31
N ALA E 171 11.23 20.11 24.91
CA ALA E 171 11.99 21.32 25.15
C ALA E 171 11.17 22.10 26.17
N PRO E 172 11.81 22.79 27.09
CA PRO E 172 11.07 23.53 28.10
C PRO E 172 10.46 24.77 27.48
N PRO E 173 9.52 25.41 28.17
CA PRO E 173 8.89 26.60 27.59
C PRO E 173 9.90 27.65 27.18
N GLU E 174 10.96 27.84 27.96
CA GLU E 174 11.92 28.90 27.67
C GLU E 174 12.79 28.60 26.47
N HIS E 175 12.70 27.41 25.89
CA HIS E 175 13.55 27.10 24.75
C HIS E 175 13.18 27.92 23.53
N TRP E 176 11.91 28.26 23.35
CA TRP E 176 11.51 28.97 22.15
C TRP E 176 10.34 29.85 22.53
N ALA E 177 10.52 31.16 22.38
CA ALA E 177 9.48 32.12 22.69
C ALA E 177 8.50 32.11 21.53
N LEU E 178 7.52 31.24 21.64
CA LEU E 178 6.42 31.17 20.72
C LEU E 178 5.17 31.57 21.45
N THR E 179 4.30 32.28 20.76
CA THR E 179 3.03 32.67 21.31
C THR E 179 1.94 32.01 20.48
N ASP E 180 0.90 31.58 21.16
CA ASP E 180 -0.36 31.15 20.54
C ASP E 180 -1.34 32.30 20.66
N CYS E 181 -1.65 32.93 19.53
CA CYS E 181 -2.71 33.95 19.47
C CYS E 181 -3.99 33.25 19.05
N ILE E 182 -4.90 33.06 19.99
CA ILE E 182 -6.09 32.25 19.79
C ILE E 182 -7.22 33.16 19.37
N ALA E 183 -7.61 33.09 18.10
CA ALA E 183 -8.74 33.84 17.58
C ALA E 183 -10.00 33.11 17.99
N ILE E 184 -10.77 33.75 18.87
CA ILE E 184 -12.03 33.23 19.35
C ILE E 184 -13.10 33.79 18.43
N LEU E 185 -13.92 32.92 17.90
CA LEU E 185 -14.96 33.36 16.96
C LEU E 185 -16.21 33.69 17.76
N SER E 186 -16.78 34.87 17.48
CA SER E 186 -18.03 35.27 18.12
C SER E 186 -19.06 34.14 18.04
N THR E 187 -19.39 33.72 16.82
CA THR E 187 -20.37 32.67 16.61
C THR E 187 -19.67 31.31 16.58
N GLN E 188 -20.15 30.40 17.43
CA GLN E 188 -19.43 29.17 17.70
C GLN E 188 -20.36 28.15 18.35
N PRO E 191 -19.68 22.20 19.65
CA PRO E 191 -19.19 21.25 18.63
C PRO E 191 -19.21 19.80 19.09
N ILE E 192 -19.33 18.88 18.13
CA ILE E 192 -19.24 17.45 18.42
C ILE E 192 -17.96 17.22 19.20
N GLY E 193 -18.06 16.48 20.30
CA GLY E 193 -16.92 16.28 21.17
C GLY E 193 -15.86 15.38 20.56
N SER E 194 -14.63 15.57 21.10
CA SER E 194 -13.46 14.78 20.68
C SER E 194 -13.71 13.31 20.71
N THR E 195 -14.38 12.80 21.75
CA THR E 195 -14.55 11.37 21.94
C THR E 195 -15.33 10.78 20.77
N GLN E 196 -16.46 11.42 20.40
CA GLN E 196 -17.20 10.96 19.23
C GLN E 196 -16.37 11.14 17.95
N GLY E 197 -15.68 12.27 17.85
CA GLY E 197 -14.90 12.53 16.66
C GLY E 197 -13.79 11.52 16.45
N HIS E 198 -13.03 11.24 17.51
CA HIS E 198 -11.98 10.24 17.38
C HIS E 198 -12.56 8.94 16.86
N ALA E 199 -13.69 8.52 17.45
CA ALA E 199 -14.27 7.25 17.06
C ALA E 199 -14.73 7.28 15.61
N LEU E 200 -15.07 8.44 15.08
CA LEU E 200 -15.50 8.54 13.70
C LEU E 200 -14.35 8.57 12.73
N ALA E 201 -13.11 8.77 13.19
CA ALA E 201 -11.99 8.88 12.26
C ALA E 201 -11.87 7.66 11.36
N SER E 202 -12.21 6.48 11.87
CA SER E 202 -12.05 5.29 11.06
C SER E 202 -13.04 5.23 9.90
N THR E 203 -14.05 6.08 9.90
CA THR E 203 -14.94 6.14 8.76
C THR E 203 -14.38 6.96 7.61
N SER E 204 -13.34 7.73 7.85
CA SER E 204 -12.79 8.51 6.75
C SER E 204 -11.86 7.64 5.90
N PRO E 205 -12.02 7.67 4.59
CA PRO E 205 -11.10 6.93 3.71
C PRO E 205 -9.68 7.41 3.84
N LEU E 206 -9.46 8.58 4.40
CA LEU E 206 -8.15 9.21 4.41
C LEU E 206 -7.43 9.06 5.73
N GLN E 207 -8.11 8.54 6.76
CA GLN E 207 -7.49 8.43 8.07
C GLN E 207 -6.29 7.50 8.08
N PRO E 208 -6.35 6.31 7.53
CA PRO E 208 -5.14 5.47 7.53
C PRO E 208 -3.93 6.17 6.95
N ALA E 209 -4.13 6.88 5.83
CA ALA E 209 -3.01 7.55 5.18
C ALA E 209 -2.49 8.70 6.03
N ARG E 210 -3.39 9.45 6.64
CA ARG E 210 -2.99 10.49 7.58
C ARG E 210 -2.16 9.90 8.69
N VAL E 211 -2.66 8.81 9.28
CA VAL E 211 -2.00 8.20 10.41
C VAL E 211 -0.61 7.71 10.01
N ALA E 212 -0.54 7.00 8.88
CA ALA E 212 0.72 6.43 8.45
C ALA E 212 1.76 7.50 8.18
N ASP E 213 1.32 8.68 7.77
CA ASP E 213 2.24 9.75 7.46
C ASP E 213 2.69 10.53 8.68
N THR E 214 2.13 10.25 9.86
CA THR E 214 2.41 11.09 11.01
C THR E 214 3.87 11.14 11.38
N PRO E 215 4.63 10.04 11.32
CA PRO E 215 6.05 10.18 11.69
C PRO E 215 6.77 11.19 10.85
N ARG E 216 6.45 11.33 9.56
CA ARG E 216 7.09 12.34 8.74
C ARG E 216 6.84 13.71 9.35
N ARG E 217 5.64 13.91 9.79
CA ARG E 217 5.22 15.23 10.29
C ARG E 217 5.81 15.47 11.67
N LEU E 218 5.78 14.47 12.52
CA LEU E 218 6.37 14.59 13.83
C LEU E 218 7.87 14.88 13.74
N GLU E 219 8.54 14.20 12.83
CA GLU E 219 9.98 14.38 12.73
C GLU E 219 10.31 15.80 12.32
N ILE E 220 9.51 16.37 11.42
CA ILE E 220 9.74 17.75 11.01
C ILE E 220 9.47 18.70 12.17
N VAL E 221 8.36 18.50 12.89
CA VAL E 221 8.02 19.40 13.96
C VAL E 221 9.00 19.26 15.10
N ARG E 222 9.37 18.04 15.45
CA ARG E 222 10.34 17.84 16.52
C ARG E 222 11.63 18.56 16.19
N ARG E 223 12.11 18.39 15.00
CA ARG E 223 13.35 19.03 14.60
C ARG E 223 13.17 20.54 14.60
N ALA E 224 12.04 20.99 14.10
CA ALA E 224 11.83 22.42 14.00
C ALA E 224 11.82 23.06 15.38
N ILE E 225 11.21 22.41 16.37
CA ILE E 225 11.24 22.93 17.74
C ILE E 225 12.67 22.93 18.27
N LEU E 226 13.36 21.81 18.14
CA LEU E 226 14.73 21.73 18.62
C LEU E 226 15.59 22.79 17.96
N GLU E 227 15.39 23.05 16.68
CA GLU E 227 16.23 23.99 15.96
C GLU E 227 15.63 25.38 15.93
N ARG E 228 14.45 25.56 16.50
CA ARG E 228 13.76 26.85 16.48
C ARG E 228 13.64 27.35 15.04
N ASP E 229 13.15 26.46 14.19
CA ASP E 229 13.02 26.74 12.76
C ASP E 229 11.54 27.05 12.54
N PHE E 230 11.20 28.34 12.56
CA PHE E 230 9.79 28.67 12.59
C PHE E 230 9.12 28.32 11.28
N LEU E 231 9.78 28.57 10.15
CA LEU E 231 9.12 28.34 8.87
C LEU E 231 8.78 26.87 8.70
N SER E 232 9.69 25.98 9.10
CA SER E 232 9.39 24.55 8.99
C SER E 232 8.23 24.21 9.89
N LEU E 233 8.23 24.74 11.11
CA LEU E 233 7.13 24.49 12.02
C LEU E 233 5.84 25.01 11.41
N ALA E 234 5.87 26.24 10.90
CA ALA E 234 4.67 26.89 10.41
C ALA E 234 4.02 26.08 9.32
N GLU E 235 4.80 25.68 8.32
CA GLU E 235 4.17 24.98 7.21
C GLU E 235 3.68 23.62 7.65
N MET E 236 4.39 22.97 8.57
CA MET E 236 3.93 21.65 8.97
C MET E 236 2.71 21.72 9.88
N ILE E 237 2.64 22.71 10.77
CA ILE E 237 1.47 22.72 11.64
C ILE E 237 0.20 23.01 10.84
N GLU E 238 0.30 23.87 9.82
CA GLU E 238 -0.87 24.10 8.99
C GLU E 238 -1.24 22.84 8.25
N HIS E 239 -0.23 22.16 7.68
CA HIS E 239 -0.47 20.93 6.95
C HIS E 239 -1.11 19.90 7.84
N ASP E 240 -0.56 19.74 9.05
CA ASP E 240 -1.08 18.74 9.95
C ASP E 240 -2.48 19.10 10.42
N SER E 241 -2.75 20.38 10.65
CA SER E 241 -4.09 20.78 11.01
C SER E 241 -5.05 20.44 9.88
N ASN E 242 -4.64 20.76 8.67
CA ASN E 242 -5.49 20.49 7.51
C ASN E 242 -5.70 19.00 7.33
N LEU E 243 -4.68 18.18 7.62
CA LEU E 243 -4.85 16.74 7.49
C LEU E 243 -5.88 16.24 8.46
N MET E 244 -5.83 16.72 9.71
CA MET E 244 -6.82 16.28 10.67
C MET E 244 -8.21 16.71 10.24
N HIS E 245 -8.33 17.96 9.83
CA HIS E 245 -9.65 18.43 9.43
C HIS E 245 -10.12 17.74 8.16
N ALA E 246 -9.18 17.39 7.28
CA ALA E 246 -9.53 16.60 6.10
C ALA E 246 -10.17 15.29 6.50
N VAL E 247 -9.60 14.62 7.51
CA VAL E 247 -10.18 13.40 7.98
C VAL E 247 -11.54 13.66 8.60
N MET E 248 -11.62 14.69 9.44
CA MET E 248 -12.89 15.03 10.05
C MET E 248 -13.96 15.26 8.99
N MET E 249 -13.65 16.05 7.99
CA MET E 249 -14.63 16.43 7.00
C MET E 249 -14.99 15.31 6.07
N THR E 250 -14.19 14.24 6.05
CA THR E 250 -14.49 13.11 5.21
C THR E 250 -14.89 11.89 6.02
N SER E 251 -15.20 12.10 7.29
CA SER E 251 -15.81 11.08 8.11
C SER E 251 -17.29 10.98 7.76
N THR E 252 -17.93 9.95 8.29
CA THR E 252 -19.37 9.75 8.14
C THR E 252 -19.97 9.59 9.52
N PRO E 253 -20.80 10.52 9.98
CA PRO E 253 -21.14 11.77 9.32
C PRO E 253 -19.95 12.69 9.32
N PRO E 254 -19.91 13.63 8.38
CA PRO E 254 -18.76 14.54 8.31
C PRO E 254 -18.76 15.46 9.50
N LEU E 255 -17.56 15.78 9.97
CA LEU E 255 -17.38 16.69 11.10
C LEU E 255 -16.76 17.96 10.55
N PHE E 256 -17.58 18.98 10.38
CA PHE E 256 -17.09 20.25 9.88
C PHE E 256 -17.01 21.20 11.06
N TYR E 257 -15.82 21.24 11.67
CA TYR E 257 -15.60 22.10 12.82
C TYR E 257 -15.35 23.54 12.42
N TRP E 258 -14.94 23.77 11.18
CA TRP E 258 -14.63 25.12 10.76
C TRP E 258 -15.91 25.93 10.65
N GLU E 259 -15.81 27.15 11.05
CA GLU E 259 -16.78 28.17 10.69
C GLU E 259 -16.28 28.95 9.50
N PRO E 260 -17.16 29.64 8.78
CA PRO E 260 -16.67 30.47 7.68
C PRO E 260 -15.51 31.38 8.05
N VAL E 261 -15.54 31.99 9.23
CA VAL E 261 -14.45 32.89 9.60
C VAL E 261 -13.17 32.10 9.84
N SER E 262 -13.28 30.84 10.27
CA SER E 262 -12.08 30.03 10.41
C SER E 262 -11.32 30.03 9.10
N LEU E 263 -12.06 29.88 8.00
CA LEU E 263 -11.44 29.86 6.69
C LEU E 263 -10.78 31.20 6.37
N VAL E 264 -11.44 32.30 6.69
CA VAL E 264 -10.84 33.60 6.45
C VAL E 264 -9.52 33.70 7.18
N ILE E 265 -9.52 33.26 8.45
CA ILE E 265 -8.31 33.37 9.26
C ILE E 265 -7.20 32.52 8.69
N MET E 266 -7.52 31.26 8.34
CA MET E 266 -6.48 30.39 7.82
C MET E 266 -5.85 30.99 6.59
N LYS E 267 -6.68 31.47 5.65
CA LYS E 267 -6.11 32.08 4.46
C LYS E 267 -5.32 33.33 4.80
N SER E 268 -5.82 34.14 5.74
CA SER E 268 -5.14 35.38 6.09
C SER E 268 -3.78 35.11 6.71
N VAL E 269 -3.72 34.13 7.63
CA VAL E 269 -2.46 33.79 8.27
C VAL E 269 -1.42 33.38 7.24
N ARG E 270 -1.82 32.51 6.30
CA ARG E 270 -0.87 32.10 5.29
C ARG E 270 -0.38 33.31 4.51
N GLU E 271 -1.29 34.18 4.13
CA GLU E 271 -0.87 35.38 3.41
C GLU E 271 0.03 36.25 4.27
N TRP E 272 -0.30 36.42 5.56
CA TRP E 272 0.58 37.21 6.43
C TRP E 272 1.97 36.64 6.44
N ARG E 273 2.09 35.30 6.59
CA ARG E 273 3.41 34.72 6.67
C ARG E 273 4.15 34.92 5.36
N GLU E 274 3.47 34.66 4.26
CA GLU E 274 4.08 34.77 2.90
C GLU E 274 4.46 36.23 2.64
N SER E 275 3.85 37.18 3.35
CA SER E 275 4.15 38.60 3.13
C SER E 275 5.17 39.08 4.16
N GLY E 276 5.65 38.24 5.06
CA GLY E 276 6.74 38.63 5.95
C GLY E 276 6.41 38.61 7.42
N LEU E 277 5.24 38.22 7.80
CA LEU E 277 4.95 38.17 9.22
C LEU E 277 4.97 36.72 9.68
N PRO E 278 5.98 36.27 10.40
CA PRO E 278 6.03 34.84 10.78
C PRO E 278 4.91 34.44 11.70
N CYS E 279 4.02 33.59 11.20
CA CYS E 279 2.90 33.10 11.98
C CYS E 279 2.36 31.90 11.25
N ALA E 280 1.56 31.12 11.94
CA ALA E 280 1.03 29.92 11.33
C ALA E 280 -0.23 29.54 12.08
N TYR E 281 -1.15 28.92 11.37
CA TYR E 281 -2.40 28.54 12.00
C TYR E 281 -2.45 27.06 12.34
N THR E 282 -3.31 26.77 13.29
CA THR E 282 -3.67 25.40 13.60
C THR E 282 -5.00 25.40 14.33
N LEU E 283 -5.81 24.40 14.05
CA LEU E 283 -7.15 24.31 14.61
C LEU E 283 -7.32 22.97 15.27
N ASP E 284 -7.98 22.96 16.42
CA ASP E 284 -8.36 21.71 17.04
C ASP E 284 -9.76 21.36 16.58
N ALA E 285 -10.51 20.65 17.42
CA ALA E 285 -11.86 20.21 17.05
C ALA E 285 -12.87 21.30 17.39
N GLY E 286 -12.77 22.38 16.64
CA GLY E 286 -13.57 23.55 16.84
C GLY E 286 -13.10 24.59 15.86
N PRO E 287 -13.80 25.72 15.82
CA PRO E 287 -13.52 26.72 14.79
C PRO E 287 -12.52 27.77 15.21
N ASN E 288 -12.15 27.83 16.48
CA ASN E 288 -11.15 28.80 16.89
C ASN E 288 -9.85 28.52 16.16
N VAL E 289 -9.14 29.56 15.82
CA VAL E 289 -7.89 29.43 15.11
C VAL E 289 -6.77 29.83 16.04
N HIS E 290 -5.89 28.88 16.31
CA HIS E 290 -4.69 29.14 17.05
C HIS E 290 -3.63 29.61 16.08
N VAL E 291 -3.14 30.82 16.29
CA VAL E 291 -2.12 31.38 15.42
C VAL E 291 -0.82 31.40 16.20
N ILE E 292 0.08 30.55 15.80
CA ILE E 292 1.36 30.39 16.46
C ILE E 292 2.35 31.35 15.82
N CYS E 293 3.16 32.03 16.62
CA CYS E 293 4.14 32.92 16.03
C CYS E 293 5.29 33.12 17.02
N PRO E 294 6.47 33.47 16.54
CA PRO E 294 7.50 33.95 17.46
C PRO E 294 6.90 35.11 18.24
N SER E 295 7.16 35.10 19.55
CA SER E 295 6.47 36.03 20.43
C SER E 295 6.68 37.48 20.06
N GLU E 296 7.78 37.80 19.41
CA GLU E 296 8.04 39.19 19.03
C GLU E 296 7.05 39.68 17.98
N TYR E 297 6.35 38.79 17.32
CA TYR E 297 5.38 39.14 16.32
C TYR E 297 3.95 39.06 16.83
N ALA E 298 3.76 38.68 18.09
CA ALA E 298 2.44 38.38 18.59
C ALA E 298 1.55 39.61 18.55
N GLU E 299 2.08 40.77 18.95
CA GLU E 299 1.24 41.96 18.94
C GLU E 299 0.76 42.27 17.52
N GLU E 300 1.65 42.14 16.54
CA GLU E 300 1.25 42.35 15.15
C GLU E 300 0.22 41.32 14.72
N VAL E 301 0.45 40.04 15.05
CA VAL E 301 -0.52 39.01 14.72
C VAL E 301 -1.88 39.31 15.35
N ILE E 302 -1.87 39.67 16.64
CA ILE E 302 -3.12 39.93 17.34
C ILE E 302 -3.84 41.10 16.69
N PHE E 303 -3.09 42.13 16.32
CA PHE E 303 -3.69 43.29 15.68
C PHE E 303 -4.40 42.86 14.40
N ARG E 304 -3.72 42.07 13.61
CA ARG E 304 -4.26 41.62 12.30
C ARG E 304 -5.44 40.69 12.53
N LEU E 305 -5.35 39.81 13.47
CA LEU E 305 -6.48 38.94 13.76
C LEU E 305 -7.66 39.74 14.25
N THR E 306 -7.41 40.73 15.10
CA THR E 306 -8.50 41.51 15.67
C THR E 306 -9.21 42.29 14.58
N SER E 307 -8.50 42.61 13.50
CA SER E 307 -9.07 43.33 12.38
C SER E 307 -9.95 42.46 11.49
N ILE E 308 -9.96 41.16 11.69
CA ILE E 308 -10.72 40.29 10.81
C ILE E 308 -12.18 40.30 11.24
N PRO E 309 -13.10 40.67 10.36
CA PRO E 309 -14.52 40.57 10.72
C PRO E 309 -14.86 39.17 11.20
N GLY E 310 -15.53 39.09 12.34
CA GLY E 310 -15.96 37.83 12.90
C GLY E 310 -15.11 37.33 14.05
N VAL E 311 -13.92 37.90 14.23
CA VAL E 311 -13.06 37.52 15.35
C VAL E 311 -13.52 38.29 16.56
N GLN E 312 -14.08 37.57 17.55
CA GLN E 312 -14.59 38.20 18.77
C GLN E 312 -13.45 38.79 19.58
N THR E 313 -12.49 37.96 19.94
CA THR E 313 -11.33 38.38 20.69
C THR E 313 -10.20 37.42 20.39
N VAL E 314 -9.01 37.83 20.77
CA VAL E 314 -7.79 37.07 20.54
C VAL E 314 -7.14 36.89 21.90
N LEU E 315 -6.98 35.64 22.32
CA LEU E 315 -6.25 35.33 23.54
C LEU E 315 -4.78 35.17 23.21
N LYS E 316 -3.92 35.64 24.10
CA LYS E 316 -2.49 35.60 23.90
C LYS E 316 -1.94 34.62 24.93
N ALA E 317 -1.34 33.54 24.46
CA ALA E 317 -0.78 32.56 25.37
C ALA E 317 0.66 32.27 24.97
N SER E 318 1.50 32.10 25.98
CA SER E 318 2.89 31.74 25.77
C SER E 318 3.06 30.30 26.25
N ALA E 319 4.28 29.81 26.08
CA ALA E 319 4.59 28.43 26.42
C ALA E 319 4.50 28.22 27.92
N GLY E 320 3.76 27.20 28.33
CA GLY E 320 3.51 26.93 29.72
C GLY E 320 4.32 25.79 30.27
N ASP E 321 4.35 25.74 31.59
CA ASP E 321 5.15 24.75 32.30
C ASP E 321 4.36 23.47 32.46
N SER E 322 5.00 22.52 33.12
CA SER E 322 4.37 21.25 33.42
C SER E 322 3.29 21.42 34.47
N ALA E 323 2.44 20.40 34.56
CA ALA E 323 1.51 20.31 35.67
C ALA E 323 2.31 20.34 36.96
N LYS E 324 1.81 21.09 37.94
CA LYS E 324 2.50 21.22 39.22
C LYS E 324 1.53 21.04 40.38
N LEU E 325 2.07 20.57 41.50
CA LEU E 325 1.36 20.63 42.75
C LEU E 325 1.52 22.01 43.36
N ILE E 326 0.48 22.48 44.04
CA ILE E 326 0.55 23.76 44.76
C ILE E 326 0.12 23.53 46.21
N MET F 5 43.19 -2.67 88.83
CA MET F 5 42.03 -3.43 89.34
C MET F 5 41.69 -4.63 88.45
N GLY F 6 42.27 -4.76 87.27
CA GLY F 6 41.96 -5.87 86.37
C GLY F 6 42.95 -5.89 85.23
N GLN F 7 43.41 -7.04 84.87
CA GLN F 7 44.37 -7.09 83.76
C GLN F 7 44.14 -8.37 83.02
N ALA F 8 44.11 -8.22 81.72
CA ALA F 8 44.05 -9.39 80.86
C ALA F 8 44.68 -9.03 79.52
N THR F 9 45.18 -10.06 78.85
CA THR F 9 45.77 -9.92 77.52
C THR F 9 45.07 -10.93 76.62
N ALA F 10 44.69 -10.49 75.42
CA ALA F 10 44.00 -11.35 74.48
C ALA F 10 44.65 -11.21 73.11
N ILE F 11 44.53 -12.26 72.32
CA ILE F 11 44.98 -12.24 70.94
C ILE F 11 43.80 -12.65 70.06
N ALA F 12 43.70 -11.99 68.91
CA ALA F 12 42.69 -12.35 67.93
C ALA F 12 43.31 -12.18 66.56
N HIS F 13 42.72 -12.86 65.60
CA HIS F 13 43.21 -12.79 64.23
C HIS F 13 42.27 -11.97 63.38
N PRO F 14 42.79 -11.29 62.36
CA PRO F 14 41.92 -10.74 61.33
C PRO F 14 41.24 -11.90 60.61
N ASN F 15 40.26 -11.55 59.77
CA ASN F 15 39.56 -12.61 59.06
C ASN F 15 39.32 -12.12 57.65
N ILE F 16 39.18 -13.07 56.73
CA ILE F 16 38.89 -12.74 55.33
C ILE F 16 37.49 -13.25 55.06
N ALA F 17 36.63 -12.34 54.64
CA ALA F 17 35.23 -12.67 54.40
C ALA F 17 35.07 -13.34 53.05
N PHE F 18 34.45 -14.51 53.07
CA PHE F 18 34.03 -15.19 51.86
C PHE F 18 32.72 -14.63 51.35
N ILE F 19 31.82 -14.32 52.27
CA ILE F 19 30.61 -13.55 52.01
C ILE F 19 30.78 -12.27 52.79
N LYS F 20 30.70 -11.15 52.09
CA LYS F 20 31.10 -9.87 52.64
C LYS F 20 30.00 -9.24 53.48
N TYR F 21 30.44 -8.51 54.48
CA TYR F 21 29.68 -7.53 55.22
C TYR F 21 29.86 -6.17 54.56
N TRP F 22 28.77 -5.58 54.12
CA TRP F 22 28.84 -4.28 53.49
C TRP F 22 27.48 -3.65 53.64
N GLY F 23 27.43 -2.59 54.44
CA GLY F 23 26.21 -1.87 54.71
C GLY F 23 25.65 -2.32 56.03
N ASN F 24 25.14 -1.35 56.77
CA ASN F 24 24.58 -1.62 58.08
C ASN F 24 23.08 -1.38 58.06
N ARG F 25 22.37 -2.26 58.74
CA ARG F 25 21.00 -1.98 59.10
C ARG F 25 20.93 -0.95 60.21
N ASP F 26 21.86 -1.05 61.17
CA ASP F 26 21.98 -0.09 62.24
C ASP F 26 23.44 0.24 62.37
N ALA F 27 23.82 1.46 61.99
CA ALA F 27 25.23 1.80 61.96
C ALA F 27 25.78 1.93 63.37
N VAL F 28 24.95 2.39 64.31
CA VAL F 28 25.43 2.56 65.68
C VAL F 28 25.76 1.21 66.30
N LEU F 29 24.87 0.24 66.16
CA LEU F 29 25.07 -1.07 66.75
C LEU F 29 25.83 -2.01 65.82
N ARG F 30 26.13 -1.55 64.61
CA ARG F 30 26.80 -2.38 63.61
C ARG F 30 26.04 -3.70 63.45
N ILE F 31 24.73 -3.57 63.32
CA ILE F 31 23.89 -4.68 62.87
C ILE F 31 23.94 -4.59 61.37
N PRO F 32 24.44 -5.64 60.70
CA PRO F 32 24.70 -5.54 59.26
C PRO F 32 23.40 -5.72 58.48
N GLU F 33 23.42 -5.24 57.25
CA GLU F 33 22.31 -5.50 56.35
C GLU F 33 22.21 -6.97 55.98
N ASN F 34 23.33 -7.68 55.93
CA ASN F 34 23.33 -9.05 55.49
C ASN F 34 24.33 -9.83 56.33
N GLY F 35 24.18 -11.13 56.30
CA GLY F 35 25.10 -12.01 56.97
C GLY F 35 26.38 -12.15 56.19
N SER F 36 27.37 -12.74 56.84
CA SER F 36 28.69 -12.84 56.22
C SER F 36 29.35 -14.08 56.80
N ILE F 37 30.34 -14.55 56.08
CA ILE F 37 31.11 -15.73 56.47
C ILE F 37 32.57 -15.42 56.19
N SER F 38 33.44 -15.77 57.14
CA SER F 38 34.84 -15.43 57.00
C SER F 38 35.68 -16.55 57.57
N MET F 39 36.96 -16.48 57.30
CA MET F 39 37.94 -17.41 57.84
C MET F 39 38.96 -16.59 58.59
N ASN F 40 39.23 -16.96 59.85
CA ASN F 40 40.31 -16.30 60.57
C ASN F 40 41.66 -16.65 59.95
N LEU F 41 42.58 -15.70 60.03
CA LEU F 41 43.92 -15.86 59.47
C LEU F 41 44.90 -16.09 60.62
N ALA F 42 45.42 -17.31 60.71
CA ALA F 42 46.22 -17.72 61.86
C ALA F 42 47.46 -16.85 62.03
N GLU F 43 48.13 -16.50 60.94
CA GLU F 43 49.46 -15.92 61.04
C GLU F 43 49.46 -14.43 61.25
N LEU F 44 48.30 -13.81 61.38
CA LEU F 44 48.21 -12.40 61.68
C LEU F 44 47.48 -12.27 62.99
N THR F 45 47.99 -11.44 63.87
CA THR F 45 47.45 -11.38 65.21
C THR F 45 47.55 -9.97 65.74
N VAL F 46 46.52 -9.58 66.46
CA VAL F 46 46.53 -8.41 67.31
C VAL F 46 46.56 -8.94 68.74
N LYS F 47 47.53 -8.49 69.51
CA LYS F 47 47.58 -8.80 70.94
C LYS F 47 47.30 -7.50 71.67
N THR F 48 46.42 -7.55 72.64
CA THR F 48 45.96 -6.37 73.32
C THR F 48 45.92 -6.67 74.80
N THR F 49 46.50 -5.77 75.58
CA THR F 49 46.47 -5.84 77.03
C THR F 49 45.62 -4.69 77.54
N VAL F 50 44.71 -5.00 78.44
CA VAL F 50 43.87 -4.01 79.08
C VAL F 50 44.12 -4.11 80.57
N ILE F 51 44.49 -3.00 81.19
CA ILE F 51 44.70 -2.91 82.63
C ILE F 51 43.79 -1.81 83.15
N PHE F 52 42.80 -2.19 83.94
CA PHE F 52 41.91 -1.22 84.57
C PHE F 52 42.56 -0.66 85.81
N GLU F 53 42.53 0.63 85.98
CA GLU F 53 43.28 1.23 87.06
C GLU F 53 42.35 1.92 88.02
N ASP F 59 41.59 5.92 80.12
CA ASP F 59 41.50 5.23 78.87
C ASP F 59 42.67 5.79 78.10
N THR F 60 43.76 5.06 78.21
CA THR F 60 45.02 5.36 77.48
C THR F 60 45.23 4.25 76.44
N LEU F 61 45.90 4.54 75.36
CA LEU F 61 46.10 3.54 74.32
C LEU F 61 47.47 3.65 73.69
N ILE F 62 48.21 2.54 73.67
CA ILE F 62 49.48 2.43 72.97
C ILE F 62 49.34 1.41 71.84
N LEU F 63 49.78 1.80 70.64
CA LEU F 63 49.65 0.99 69.43
C LEU F 63 51.03 0.72 68.85
N ASN F 64 51.44 -0.54 68.84
CA ASN F 64 52.75 -0.95 68.31
C ASN F 64 53.86 -0.04 68.85
N GLY F 65 53.82 0.18 70.16
CA GLY F 65 54.86 0.93 70.84
C GLY F 65 54.80 2.42 70.64
N ALA F 66 53.64 2.97 70.28
CA ALA F 66 53.52 4.40 70.04
C ALA F 66 52.19 4.90 70.59
N LEU F 67 52.18 6.19 70.96
CA LEU F 67 50.96 6.83 71.41
C LEU F 67 49.94 6.86 70.28
N ALA F 68 48.76 6.33 70.55
CA ALA F 68 47.72 6.25 69.53
C ALA F 68 47.18 7.62 69.17
N ASP F 69 46.75 7.74 67.91
CA ASP F 69 45.95 8.87 67.47
C ASP F 69 44.79 9.12 68.42
N GLU F 70 44.37 10.37 68.54
CA GLU F 70 43.15 10.67 69.31
C GLU F 70 41.94 9.93 68.73
N PRO F 71 41.73 9.90 67.42
CA PRO F 71 40.65 9.04 66.88
C PRO F 71 40.71 7.60 67.38
N ALA F 72 41.88 6.97 67.29
CA ALA F 72 42.01 5.59 67.74
C ALA F 72 41.72 5.48 69.25
N LEU F 73 42.18 6.46 70.02
CA LEU F 73 41.93 6.44 71.45
C LEU F 73 40.45 6.65 71.74
N LYS F 74 39.85 7.67 71.12
CA LYS F 74 38.42 7.91 71.29
C LYS F 74 37.61 6.67 70.97
N ARG F 75 38.05 5.92 69.95
CA ARG F 75 37.31 4.73 69.53
C ARG F 75 37.41 3.61 70.57
N VAL F 76 38.62 3.38 71.11
CA VAL F 76 38.79 2.39 72.16
C VAL F 76 38.03 2.80 73.41
N SER F 77 38.04 4.10 73.73
CA SER F 77 37.36 4.58 74.93
C SER F 77 35.86 4.38 74.82
N HIS F 78 35.26 4.77 73.69
CA HIS F 78 33.84 4.51 73.48
C HIS F 78 33.56 3.01 73.61
N PHE F 79 34.42 2.17 73.06
CA PHE F 79 34.23 0.74 73.22
C PHE F 79 34.34 0.32 74.68
N LEU F 80 35.32 0.85 75.40
CA LEU F 80 35.49 0.45 76.79
C LEU F 80 34.29 0.86 77.63
N ASP F 81 33.69 2.01 77.32
CA ASP F 81 32.42 2.37 77.96
C ASP F 81 31.45 1.20 77.94
N ARG F 82 31.26 0.61 76.76
CA ARG F 82 30.38 -0.55 76.66
C ARG F 82 30.75 -1.60 77.70
N VAL F 83 32.05 -1.82 77.89
CA VAL F 83 32.49 -2.84 78.83
C VAL F 83 32.15 -2.43 80.25
N ARG F 84 32.32 -1.15 80.57
CA ARG F 84 31.98 -0.66 81.90
C ARG F 84 30.50 -0.80 82.19
N GLU F 85 29.64 -0.44 81.24
CA GLU F 85 28.21 -0.42 81.54
C GLU F 85 27.68 -1.83 81.81
N PHE F 86 28.09 -2.83 81.03
CA PHE F 86 27.55 -4.16 81.31
C PHE F 86 28.17 -4.79 82.56
N ALA F 87 29.41 -4.39 82.90
CA ALA F 87 29.97 -4.77 84.18
C ALA F 87 29.56 -3.82 85.30
N GLY F 88 28.85 -2.73 84.98
CA GLY F 88 28.52 -1.72 85.96
C GLY F 88 29.72 -1.39 86.83
N ILE F 89 30.80 -0.96 86.21
CA ILE F 89 32.06 -0.68 86.90
C ILE F 89 32.73 0.48 86.20
N SER F 90 33.30 1.40 86.97
CA SER F 90 33.63 2.73 86.50
C SER F 90 35.06 2.89 86.05
N TRP F 91 35.86 1.83 86.09
CA TRP F 91 37.31 1.98 85.97
C TRP F 91 37.75 2.38 84.56
N HIS F 92 38.87 3.08 84.53
CA HIS F 92 39.45 3.78 83.36
C HIS F 92 40.77 3.08 83.08
N ALA F 93 40.92 2.55 81.86
CA ALA F 93 41.88 1.49 81.60
C ALA F 93 43.08 1.93 80.77
N HIS F 94 44.15 1.17 80.92
CA HIS F 94 45.40 1.34 80.12
C HIS F 94 45.39 0.25 79.04
N VAL F 95 45.33 0.63 77.77
CA VAL F 95 45.26 -0.34 76.68
C VAL F 95 46.57 -0.30 75.92
N ILE F 96 47.20 -1.47 75.81
CA ILE F 96 48.43 -1.63 75.06
C ILE F 96 48.18 -2.70 74.01
N SER F 97 48.30 -2.33 72.75
CA SER F 97 48.04 -3.27 71.66
C SER F 97 49.19 -3.22 70.68
N GLU F 98 49.54 -4.39 70.17
CA GLU F 98 50.49 -4.51 69.08
C GLU F 98 49.96 -5.57 68.14
N ASN F 99 50.32 -5.46 66.87
CA ASN F 99 50.01 -6.48 65.90
C ASN F 99 51.28 -6.88 65.20
N ASN F 100 51.25 -8.06 64.59
CA ASN F 100 52.35 -8.54 63.78
C ASN F 100 52.11 -8.33 62.29
N PHE F 101 51.27 -7.38 61.93
CA PHE F 101 50.95 -7.18 60.53
C PHE F 101 52.14 -6.52 59.84
N PRO F 102 52.57 -7.01 58.67
CA PRO F 102 53.65 -6.32 57.95
C PRO F 102 53.24 -4.88 57.68
N THR F 103 54.06 -3.94 58.16
CA THR F 103 53.71 -2.54 58.08
C THR F 103 53.53 -2.10 56.64
N GLY F 104 52.55 -1.23 56.41
CA GLY F 104 52.28 -0.73 55.08
C GLY F 104 51.60 -1.70 54.14
N ALA F 105 51.34 -2.94 54.57
CA ALA F 105 50.69 -3.91 53.71
C ALA F 105 49.18 -3.69 53.55
N GLY F 106 48.61 -2.75 54.28
CA GLY F 106 47.19 -2.50 54.18
C GLY F 106 46.31 -3.57 54.76
N ILE F 107 46.84 -4.39 55.68
CA ILE F 107 46.02 -5.39 56.35
C ILE F 107 45.13 -4.69 57.37
N ALA F 108 43.82 -4.86 57.24
CA ALA F 108 42.91 -4.19 58.16
C ALA F 108 43.03 -4.81 59.54
N SER F 109 43.20 -3.95 60.54
CA SER F 109 43.41 -4.37 61.92
C SER F 109 42.13 -4.41 62.74
N SER F 110 41.03 -3.81 62.26
CA SER F 110 39.93 -3.48 63.15
C SER F 110 39.21 -4.72 63.67
N ALA F 111 39.10 -5.77 62.86
CA ALA F 111 38.39 -6.95 63.32
C ALA F 111 39.19 -7.66 64.40
N ALA F 112 40.47 -7.92 64.14
CA ALA F 112 41.32 -8.50 65.15
C ALA F 112 41.39 -7.59 66.37
N ALA F 113 41.50 -6.29 66.16
CA ALA F 113 41.71 -5.37 67.28
C ALA F 113 40.53 -5.39 68.23
N PHE F 114 39.33 -5.18 67.71
CA PHE F 114 38.18 -5.13 68.60
C PHE F 114 37.77 -6.50 69.09
N ALA F 115 38.14 -7.57 68.39
CA ALA F 115 37.93 -8.89 68.95
C ALA F 115 38.85 -9.10 70.15
N ALA F 116 40.13 -8.76 69.99
CA ALA F 116 41.08 -8.83 71.10
C ALA F 116 40.64 -7.91 72.24
N LEU F 117 40.31 -6.67 71.92
CA LEU F 117 39.90 -5.72 72.95
C LEU F 117 38.66 -6.20 73.69
N ALA F 118 37.67 -6.73 72.96
CA ALA F 118 36.47 -7.25 73.60
C ALA F 118 36.82 -8.29 74.66
N LEU F 119 37.68 -9.23 74.30
CA LEU F 119 38.04 -10.31 75.19
C LEU F 119 38.97 -9.82 76.29
N ALA F 120 39.96 -9.01 75.95
CA ALA F 120 40.92 -8.54 76.96
C ALA F 120 40.24 -7.60 77.96
N ALA F 121 39.34 -6.74 77.49
CA ALA F 121 38.72 -5.77 78.37
C ALA F 121 37.70 -6.43 79.30
N THR F 122 36.86 -7.33 78.78
CA THR F 122 35.86 -7.96 79.64
C THR F 122 36.52 -8.87 80.66
N SER F 123 37.55 -9.60 80.26
CA SER F 123 38.26 -10.44 81.21
C SER F 123 38.89 -9.59 82.31
N ALA F 124 39.63 -8.56 81.89
CA ALA F 124 40.27 -7.66 82.85
C ALA F 124 39.27 -7.08 83.84
N ILE F 125 38.01 -6.91 83.46
CA ILE F 125 37.04 -6.27 84.31
C ILE F 125 36.25 -7.25 85.18
N GLY F 126 36.63 -8.54 85.13
CA GLY F 126 35.96 -9.55 85.93
C GLY F 126 34.90 -10.35 85.20
N LEU F 127 34.53 -9.94 83.99
CA LEU F 127 33.46 -10.63 83.27
C LEU F 127 33.98 -11.93 82.66
N HIS F 128 33.03 -12.80 82.29
CA HIS F 128 33.30 -14.09 81.67
C HIS F 128 32.21 -14.34 80.60
N LEU F 129 32.26 -13.54 79.53
CA LEU F 129 31.22 -13.56 78.53
C LEU F 129 31.25 -14.84 77.71
N SER F 130 30.07 -15.29 77.30
CA SER F 130 29.97 -16.37 76.34
C SER F 130 30.63 -15.93 75.05
N GLU F 131 30.96 -16.89 74.20
CA GLU F 131 31.51 -16.54 72.90
C GLU F 131 30.52 -15.66 72.15
N ARG F 132 29.24 -16.01 72.19
CA ARG F 132 28.20 -15.23 71.53
C ARG F 132 28.18 -13.80 72.03
N ASP F 133 28.23 -13.60 73.32
CA ASP F 133 28.16 -12.24 73.86
C ASP F 133 29.44 -11.50 73.52
N LEU F 134 30.57 -12.15 73.53
CA LEU F 134 31.81 -11.49 73.13
C LEU F 134 31.73 -11.06 71.67
N SER F 135 31.15 -11.93 70.83
CA SER F 135 30.95 -11.57 69.42
C SER F 135 30.08 -10.34 69.30
N ARG F 136 28.96 -10.36 69.98
CA ARG F 136 28.05 -9.21 69.98
C ARG F 136 28.80 -7.97 70.44
N LEU F 137 29.63 -8.06 71.46
CA LEU F 137 30.33 -6.88 71.94
C LEU F 137 31.38 -6.42 70.91
N ALA F 138 32.19 -7.36 70.41
CA ALA F 138 33.20 -7.01 69.42
C ALA F 138 32.55 -6.39 68.19
N ARG F 139 31.37 -6.89 67.83
CA ARG F 139 30.61 -6.33 66.71
C ARG F 139 30.44 -4.83 66.86
N LYS F 140 30.20 -4.35 68.09
CA LYS F 140 29.97 -2.92 68.27
C LYS F 140 31.25 -2.09 68.22
N GLY F 141 32.42 -2.73 68.27
CA GLY F 141 33.65 -2.00 67.99
C GLY F 141 33.87 -1.89 66.50
N SER F 142 33.81 -3.03 65.83
CA SER F 142 33.88 -3.07 64.37
C SER F 142 33.10 -4.30 63.96
N GLY F 143 32.19 -4.15 63.00
CA GLY F 143 31.31 -5.25 62.69
C GLY F 143 32.03 -6.56 62.47
N SER F 144 33.03 -6.55 61.60
CA SER F 144 33.72 -7.77 61.26
C SER F 144 34.49 -8.33 62.44
N ALA F 145 34.72 -7.52 63.47
CA ALA F 145 35.37 -8.03 64.67
C ALA F 145 34.55 -9.14 65.30
N CYS F 146 33.24 -9.16 65.07
CA CYS F 146 32.46 -10.24 65.66
C CYS F 146 32.83 -11.58 65.08
N ARG F 147 33.38 -11.63 63.87
CA ARG F 147 33.72 -12.90 63.27
C ARG F 147 35.12 -13.37 63.66
N SER F 148 35.89 -12.51 64.29
CA SER F 148 37.20 -12.89 64.81
C SER F 148 37.11 -13.42 66.22
N ILE F 149 35.94 -13.32 66.85
CA ILE F 149 35.81 -13.84 68.22
C ILE F 149 35.77 -15.36 68.15
N PRO F 150 34.87 -15.97 67.38
CA PRO F 150 34.93 -17.41 67.17
C PRO F 150 36.11 -17.77 66.30
N GLY F 151 36.31 -19.08 66.16
CA GLY F 151 37.46 -19.56 65.45
C GLY F 151 37.15 -20.23 64.14
N GLY F 152 38.14 -20.25 63.26
CA GLY F 152 38.05 -21.01 62.06
C GLY F 152 37.20 -20.31 61.02
N PHE F 153 36.20 -21.00 60.57
CA PHE F 153 35.25 -20.50 59.59
C PHE F 153 34.05 -20.03 60.36
N VAL F 154 33.70 -18.76 60.17
CA VAL F 154 32.79 -18.08 61.07
C VAL F 154 31.65 -17.51 60.25
N GLU F 155 30.43 -17.69 60.76
CA GLU F 155 29.27 -17.04 60.16
C GLU F 155 28.71 -15.99 61.08
N TRP F 156 28.53 -14.79 60.55
CA TRP F 156 27.88 -13.69 61.26
C TRP F 156 26.42 -13.74 60.89
N ILE F 157 25.58 -14.06 61.87
CA ILE F 157 24.13 -14.10 61.70
C ILE F 157 23.68 -12.66 61.84
N PRO F 158 23.04 -12.08 60.83
CA PRO F 158 22.92 -10.63 60.83
C PRO F 158 21.93 -10.13 61.85
N GLY F 159 20.77 -10.77 61.94
CA GLY F 159 19.77 -10.30 62.87
C GLY F 159 19.23 -8.92 62.58
N GLU F 160 18.34 -8.45 63.45
CA GLU F 160 17.83 -7.11 63.38
C GLU F 160 17.94 -6.42 64.73
N THR F 161 18.54 -7.09 65.71
CA THR F 161 18.71 -6.53 67.04
C THR F 161 20.13 -6.81 67.50
N ASP F 162 20.54 -6.07 68.53
CA ASP F 162 21.85 -6.29 69.13
C ASP F 162 22.01 -7.72 69.59
N GLU F 163 20.98 -8.29 70.20
CA GLU F 163 21.09 -9.65 70.69
C GLU F 163 21.16 -10.67 69.56
N ASP F 164 20.52 -10.39 68.43
CA ASP F 164 20.43 -11.38 67.38
C ASP F 164 21.54 -11.28 66.35
N SER F 165 22.44 -10.33 66.49
CA SER F 165 23.51 -10.10 65.52
C SER F 165 24.82 -10.57 66.14
N TYR F 166 25.27 -11.74 65.75
CA TYR F 166 26.44 -12.32 66.36
C TYR F 166 27.01 -13.33 65.40
N ALA F 167 28.22 -13.77 65.69
CA ALA F 167 28.88 -14.76 64.87
C ALA F 167 29.10 -16.05 65.65
N VAL F 168 29.10 -17.14 64.91
CA VAL F 168 29.37 -18.47 65.41
C VAL F 168 30.35 -19.13 64.47
N SER F 169 31.23 -19.96 65.03
CA SER F 169 32.03 -20.79 64.17
C SER F 169 31.12 -21.80 63.50
N ILE F 170 31.24 -21.93 62.18
CA ILE F 170 30.57 -23.00 61.45
C ILE F 170 31.51 -24.16 61.15
N ALA F 171 32.82 -23.98 61.36
CA ALA F 171 33.76 -25.09 61.25
C ALA F 171 35.05 -24.68 61.91
N PRO F 172 35.73 -25.58 62.61
CA PRO F 172 36.99 -25.23 63.22
C PRO F 172 38.05 -25.04 62.16
N PRO F 173 39.14 -24.36 62.47
CA PRO F 173 40.17 -24.14 61.45
C PRO F 173 40.60 -25.42 60.77
N GLU F 174 40.74 -26.51 61.52
CA GLU F 174 41.25 -27.75 60.95
C GLU F 174 40.24 -28.45 60.05
N HIS F 175 39.03 -27.90 59.91
CA HIS F 175 38.04 -28.55 59.09
C HIS F 175 38.47 -28.55 57.63
N TRP F 176 39.11 -27.48 57.18
CA TRP F 176 39.44 -27.36 55.78
C TRP F 176 40.75 -26.60 55.67
N ALA F 177 41.75 -27.26 55.09
CA ALA F 177 43.05 -26.65 54.91
C ALA F 177 42.96 -25.72 53.72
N LEU F 178 42.57 -24.49 53.99
CA LEU F 178 42.56 -23.43 52.99
C LEU F 178 43.60 -22.41 53.40
N THR F 179 44.30 -21.88 52.42
CA THR F 179 45.24 -20.82 52.63
C THR F 179 44.74 -19.58 51.93
N ASP F 180 44.95 -18.44 52.56
CA ASP F 180 44.74 -17.13 51.94
C ASP F 180 46.12 -16.63 51.54
N CYS F 181 46.37 -16.55 50.26
CA CYS F 181 47.59 -15.94 49.76
C CYS F 181 47.26 -14.50 49.43
N ILE F 182 47.71 -13.58 50.26
CA ILE F 182 47.32 -12.19 50.17
C ILE F 182 48.34 -11.46 49.32
N ALA F 183 47.91 -11.03 48.14
CA ALA F 183 48.74 -10.22 47.26
C ALA F 183 48.68 -8.79 47.75
N ILE F 184 49.83 -8.29 48.21
CA ILE F 184 49.91 -6.96 48.75
C ILE F 184 50.24 -6.03 47.60
N LEU F 185 49.36 -5.08 47.37
CA LEU F 185 49.54 -3.98 46.44
C LEU F 185 49.68 -2.77 47.35
N SER F 186 50.83 -2.59 47.97
CA SER F 186 50.96 -1.52 48.94
C SER F 186 50.78 -0.15 48.29
N THR F 187 50.62 -0.13 46.97
CA THR F 187 49.87 0.93 46.32
C THR F 187 48.85 1.62 47.22
N GLN F 188 47.89 0.84 47.71
CA GLN F 188 46.77 1.32 48.52
C GLN F 188 46.14 2.58 47.96
N PRO F 191 42.98 4.51 51.38
CA PRO F 191 41.66 3.99 50.99
C PRO F 191 40.56 4.39 51.99
N ILE F 192 39.40 4.78 51.44
CA ILE F 192 38.30 5.25 52.29
C ILE F 192 37.97 4.19 53.32
N GLY F 193 37.83 4.61 54.58
CA GLY F 193 37.58 3.68 55.64
C GLY F 193 36.23 2.98 55.48
N SER F 194 36.13 1.80 56.10
CA SER F 194 34.91 1.01 56.00
C SER F 194 33.72 1.78 56.60
N THR F 195 33.95 2.49 57.70
CA THR F 195 32.83 3.22 58.32
C THR F 195 32.13 4.12 57.31
N GLN F 196 32.90 4.96 56.60
CA GLN F 196 32.26 5.78 55.57
C GLN F 196 31.74 4.90 54.44
N GLY F 197 32.48 3.85 54.08
CA GLY F 197 32.06 3.03 52.97
C GLY F 197 30.73 2.35 53.21
N HIS F 198 30.58 1.74 54.40
CA HIS F 198 29.32 1.10 54.72
C HIS F 198 28.17 2.08 54.61
N ALA F 199 28.38 3.29 55.14
CA ALA F 199 27.32 4.30 55.14
C ALA F 199 26.95 4.70 53.73
N LEU F 200 27.92 4.72 52.81
CA LEU F 200 27.63 5.09 51.43
C LEU F 200 26.94 3.98 50.67
N ALA F 201 26.91 2.76 51.19
CA ALA F 201 26.28 1.65 50.46
C ALA F 201 24.84 1.98 50.10
N SER F 202 24.13 2.73 50.95
CA SER F 202 22.74 3.03 50.66
C SER F 202 22.59 3.93 49.44
N THR F 203 23.67 4.57 48.99
CA THR F 203 23.60 5.40 47.80
C THR F 203 23.68 4.60 46.52
N SER F 204 24.08 3.34 46.59
CA SER F 204 24.15 2.54 45.39
C SER F 204 22.77 2.02 45.03
N PRO F 205 22.33 2.20 43.79
CA PRO F 205 21.08 1.56 43.36
C PRO F 205 21.08 0.07 43.52
N LEU F 206 22.25 -0.55 43.64
CA LEU F 206 22.39 -1.99 43.56
C LEU F 206 22.44 -2.64 44.93
N GLN F 207 22.51 -1.85 45.97
CA GLN F 207 22.76 -2.41 47.29
C GLN F 207 21.56 -3.23 47.75
N PRO F 208 20.32 -2.75 47.64
CA PRO F 208 19.22 -3.59 48.12
C PRO F 208 19.21 -4.95 47.46
N ALA F 209 19.49 -5.00 46.17
CA ALA F 209 19.47 -6.27 45.49
C ALA F 209 20.59 -7.15 45.99
N ARG F 210 21.78 -6.57 46.19
CA ARG F 210 22.88 -7.36 46.72
C ARG F 210 22.50 -7.95 48.06
N VAL F 211 21.95 -7.10 48.90
CA VAL F 211 21.58 -7.50 50.25
C VAL F 211 20.55 -8.62 50.19
N ALA F 212 19.51 -8.43 49.38
CA ALA F 212 18.44 -9.42 49.35
C ALA F 212 18.90 -10.77 48.86
N ASP F 213 19.93 -10.80 48.03
CA ASP F 213 20.42 -12.03 47.45
C ASP F 213 21.36 -12.77 48.40
N THR F 214 21.73 -12.14 49.51
CA THR F 214 22.77 -12.72 50.35
C THR F 214 22.42 -14.12 50.85
N PRO F 215 21.19 -14.43 51.22
CA PRO F 215 20.93 -15.78 51.72
C PRO F 215 21.31 -16.86 50.74
N ARG F 216 21.19 -16.60 49.44
CA ARG F 216 21.64 -17.59 48.46
C ARG F 216 23.14 -17.78 48.58
N ARG F 217 23.85 -16.67 48.67
CA ARG F 217 25.30 -16.72 48.63
C ARG F 217 25.81 -17.34 49.92
N LEU F 218 25.20 -16.98 51.04
CA LEU F 218 25.58 -17.63 52.30
C LEU F 218 25.33 -19.12 52.24
N GLU F 219 24.19 -19.53 51.68
CA GLU F 219 23.89 -20.96 51.58
C GLU F 219 24.99 -21.69 50.82
N ILE F 220 25.41 -21.11 49.70
CA ILE F 220 26.41 -21.77 48.87
C ILE F 220 27.71 -21.86 49.62
N VAL F 221 28.13 -20.77 50.25
CA VAL F 221 29.42 -20.79 50.95
C VAL F 221 29.36 -21.69 52.16
N ARG F 222 28.29 -21.60 52.93
CA ARG F 222 28.17 -22.45 54.10
C ARG F 222 28.24 -23.91 53.71
N ARG F 223 27.51 -24.28 52.67
CA ARG F 223 27.55 -25.66 52.20
C ARG F 223 28.92 -26.03 51.66
N ALA F 224 29.57 -25.11 50.94
CA ALA F 224 30.88 -25.40 50.38
C ALA F 224 31.88 -25.67 51.49
N ILE F 225 31.80 -24.90 52.57
CA ILE F 225 32.68 -25.10 53.71
C ILE F 225 32.36 -26.44 54.37
N LEU F 226 31.08 -26.72 54.55
CA LEU F 226 30.68 -27.98 55.16
C LEU F 226 31.25 -29.14 54.38
N GLU F 227 31.13 -29.08 53.06
CA GLU F 227 31.52 -30.17 52.18
C GLU F 227 32.94 -30.07 51.67
N ARG F 228 33.67 -29.01 52.02
CA ARG F 228 35.01 -28.75 51.50
C ARG F 228 35.00 -28.79 49.99
N ASP F 229 34.02 -28.10 49.42
CA ASP F 229 33.81 -28.06 47.98
C ASP F 229 34.46 -26.78 47.49
N PHE F 230 35.71 -26.89 47.05
CA PHE F 230 36.43 -25.66 46.77
C PHE F 230 35.86 -24.94 45.56
N LEU F 231 35.50 -25.66 44.50
CA LEU F 231 35.04 -24.98 43.30
C LEU F 231 33.80 -24.15 43.60
N SER F 232 32.87 -24.70 44.38
CA SER F 232 31.69 -23.93 44.75
C SER F 232 32.06 -22.71 45.56
N LEU F 233 32.96 -22.87 46.53
CA LEU F 233 33.43 -21.72 47.28
C LEU F 233 34.06 -20.68 46.36
N ALA F 234 34.90 -21.15 45.44
CA ALA F 234 35.69 -20.26 44.62
C ALA F 234 34.80 -19.35 43.81
N GLU F 235 33.84 -19.95 43.11
CA GLU F 235 33.00 -19.15 42.24
C GLU F 235 32.17 -18.18 43.06
N MET F 236 31.70 -18.59 44.23
CA MET F 236 30.88 -17.68 44.98
C MET F 236 31.70 -16.59 45.66
N ILE F 237 32.90 -16.90 46.16
CA ILE F 237 33.59 -15.80 46.83
C ILE F 237 33.95 -14.71 45.83
N GLU F 238 34.29 -15.10 44.58
CA GLU F 238 34.55 -14.10 43.57
C GLU F 238 33.29 -13.31 43.27
N HIS F 239 32.19 -14.02 43.06
CA HIS F 239 30.91 -13.36 42.81
C HIS F 239 30.57 -12.42 43.96
N ASP F 240 30.71 -12.89 45.18
CA ASP F 240 30.32 -12.06 46.30
C ASP F 240 31.25 -10.86 46.45
N SER F 241 32.55 -11.05 46.22
CA SER F 241 33.46 -9.94 46.24
C SER F 241 33.04 -8.92 45.19
N ASN F 242 32.72 -9.42 43.99
CA ASN F 242 32.33 -8.51 42.92
C ASN F 242 31.02 -7.81 43.22
N LEU F 243 30.09 -8.48 43.89
CA LEU F 243 28.86 -7.81 44.24
C LEU F 243 29.15 -6.66 45.19
N MET F 244 30.01 -6.89 46.19
CA MET F 244 30.31 -5.81 47.10
C MET F 244 30.97 -4.67 46.36
N HIS F 245 31.99 -5.00 45.57
CA HIS F 245 32.66 -3.93 44.85
C HIS F 245 31.76 -3.26 43.85
N ALA F 246 30.80 -3.99 43.28
CA ALA F 246 29.82 -3.36 42.42
C ALA F 246 29.07 -2.28 43.17
N VAL F 247 28.66 -2.57 44.39
CA VAL F 247 27.97 -1.59 45.19
C VAL F 247 28.89 -0.43 45.49
N MET F 248 30.12 -0.74 45.90
CA MET F 248 31.07 0.32 46.22
C MET F 248 31.26 1.23 45.02
N MET F 249 31.45 0.65 43.85
CA MET F 249 31.75 1.42 42.66
C MET F 249 30.55 2.19 42.15
N THR F 250 29.35 1.85 42.60
CA THR F 250 28.15 2.52 42.16
C THR F 250 27.54 3.34 43.28
N SER F 251 28.28 3.51 44.36
CA SER F 251 27.93 4.45 45.40
C SER F 251 28.21 5.88 44.91
N THR F 252 27.71 6.84 45.69
CA THR F 252 27.94 8.26 45.44
C THR F 252 28.50 8.86 46.70
N PRO F 253 29.77 9.31 46.69
CA PRO F 253 30.71 9.16 45.57
C PRO F 253 31.13 7.70 45.38
N PRO F 254 31.59 7.37 44.19
CA PRO F 254 32.03 6.01 43.93
C PRO F 254 33.24 5.65 44.79
N LEU F 255 33.26 4.43 45.26
CA LEU F 255 34.39 3.88 46.01
C LEU F 255 35.06 2.85 45.12
N PHE F 256 36.17 3.24 44.50
CA PHE F 256 36.94 2.33 43.66
C PHE F 256 38.17 1.89 44.47
N TYR F 257 38.04 0.77 45.15
CA TYR F 257 39.14 0.26 45.94
C TYR F 257 40.13 -0.51 45.10
N TRP F 258 39.74 -0.97 43.92
CA TRP F 258 40.66 -1.74 43.10
C TRP F 258 41.77 -0.85 42.58
N GLU F 259 42.95 -1.37 42.60
CA GLU F 259 44.01 -0.80 41.78
C GLU F 259 44.07 -1.56 40.48
N PRO F 260 44.75 -1.02 39.48
CA PRO F 260 44.92 -1.77 38.23
C PRO F 260 45.44 -3.17 38.41
N VAL F 261 46.47 -3.36 39.25
CA VAL F 261 46.99 -4.70 39.45
C VAL F 261 45.96 -5.59 40.13
N SER F 262 45.03 -5.01 40.90
CA SER F 262 43.98 -5.82 41.49
C SER F 262 43.21 -6.52 40.39
N LEU F 263 42.93 -5.78 39.30
CA LEU F 263 42.20 -6.37 38.19
C LEU F 263 43.03 -7.43 37.51
N VAL F 264 44.33 -7.17 37.34
CA VAL F 264 45.18 -8.18 36.73
C VAL F 264 45.11 -9.46 37.52
N ILE F 265 45.20 -9.34 38.84
CA ILE F 265 45.20 -10.52 39.68
C ILE F 265 43.88 -11.23 39.60
N MET F 266 42.77 -10.48 39.68
CA MET F 266 41.47 -11.12 39.62
C MET F 266 41.32 -11.93 38.34
N LYS F 267 41.66 -11.34 37.21
CA LYS F 267 41.54 -12.04 35.95
C LYS F 267 42.46 -13.26 35.91
N SER F 268 43.67 -13.09 36.45
CA SER F 268 44.64 -14.17 36.41
C SER F 268 44.18 -15.34 37.26
N VAL F 269 43.66 -15.05 38.44
CA VAL F 269 43.24 -16.10 39.34
C VAL F 269 42.14 -16.92 38.70
N ARG F 270 41.15 -16.26 38.12
CA ARG F 270 40.11 -17.00 37.43
C ARG F 270 40.72 -17.86 36.32
N GLU F 271 41.65 -17.31 35.57
CA GLU F 271 42.32 -18.07 34.51
C GLU F 271 43.05 -19.27 35.10
N TRP F 272 43.74 -19.06 36.21
CA TRP F 272 44.48 -20.15 36.81
C TRP F 272 43.53 -21.26 37.23
N ARG F 273 42.40 -20.89 37.84
CA ARG F 273 41.47 -21.90 38.27
C ARG F 273 40.91 -22.65 37.07
N GLU F 274 40.54 -21.92 36.01
CA GLU F 274 40.00 -22.58 34.84
C GLU F 274 41.05 -23.46 34.18
N SER F 275 42.32 -23.17 34.39
CA SER F 275 43.41 -23.92 33.80
C SER F 275 43.87 -25.07 34.68
N GLY F 276 43.27 -25.24 35.86
CA GLY F 276 43.56 -26.40 36.69
C GLY F 276 44.21 -26.13 38.03
N LEU F 277 44.40 -24.87 38.45
CA LEU F 277 44.97 -24.57 39.75
C LEU F 277 43.85 -24.09 40.65
N PRO F 278 43.43 -24.87 41.62
CA PRO F 278 42.29 -24.43 42.44
C PRO F 278 42.63 -23.22 43.29
N CYS F 279 42.07 -22.08 42.92
CA CYS F 279 42.28 -20.85 43.68
C CYS F 279 41.13 -19.93 43.31
N ALA F 280 40.98 -18.87 44.10
CA ALA F 280 39.86 -17.96 43.92
C ALA F 280 40.19 -16.69 44.64
N TYR F 281 39.72 -15.59 44.10
CA TYR F 281 40.06 -14.30 44.66
C TYR F 281 38.92 -13.72 45.49
N THR F 282 39.31 -12.85 46.40
CA THR F 282 38.33 -12.02 47.09
C THR F 282 39.03 -10.76 47.56
N LEU F 283 38.29 -9.66 47.55
CA LEU F 283 38.85 -8.37 47.93
C LEU F 283 37.98 -7.75 49.00
N ASP F 284 38.62 -7.16 49.99
CA ASP F 284 37.89 -6.31 50.94
C ASP F 284 37.90 -4.86 50.47
N ALA F 285 37.81 -3.90 51.39
CA ALA F 285 37.77 -2.49 51.03
C ALA F 285 39.19 -1.97 50.84
N GLY F 286 39.82 -2.50 49.81
CA GLY F 286 41.16 -2.06 49.47
C GLY F 286 41.60 -2.86 48.28
N PRO F 287 42.79 -2.59 47.77
CA PRO F 287 43.24 -3.25 46.55
C PRO F 287 43.92 -4.58 46.73
N ASN F 288 44.27 -4.97 47.96
CA ASN F 288 44.94 -6.24 48.15
C ASN F 288 44.00 -7.35 47.71
N VAL F 289 44.56 -8.38 47.11
CA VAL F 289 43.75 -9.47 46.62
C VAL F 289 44.04 -10.71 47.44
N HIS F 290 43.01 -11.21 48.10
CA HIS F 290 43.13 -12.42 48.86
C HIS F 290 42.82 -13.59 47.95
N VAL F 291 43.79 -14.45 47.79
CA VAL F 291 43.65 -15.58 46.91
C VAL F 291 43.54 -16.81 47.78
N ILE F 292 42.36 -17.34 47.83
CA ILE F 292 42.06 -18.51 48.63
C ILE F 292 42.35 -19.74 47.80
N CYS F 293 42.91 -20.76 48.44
CA CYS F 293 43.18 -21.98 47.72
C CYS F 293 43.32 -23.10 48.72
N PRO F 294 43.03 -24.32 48.33
CA PRO F 294 43.44 -25.45 49.15
C PRO F 294 44.93 -25.32 49.43
N SER F 295 45.33 -25.62 50.67
CA SER F 295 46.69 -25.32 51.09
C SER F 295 47.72 -26.03 50.23
N GLU F 296 47.38 -27.19 49.67
CA GLU F 296 48.36 -27.92 48.89
C GLU F 296 48.79 -27.11 47.68
N TYR F 297 47.97 -26.15 47.25
CA TYR F 297 48.25 -25.35 46.07
C TYR F 297 48.83 -24.00 46.38
N ALA F 298 49.03 -23.67 47.66
CA ALA F 298 49.39 -22.33 48.05
C ALA F 298 50.74 -21.93 47.46
N GLU F 299 51.72 -22.82 47.50
CA GLU F 299 53.03 -22.44 46.99
C GLU F 299 52.94 -22.11 45.51
N GLU F 300 52.17 -22.90 44.76
CA GLU F 300 51.98 -22.62 43.34
C GLU F 300 51.25 -21.30 43.15
N VAL F 301 50.19 -21.06 43.93
CA VAL F 301 49.49 -19.79 43.83
C VAL F 301 50.43 -18.65 44.12
N ILE F 302 51.18 -18.77 45.20
CA ILE F 302 52.09 -17.70 45.61
C ILE F 302 53.13 -17.43 44.53
N PHE F 303 53.67 -18.51 43.94
CA PHE F 303 54.62 -18.31 42.85
C PHE F 303 53.98 -17.51 41.72
N ARG F 304 52.78 -17.91 41.28
CA ARG F 304 52.17 -17.22 40.16
C ARG F 304 51.82 -15.77 40.53
N LEU F 305 51.39 -15.54 41.76
CA LEU F 305 51.09 -14.17 42.16
C LEU F 305 52.34 -13.32 42.17
N THR F 306 53.42 -13.86 42.73
CA THR F 306 54.67 -13.13 42.81
C THR F 306 55.18 -12.74 41.44
N SER F 307 54.85 -13.54 40.42
CA SER F 307 55.28 -13.29 39.05
C SER F 307 54.46 -12.20 38.37
N ILE F 308 53.44 -11.68 39.03
CA ILE F 308 52.58 -10.66 38.43
C ILE F 308 53.25 -9.30 38.65
N PRO F 309 53.52 -8.54 37.60
CA PRO F 309 54.10 -7.20 37.81
C PRO F 309 53.20 -6.37 38.70
N GLY F 310 53.79 -5.75 39.71
CA GLY F 310 53.07 -4.92 40.64
C GLY F 310 52.71 -5.59 41.95
N VAL F 311 52.88 -6.90 42.06
CA VAL F 311 52.63 -7.59 43.32
C VAL F 311 53.87 -7.42 44.18
N GLN F 312 53.74 -6.63 45.26
CA GLN F 312 54.91 -6.33 46.08
C GLN F 312 55.35 -7.57 46.86
N THR F 313 54.43 -8.12 47.64
CA THR F 313 54.68 -9.28 48.44
C THR F 313 53.40 -10.10 48.42
N VAL F 314 53.51 -11.35 48.85
CA VAL F 314 52.36 -12.23 49.01
C VAL F 314 52.48 -12.82 50.39
N LEU F 315 51.46 -12.59 51.22
CA LEU F 315 51.43 -13.13 52.56
C LEU F 315 50.66 -14.44 52.53
N LYS F 316 51.14 -15.42 53.25
CA LYS F 316 50.54 -16.74 53.30
C LYS F 316 49.88 -16.91 54.65
N ALA F 317 48.58 -17.15 54.65
CA ALA F 317 47.86 -17.32 55.89
C ALA F 317 46.95 -18.53 55.79
N SER F 318 46.79 -19.19 56.91
CA SER F 318 45.95 -20.36 57.04
C SER F 318 44.85 -20.05 58.05
N ALA F 319 43.98 -21.04 58.25
CA ALA F 319 42.81 -20.86 59.08
C ALA F 319 43.24 -20.70 60.53
N GLY F 320 42.78 -19.59 61.14
CA GLY F 320 43.15 -19.25 62.50
C GLY F 320 42.10 -19.61 63.53
N ASP F 321 42.53 -19.60 64.80
CA ASP F 321 41.69 -20.00 65.92
C ASP F 321 40.85 -18.83 66.40
N SER F 322 40.04 -19.08 67.43
CA SER F 322 39.26 -18.04 68.08
C SER F 322 40.16 -17.03 68.79
N ALA F 323 39.57 -15.88 69.10
CA ALA F 323 40.24 -14.95 70.00
C ALA F 323 40.46 -15.67 71.32
N LYS F 324 41.58 -15.38 71.96
CA LYS F 324 41.98 -16.12 73.15
C LYS F 324 42.66 -15.20 74.15
N LEU F 325 42.41 -15.45 75.43
CA LEU F 325 43.19 -14.82 76.48
C LEU F 325 44.51 -15.56 76.60
N ILE F 326 45.59 -14.81 76.82
CA ILE F 326 46.92 -15.37 77.00
C ILE F 326 47.53 -14.80 78.27
N GLU F 327 48.45 -15.59 78.86
CA GLU F 327 49.02 -15.34 80.19
C GLU F 327 49.83 -14.07 80.30
N GLN F 328 50.31 -13.51 79.19
CA GLN F 328 51.25 -12.42 79.24
C GLN F 328 50.70 -11.14 78.62
#